data_8AIL
#
_entry.id   8AIL
#
_cell.length_a   85.327
_cell.length_b   97.495
_cell.length_c   100.555
_cell.angle_alpha   90.000
_cell.angle_beta   111.362
_cell.angle_gamma   90.000
#
_symmetry.space_group_name_H-M   'P 1 21 1'
#
loop_
_entity.id
_entity.type
_entity.pdbx_description
1 polymer 'Uracil-DNA glycosylase'
2 polymer 'Bacillus phage VMY22 p56'
3 non-polymer GLYCEROL
4 non-polymer 'IODIDE ION'
5 water water
#
loop_
_entity_poly.entity_id
_entity_poly.type
_entity_poly.pdbx_seq_one_letter_code
_entity_poly.pdbx_strand_id
1 'polypeptide(L)'
;MENVLKNDWGPLLATEFEKEYYRKLADFLKEEYSTHVVYPKVEDIFNALQYTSYENTKVVILGQDPYHGPNQAHGLSFSV
QPGVKTPPSLLNMYKELRDEYGYEIPNNGYLVKWAEQGVLLLNTVLTVRQSEANSHKGKGWEHFTDRVIELLNEREKPVI
FILWGRHAQAKKKLITNPNHHIIESVHPSPLSARRGFFGSKPYSKVNTILANMGEREIDWEIPNL
;
I,M,A,B
2 'polypeptide(L)' MEGFKDSYTLIYVTRDEEGKMFDIKLENQTKEECEIIYGMITDEILIWNMILEGMF O,E,F,J,N,C,K,D
#
loop_
_chem_comp.id
_chem_comp.type
_chem_comp.name
_chem_comp.formula
GOL non-polymer GLYCEROL 'C3 H8 O3'
IOD non-polymer 'IODIDE ION' 'I -1'
#
# COMPACT_ATOMS: atom_id res chain seq x y z
N MET A 1 -16.94 8.52 -2.73
CA MET A 1 -16.69 9.82 -1.99
C MET A 1 -17.36 10.99 -2.69
N GLU A 2 -17.91 10.78 -3.89
CA GLU A 2 -18.76 11.78 -4.58
C GLU A 2 -20.10 11.85 -3.80
N ASN A 3 -20.83 12.96 -3.95
CA ASN A 3 -22.19 13.13 -3.37
C ASN A 3 -23.18 12.29 -4.19
N VAL A 4 -23.33 11.01 -3.86
CA VAL A 4 -24.25 10.02 -4.50
C VAL A 4 -25.56 9.97 -3.71
N LEU A 5 -25.80 10.93 -2.81
CA LEU A 5 -26.99 10.91 -1.89
C LEU A 5 -28.25 11.22 -2.70
N LYS A 6 -29.20 10.27 -2.72
CA LYS A 6 -30.40 10.28 -3.60
C LYS A 6 -31.56 11.00 -2.91
N ASN A 7 -31.46 11.27 -1.61
CA ASN A 7 -32.56 11.80 -0.77
C ASN A 7 -32.20 13.22 -0.32
N ASP A 8 -32.92 13.73 0.67
CA ASP A 8 -32.86 15.15 1.14
C ASP A 8 -31.49 15.46 1.76
N TRP A 9 -30.71 14.44 2.12
CA TRP A 9 -29.31 14.59 2.62
C TRP A 9 -28.43 15.27 1.54
N GLY A 10 -28.62 14.90 0.27
CA GLY A 10 -27.87 15.44 -0.88
C GLY A 10 -27.75 16.97 -0.84
N PRO A 11 -28.86 17.71 -1.02
CA PRO A 11 -28.87 19.17 -0.87
C PRO A 11 -28.35 19.68 0.48
N LEU A 12 -28.74 19.04 1.58
CA LEU A 12 -28.42 19.48 2.97
C LEU A 12 -26.91 19.46 3.22
N LEU A 13 -26.18 18.51 2.63
CA LEU A 13 -24.72 18.28 2.87
C LEU A 13 -23.87 18.81 1.71
N ALA A 14 -24.48 19.32 0.64
CA ALA A 14 -23.80 19.87 -0.57
C ALA A 14 -22.65 20.79 -0.16
N THR A 15 -22.82 21.71 0.79
CA THR A 15 -21.76 22.70 1.17
C THR A 15 -20.57 21.99 1.84
N GLU A 16 -20.82 20.89 2.54
CA GLU A 16 -19.75 20.07 3.18
C GLU A 16 -18.82 19.49 2.11
N PHE A 17 -19.37 18.98 1.01
CA PHE A 17 -18.64 18.32 -0.10
C PHE A 17 -17.73 19.32 -0.86
N GLU A 18 -17.94 20.64 -0.71
CA GLU A 18 -17.16 21.67 -1.46
C GLU A 18 -16.04 22.25 -0.58
N LYS A 19 -15.95 21.85 0.69
CA LYS A 19 -14.90 22.33 1.61
C LYS A 19 -13.58 21.63 1.29
N GLU A 20 -12.49 22.33 1.60
CA GLU A 20 -11.10 21.84 1.43
C GLU A 20 -10.88 20.55 2.22
N TYR A 21 -11.32 20.48 3.50
CA TYR A 21 -11.05 19.31 4.37
C TYR A 21 -11.58 18.06 3.65
N TYR A 22 -12.75 18.16 3.01
CA TYR A 22 -13.44 17.00 2.38
C TYR A 22 -12.66 16.56 1.14
N ARG A 23 -12.20 17.52 0.33
CA ARG A 23 -11.40 17.23 -0.88
C ARG A 23 -10.13 16.47 -0.47
N LYS A 24 -9.46 16.86 0.62
CA LYS A 24 -8.19 16.22 1.09
C LYS A 24 -8.48 14.83 1.67
N LEU A 25 -9.59 14.68 2.38
CA LEU A 25 -10.09 13.38 2.86
C LEU A 25 -10.29 12.44 1.65
N ALA A 26 -11.02 12.93 0.62
CA ALA A 26 -11.35 12.16 -0.60
C ALA A 26 -10.09 11.72 -1.34
N ASP A 27 -9.07 12.58 -1.40
CA ASP A 27 -7.77 12.28 -2.08
C ASP A 27 -7.05 11.22 -1.26
N PHE A 28 -7.04 11.38 0.06
CA PHE A 28 -6.42 10.40 1.00
C PHE A 28 -7.09 9.03 0.77
N LEU A 29 -8.42 9.00 0.73
CA LEU A 29 -9.17 7.72 0.62
C LEU A 29 -8.99 7.11 -0.77
N LYS A 30 -8.91 7.93 -1.83
CA LYS A 30 -8.62 7.46 -3.21
C LYS A 30 -7.30 6.68 -3.21
N GLU A 31 -6.24 7.24 -2.61
CA GLU A 31 -4.92 6.56 -2.47
C GLU A 31 -5.06 5.31 -1.60
N GLU A 32 -5.75 5.41 -0.46
CA GLU A 32 -5.91 4.30 0.53
C GLU A 32 -6.63 3.10 -0.12
N TYR A 33 -7.67 3.35 -0.91
CA TYR A 33 -8.47 2.27 -1.55
C TYR A 33 -7.66 1.59 -2.67
N SER A 34 -6.72 2.29 -3.33
CA SER A 34 -5.81 1.74 -4.39
C SER A 34 -4.78 0.81 -3.76
N THR A 35 -4.18 1.26 -2.66
CA THR A 35 -2.94 0.69 -2.05
C THR A 35 -3.30 -0.41 -1.06
N HIS A 36 -4.34 -0.22 -0.26
CA HIS A 36 -4.73 -1.11 0.86
C HIS A 36 -6.17 -1.59 0.66
N VAL A 37 -6.58 -2.59 1.43
CA VAL A 37 -8.01 -2.98 1.59
C VAL A 37 -8.63 -2.01 2.61
N VAL A 38 -9.66 -1.28 2.20
CA VAL A 38 -10.42 -0.33 3.05
C VAL A 38 -11.88 -0.80 3.13
N TYR A 39 -12.49 -0.69 4.30
CA TYR A 39 -13.92 -1.06 4.53
C TYR A 39 -14.69 0.18 4.97
N PRO A 40 -15.99 0.27 4.62
CA PRO A 40 -16.64 -0.71 3.75
C PRO A 40 -16.29 -0.44 2.28
N LYS A 41 -16.90 -1.18 1.35
CA LYS A 41 -16.79 -0.91 -0.10
C LYS A 41 -17.13 0.56 -0.35
N VAL A 42 -16.39 1.22 -1.24
CA VAL A 42 -16.54 2.68 -1.52
C VAL A 42 -18.01 3.02 -1.74
N GLU A 43 -18.79 2.17 -2.42
CA GLU A 43 -20.21 2.47 -2.78
C GLU A 43 -21.12 2.37 -1.54
N ASP A 44 -20.63 1.86 -0.41
CA ASP A 44 -21.44 1.62 0.81
C ASP A 44 -21.17 2.71 1.85
N ILE A 45 -20.19 3.59 1.64
CA ILE A 45 -19.66 4.53 2.68
C ILE A 45 -20.81 5.30 3.35
N PHE A 46 -21.82 5.71 2.58
CA PHE A 46 -22.88 6.65 2.99
C PHE A 46 -24.23 5.95 3.18
N ASN A 47 -24.24 4.61 3.28
CA ASN A 47 -25.50 3.82 3.30
C ASN A 47 -26.42 4.26 4.45
N ALA A 48 -25.87 4.69 5.60
CA ALA A 48 -26.68 5.11 6.77
C ALA A 48 -27.58 6.27 6.38
N LEU A 49 -27.02 7.24 5.65
CA LEU A 49 -27.75 8.44 5.16
C LEU A 49 -28.70 8.02 4.03
N GLN A 50 -28.27 7.14 3.13
CA GLN A 50 -29.07 6.63 1.99
C GLN A 50 -30.34 5.95 2.49
N TYR A 51 -30.25 5.08 3.50
CA TYR A 51 -31.37 4.26 4.02
C TYR A 51 -32.30 5.10 4.91
N THR A 52 -31.79 6.18 5.52
CA THR A 52 -32.49 6.96 6.57
C THR A 52 -32.32 8.44 6.31
N SER A 53 -33.33 9.06 5.68
CA SER A 53 -33.34 10.49 5.26
C SER A 53 -33.35 11.40 6.49
N TYR A 54 -32.98 12.67 6.32
CA TYR A 54 -33.10 13.74 7.34
C TYR A 54 -34.54 13.75 7.88
N GLU A 55 -35.52 13.78 6.97
CA GLU A 55 -36.97 13.84 7.28
C GLU A 55 -37.37 12.64 8.13
N ASN A 56 -36.98 11.43 7.72
CA ASN A 56 -37.44 10.15 8.33
C ASN A 56 -36.64 9.76 9.57
N THR A 57 -35.56 10.46 9.90
CA THR A 57 -34.72 10.14 11.08
C THR A 57 -35.55 10.32 12.34
N LYS A 58 -35.67 9.26 13.13
CA LYS A 58 -36.36 9.28 14.45
C LYS A 58 -35.31 9.14 15.56
N VAL A 59 -34.38 8.19 15.41
CA VAL A 59 -33.30 7.92 16.40
C VAL A 59 -31.97 7.79 15.67
N VAL A 60 -30.94 8.41 16.24
CA VAL A 60 -29.51 8.29 15.84
C VAL A 60 -28.81 7.39 16.86
N ILE A 61 -28.14 6.33 16.39
CA ILE A 61 -27.24 5.47 17.20
C ILE A 61 -25.82 5.65 16.65
N LEU A 62 -25.00 6.44 17.34
CA LEU A 62 -23.58 6.69 16.96
C LEU A 62 -22.72 5.45 17.24
N GLY A 63 -21.86 5.10 16.29
CA GLY A 63 -20.74 4.15 16.47
C GLY A 63 -19.41 4.86 16.32
N GLN A 64 -18.31 4.11 16.36
CA GLN A 64 -16.93 4.62 16.11
C GLN A 64 -16.66 4.60 14.61
N ASP A 65 -15.97 3.55 14.16
CA ASP A 65 -15.56 3.36 12.75
C ASP A 65 -16.16 2.03 12.31
N PRO A 66 -16.12 1.70 11.01
CA PRO A 66 -16.69 0.44 10.55
C PRO A 66 -15.88 -0.74 11.10
N TYR A 67 -16.54 -1.90 11.19
CA TYR A 67 -15.87 -3.20 11.38
C TYR A 67 -14.77 -3.28 10.32
N HIS A 68 -13.64 -3.91 10.68
CA HIS A 68 -12.37 -3.83 9.93
C HIS A 68 -11.97 -5.20 9.37
N GLY A 69 -12.92 -6.15 9.34
CA GLY A 69 -12.71 -7.52 8.81
C GLY A 69 -13.52 -7.74 7.54
N PRO A 70 -13.16 -8.77 6.73
CA PRO A 70 -13.86 -9.04 5.48
C PRO A 70 -15.34 -9.38 5.66
N ASN A 71 -16.19 -8.82 4.79
CA ASN A 71 -17.66 -9.09 4.67
C ASN A 71 -18.41 -8.64 5.92
N GLN A 72 -17.82 -7.75 6.74
CA GLN A 72 -18.48 -7.27 7.98
C GLN A 72 -19.25 -5.98 7.69
N ALA A 73 -18.55 -4.85 7.53
CA ALA A 73 -19.15 -3.51 7.40
C ALA A 73 -19.88 -3.38 6.05
N HIS A 74 -20.96 -2.60 6.04
CA HIS A 74 -21.74 -2.23 4.83
C HIS A 74 -22.33 -0.83 5.01
N GLY A 75 -21.67 0.03 5.79
CA GLY A 75 -21.99 1.47 5.88
C GLY A 75 -22.97 1.82 6.99
N LEU A 76 -23.31 0.86 7.85
CA LEU A 76 -24.17 1.11 9.04
C LEU A 76 -23.34 0.88 10.30
N SER A 77 -23.53 1.72 11.31
CA SER A 77 -23.02 1.45 12.68
C SER A 77 -23.67 0.15 13.20
N PHE A 78 -22.85 -0.72 13.79
CA PHE A 78 -23.23 -1.93 14.57
C PHE A 78 -23.63 -3.09 13.65
N SER A 79 -24.24 -2.82 12.50
CA SER A 79 -24.74 -3.87 11.58
C SER A 79 -23.56 -4.61 10.94
N VAL A 80 -23.71 -5.92 10.70
CA VAL A 80 -22.81 -6.71 9.81
C VAL A 80 -23.68 -7.38 8.74
N GLN A 81 -23.10 -7.59 7.56
CA GLN A 81 -23.74 -8.30 6.42
C GLN A 81 -24.19 -9.68 6.90
N PRO A 82 -25.22 -10.26 6.25
CA PRO A 82 -25.62 -11.64 6.53
C PRO A 82 -24.45 -12.55 6.18
N GLY A 83 -24.31 -13.68 6.88
CA GLY A 83 -23.27 -14.69 6.60
C GLY A 83 -22.14 -14.68 7.63
N VAL A 84 -21.94 -13.59 8.39
CA VAL A 84 -20.79 -13.49 9.34
C VAL A 84 -21.33 -13.54 10.78
N LYS A 85 -20.46 -13.92 11.71
CA LYS A 85 -20.75 -13.96 13.16
C LYS A 85 -21.11 -12.56 13.64
N THR A 86 -22.03 -12.49 14.58
CA THR A 86 -22.45 -11.25 15.26
C THR A 86 -21.32 -10.80 16.18
N PRO A 87 -20.74 -9.60 16.00
CA PRO A 87 -19.79 -9.04 16.97
C PRO A 87 -20.35 -9.00 18.38
N PRO A 88 -19.51 -9.24 19.43
CA PRO A 88 -19.97 -9.18 20.82
C PRO A 88 -20.77 -7.94 21.21
N SER A 89 -20.41 -6.76 20.70
CA SER A 89 -21.16 -5.52 21.00
C SER A 89 -22.60 -5.70 20.52
N LEU A 90 -22.78 -6.22 19.30
CA LEU A 90 -24.14 -6.38 18.73
C LEU A 90 -24.87 -7.51 19.46
N LEU A 91 -24.18 -8.58 19.84
CA LEU A 91 -24.77 -9.71 20.61
C LEU A 91 -25.35 -9.16 21.91
N ASN A 92 -24.62 -8.30 22.58
CA ASN A 92 -25.08 -7.67 23.86
C ASN A 92 -26.32 -6.81 23.59
N MET A 93 -26.36 -6.11 22.45
CA MET A 93 -27.54 -5.32 22.02
C MET A 93 -28.73 -6.27 21.84
N TYR A 94 -28.49 -7.42 21.23
CA TYR A 94 -29.51 -8.47 21.00
C TYR A 94 -29.98 -9.04 22.35
N LYS A 95 -29.07 -9.21 23.31
CA LYS A 95 -29.39 -9.76 24.65
C LYS A 95 -30.27 -8.77 25.42
N GLU A 96 -29.97 -7.46 25.34
CA GLU A 96 -30.81 -6.42 25.97
C GLU A 96 -32.19 -6.44 25.28
N LEU A 97 -32.21 -6.69 23.98
CA LEU A 97 -33.46 -6.73 23.17
C LEU A 97 -34.30 -7.96 23.59
N ARG A 98 -33.69 -9.14 23.75
CA ARG A 98 -34.35 -10.36 24.28
C ARG A 98 -34.99 -10.03 25.65
N ASP A 99 -34.21 -9.40 26.51
CA ASP A 99 -34.64 -9.00 27.88
C ASP A 99 -35.89 -8.11 27.81
N GLU A 100 -35.99 -7.21 26.82
CA GLU A 100 -37.09 -6.21 26.73
C GLU A 100 -38.37 -6.87 26.18
N TYR A 101 -38.27 -7.66 25.11
CA TYR A 101 -39.43 -8.09 24.28
C TYR A 101 -39.52 -9.62 24.16
N GLY A 102 -38.52 -10.36 24.63
CA GLY A 102 -38.48 -11.84 24.56
C GLY A 102 -38.01 -12.36 23.21
N TYR A 103 -37.64 -11.51 22.26
CA TYR A 103 -37.13 -11.94 20.92
C TYR A 103 -35.89 -12.81 21.11
N GLU A 104 -35.85 -13.97 20.45
CA GLU A 104 -34.66 -14.85 20.46
C GLU A 104 -33.50 -14.09 19.80
N ILE A 105 -32.26 -14.46 20.12
CA ILE A 105 -31.05 -13.93 19.43
C ILE A 105 -31.17 -14.31 17.97
N PRO A 106 -31.24 -13.34 17.03
CA PRO A 106 -31.28 -13.63 15.59
C PRO A 106 -30.04 -14.40 15.13
N ASN A 107 -30.08 -14.99 13.94
CA ASN A 107 -28.94 -15.77 13.35
C ASN A 107 -28.09 -14.86 12.44
N ASN A 108 -28.17 -13.55 12.61
CA ASN A 108 -27.44 -12.57 11.76
C ASN A 108 -27.39 -11.21 12.48
N GLY A 109 -26.49 -10.33 12.04
CA GLY A 109 -26.31 -8.99 12.62
C GLY A 109 -26.74 -7.90 11.67
N TYR A 110 -27.63 -8.19 10.73
CA TYR A 110 -28.06 -7.27 9.66
C TYR A 110 -29.22 -6.40 10.17
N LEU A 111 -29.03 -5.08 10.22
CA LEU A 111 -29.93 -4.12 10.92
C LEU A 111 -30.58 -3.14 9.93
N VAL A 112 -30.61 -3.46 8.63
CA VAL A 112 -31.29 -2.62 7.61
C VAL A 112 -32.76 -2.41 8.04
N LYS A 113 -33.39 -3.38 8.70
CA LYS A 113 -34.79 -3.23 9.17
C LYS A 113 -34.92 -2.00 10.09
N TRP A 114 -33.95 -1.78 10.98
CA TRP A 114 -33.95 -0.59 11.87
C TRP A 114 -33.86 0.68 11.02
N ALA A 115 -32.95 0.71 10.04
CA ALA A 115 -32.65 1.91 9.22
C ALA A 115 -33.89 2.30 8.39
N GLU A 116 -34.58 1.31 7.83
CA GLU A 116 -35.83 1.47 7.04
C GLU A 116 -36.94 2.10 7.89
N GLN A 117 -36.89 2.03 9.23
CA GLN A 117 -37.95 2.58 10.13
C GLN A 117 -37.49 3.90 10.76
N GLY A 118 -36.35 4.45 10.33
CA GLY A 118 -35.87 5.78 10.75
C GLY A 118 -34.80 5.73 11.85
N VAL A 119 -34.10 4.60 12.04
CA VAL A 119 -32.88 4.52 12.90
C VAL A 119 -31.63 4.84 12.06
N LEU A 120 -31.08 6.03 12.21
CA LEU A 120 -29.84 6.47 11.51
C LEU A 120 -28.65 5.83 12.21
N LEU A 121 -28.06 4.81 11.58
CA LEU A 121 -26.95 4.04 12.16
C LEU A 121 -25.63 4.66 11.69
N LEU A 122 -25.23 5.75 12.34
CA LEU A 122 -24.12 6.65 11.91
C LEU A 122 -22.86 6.38 12.73
N ASN A 123 -21.81 5.83 12.10
CA ASN A 123 -20.43 5.83 12.65
C ASN A 123 -19.94 7.29 12.53
N THR A 124 -19.10 7.74 13.47
CA THR A 124 -18.48 9.09 13.44
C THR A 124 -17.35 9.09 12.41
N VAL A 125 -16.71 7.93 12.19
CA VAL A 125 -15.66 7.72 11.16
C VAL A 125 -16.21 6.67 10.19
N LEU A 126 -16.19 6.91 8.88
CA LEU A 126 -16.96 6.10 7.89
C LEU A 126 -16.06 5.15 7.09
N THR A 127 -14.74 5.18 7.27
CA THR A 127 -13.84 4.17 6.63
C THR A 127 -12.80 3.67 7.63
N VAL A 128 -12.18 2.54 7.31
CA VAL A 128 -11.11 1.93 8.11
C VAL A 128 -10.25 1.03 7.21
N ARG A 129 -8.94 0.99 7.48
CA ARG A 129 -8.00 0.05 6.85
C ARG A 129 -8.24 -1.33 7.51
N GLN A 130 -8.22 -2.40 6.71
CA GLN A 130 -8.38 -3.81 7.17
C GLN A 130 -7.49 -4.06 8.39
N SER A 131 -8.06 -4.59 9.46
CA SER A 131 -7.36 -5.05 10.69
C SER A 131 -6.69 -3.89 11.45
N GLU A 132 -7.02 -2.63 11.16
CA GLU A 132 -6.46 -1.48 11.92
C GLU A 132 -7.58 -0.55 12.39
N ALA A 133 -8.23 -0.89 13.50
CA ALA A 133 -9.26 -0.03 14.12
C ALA A 133 -8.68 1.39 14.32
N ASN A 134 -9.46 2.41 13.97
CA ASN A 134 -9.16 3.85 14.17
C ASN A 134 -8.02 4.30 13.25
N SER A 135 -7.65 3.50 12.25
CA SER A 135 -6.66 3.90 11.20
C SER A 135 -7.09 5.19 10.50
N HIS A 136 -8.38 5.52 10.42
CA HIS A 136 -8.88 6.71 9.68
C HIS A 136 -9.47 7.75 10.64
N LYS A 137 -9.16 7.66 11.93
CA LYS A 137 -9.43 8.75 12.92
C LYS A 137 -8.54 9.96 12.57
N GLY A 138 -9.06 11.18 12.70
CA GLY A 138 -8.34 12.44 12.49
C GLY A 138 -7.96 12.70 11.04
N LYS A 139 -8.75 12.23 10.08
CA LYS A 139 -8.49 12.42 8.61
C LYS A 139 -9.53 13.37 8.00
N GLY A 140 -10.54 13.78 8.77
CA GLY A 140 -11.60 14.69 8.32
C GLY A 140 -13.00 14.15 8.52
N TRP A 141 -13.18 12.84 8.73
CA TRP A 141 -14.52 12.20 8.76
C TRP A 141 -15.41 12.84 9.82
N GLU A 142 -14.84 13.25 10.96
CA GLU A 142 -15.67 13.76 12.08
C GLU A 142 -16.09 15.22 11.81
N HIS A 143 -15.40 15.97 10.94
CA HIS A 143 -15.94 17.26 10.43
C HIS A 143 -17.26 16.95 9.69
N PHE A 144 -17.29 15.88 8.88
CA PHE A 144 -18.45 15.50 8.05
C PHE A 144 -19.59 14.99 8.92
N THR A 145 -19.32 14.04 9.83
CA THR A 145 -20.37 13.43 10.70
C THR A 145 -20.80 14.43 11.78
N ASP A 146 -19.92 15.31 12.26
CA ASP A 146 -20.33 16.46 13.12
C ASP A 146 -21.42 17.26 12.40
N ARG A 147 -21.25 17.53 11.10
CA ARG A 147 -22.22 18.34 10.32
C ARG A 147 -23.57 17.61 10.25
N VAL A 148 -23.57 16.29 10.06
CA VAL A 148 -24.80 15.45 10.08
C VAL A 148 -25.55 15.68 11.41
N ILE A 149 -24.81 15.68 12.52
CA ILE A 149 -25.39 15.84 13.89
C ILE A 149 -25.91 17.28 14.05
N GLU A 150 -25.14 18.28 13.62
CA GLU A 150 -25.49 19.72 13.68
C GLU A 150 -26.83 19.95 12.96
N LEU A 151 -26.99 19.38 11.76
CA LEU A 151 -28.20 19.51 10.91
C LEU A 151 -29.40 18.92 11.67
N LEU A 152 -29.26 17.73 12.24
CA LEU A 152 -30.34 17.08 13.01
C LEU A 152 -30.68 17.93 14.25
N ASN A 153 -29.68 18.57 14.84
CA ASN A 153 -29.88 19.53 15.96
C ASN A 153 -30.76 20.70 15.51
N GLU A 154 -30.55 21.23 14.30
CA GLU A 154 -31.29 22.39 13.76
C GLU A 154 -32.72 21.99 13.38
N ARG A 155 -33.01 20.69 13.24
CA ARG A 155 -34.36 20.19 12.85
C ARG A 155 -35.39 20.57 13.92
N GLU A 156 -36.60 20.98 13.49
CA GLU A 156 -37.69 21.42 14.39
C GLU A 156 -38.33 20.19 15.03
N LYS A 157 -38.66 19.18 14.22
CA LYS A 157 -39.23 17.89 14.69
C LYS A 157 -38.19 17.23 15.61
N PRO A 158 -38.51 16.96 16.89
CA PRO A 158 -37.55 16.34 17.81
C PRO A 158 -36.88 15.05 17.28
N VAL A 159 -35.59 14.92 17.57
CA VAL A 159 -34.67 13.81 17.21
C VAL A 159 -34.29 13.09 18.51
N ILE A 160 -34.32 11.76 18.53
CA ILE A 160 -33.80 10.95 19.67
C ILE A 160 -32.35 10.56 19.36
N PHE A 161 -31.42 10.87 20.26
CA PHE A 161 -29.98 10.51 20.16
C PHE A 161 -29.64 9.44 21.21
N ILE A 162 -29.23 8.25 20.76
CA ILE A 162 -28.64 7.19 21.64
C ILE A 162 -27.11 7.33 21.58
N LEU A 163 -26.50 7.69 22.71
CA LEU A 163 -25.04 7.94 22.87
C LEU A 163 -24.47 6.88 23.82
N TRP A 164 -23.88 5.83 23.26
CA TRP A 164 -23.25 4.70 23.99
C TRP A 164 -21.75 4.95 24.14
N GLY A 165 -21.26 5.10 25.38
CA GLY A 165 -19.85 5.38 25.70
C GLY A 165 -19.55 6.88 25.64
N ARG A 166 -18.43 7.27 26.23
CA ARG A 166 -17.96 8.67 26.41
C ARG A 166 -17.72 9.32 25.03
N HIS A 167 -17.17 8.60 24.03
CA HIS A 167 -16.79 9.21 22.74
C HIS A 167 -18.06 9.66 21.99
N ALA A 168 -19.09 8.82 22.00
CA ALA A 168 -20.43 9.16 21.45
C ALA A 168 -21.04 10.32 22.27
N GLN A 169 -20.92 10.28 23.61
CA GLN A 169 -21.53 11.27 24.53
C GLN A 169 -20.88 12.65 24.36
N ALA A 170 -19.62 12.71 23.93
CA ALA A 170 -18.88 13.97 23.72
C ALA A 170 -19.59 14.82 22.65
N LYS A 171 -20.42 14.19 21.81
CA LYS A 171 -21.19 14.89 20.73
C LYS A 171 -22.38 15.66 21.31
N LYS A 172 -22.68 15.54 22.60
CA LYS A 172 -23.72 16.38 23.28
C LYS A 172 -23.43 17.86 23.04
N LYS A 173 -22.18 18.27 22.96
CA LYS A 173 -21.75 19.69 22.70
C LYS A 173 -22.38 20.20 21.39
N LEU A 174 -22.83 19.33 20.48
CA LEU A 174 -23.45 19.73 19.17
C LEU A 174 -24.98 19.77 19.29
N ILE A 175 -25.52 19.10 20.30
CA ILE A 175 -26.99 18.92 20.54
C ILE A 175 -27.44 19.99 21.54
N THR A 176 -27.45 21.26 21.12
CA THR A 176 -27.73 22.46 21.97
C THR A 176 -29.24 22.72 22.07
N ASN A 177 -30.03 22.26 21.08
CA ASN A 177 -31.50 22.41 21.02
C ASN A 177 -32.15 21.46 22.03
N PRO A 178 -32.83 21.97 23.08
CA PRO A 178 -33.34 21.12 24.18
C PRO A 178 -34.66 20.37 23.91
N ASN A 179 -35.23 20.50 22.71
CA ASN A 179 -36.42 19.74 22.23
C ASN A 179 -36.03 18.29 21.93
N HIS A 180 -34.74 18.02 21.68
CA HIS A 180 -34.22 16.69 21.30
C HIS A 180 -34.11 15.82 22.55
N HIS A 181 -34.25 14.51 22.39
CA HIS A 181 -34.15 13.50 23.47
C HIS A 181 -32.78 12.83 23.39
N ILE A 182 -32.13 12.72 24.54
CA ILE A 182 -30.79 12.10 24.69
C ILE A 182 -30.96 10.87 25.57
N ILE A 183 -30.64 9.70 25.04
CA ILE A 183 -30.55 8.43 25.82
C ILE A 183 -29.06 8.08 25.90
N GLU A 184 -28.55 7.92 27.12
CA GLU A 184 -27.11 7.72 27.42
C GLU A 184 -26.91 6.46 28.25
N SER A 185 -25.83 5.73 28.00
CA SER A 185 -25.32 4.68 28.91
C SER A 185 -23.90 4.36 28.48
N VAL A 186 -23.23 3.51 29.24
CA VAL A 186 -21.95 2.88 28.83
C VAL A 186 -22.20 2.07 27.55
N HIS A 187 -21.11 1.69 26.89
CA HIS A 187 -21.12 0.99 25.59
C HIS A 187 -21.53 -0.48 25.76
N PRO A 188 -22.24 -1.08 24.79
CA PRO A 188 -22.57 -2.51 24.86
C PRO A 188 -21.41 -3.50 24.74
N SER A 189 -20.18 -3.04 24.54
CA SER A 189 -18.97 -3.92 24.57
C SER A 189 -19.01 -4.80 25.81
N PRO A 190 -18.61 -6.09 25.71
CA PRO A 190 -18.48 -6.98 26.86
C PRO A 190 -17.63 -6.40 28.00
N LEU A 191 -16.70 -5.51 27.68
CA LEU A 191 -15.75 -4.92 28.66
C LEU A 191 -16.44 -3.80 29.44
N SER A 192 -17.63 -3.35 29.03
CA SER A 192 -18.34 -2.22 29.70
C SER A 192 -19.84 -2.52 29.97
N ALA A 193 -20.45 -3.48 29.28
CA ALA A 193 -21.92 -3.67 29.23
C ALA A 193 -22.50 -3.86 30.65
N ARG A 194 -21.79 -4.53 31.55
CA ARG A 194 -22.29 -4.85 32.92
C ARG A 194 -22.27 -3.61 33.82
N ARG A 195 -21.68 -2.49 33.41
CA ARG A 195 -21.66 -1.22 34.18
C ARG A 195 -22.84 -0.31 33.80
N GLY A 196 -23.92 -0.84 33.22
CA GLY A 196 -25.15 -0.05 32.98
C GLY A 196 -25.82 -0.26 31.63
N PHE A 197 -25.25 -1.00 30.69
CA PHE A 197 -25.91 -1.21 29.38
C PHE A 197 -27.07 -2.19 29.54
N PHE A 198 -26.84 -3.36 30.14
CA PHE A 198 -27.92 -4.32 30.47
C PHE A 198 -28.88 -3.66 31.47
N GLY A 199 -30.18 -3.65 31.15
CA GLY A 199 -31.24 -3.01 31.97
C GLY A 199 -31.48 -1.55 31.60
N SER A 200 -30.73 -1.00 30.65
CA SER A 200 -30.83 0.42 30.22
C SER A 200 -32.07 0.64 29.35
N LYS A 201 -32.63 -0.44 28.80
CA LYS A 201 -33.91 -0.43 28.03
C LYS A 201 -33.92 0.72 27.02
N PRO A 202 -32.94 0.80 26.10
CA PRO A 202 -32.89 1.89 25.14
C PRO A 202 -34.07 1.81 24.16
N TYR A 203 -34.50 0.59 23.84
CA TYR A 203 -35.48 0.31 22.76
C TYR A 203 -36.87 0.84 23.16
N SER A 204 -37.34 0.46 24.36
CA SER A 204 -38.67 0.86 24.89
C SER A 204 -38.66 2.34 25.27
N LYS A 205 -37.52 2.88 25.72
CA LYS A 205 -37.36 4.33 26.01
C LYS A 205 -37.61 5.14 24.75
N VAL A 206 -37.08 4.68 23.61
CA VAL A 206 -37.26 5.31 22.26
C VAL A 206 -38.76 5.27 21.94
N ASN A 207 -39.38 4.10 22.04
CA ASN A 207 -40.77 3.84 21.59
C ASN A 207 -41.75 4.59 22.50
N THR A 208 -41.45 4.72 23.78
CA THR A 208 -42.19 5.56 24.75
C THR A 208 -42.19 7.01 24.23
N ILE A 209 -41.04 7.52 23.79
CA ILE A 209 -40.91 8.93 23.30
C ILE A 209 -41.70 9.07 21.99
N LEU A 210 -41.61 8.09 21.08
CA LEU A 210 -42.28 8.14 19.75
C LEU A 210 -43.82 8.10 19.94
N ALA A 211 -44.33 7.36 20.92
CA ALA A 211 -45.76 7.31 21.29
C ALA A 211 -46.23 8.69 21.80
N ASN A 212 -45.44 9.33 22.68
CA ASN A 212 -45.73 10.67 23.27
C ASN A 212 -45.66 11.77 22.21
N MET A 213 -45.08 11.53 21.04
CA MET A 213 -44.95 12.54 19.95
C MET A 213 -45.99 12.24 18.85
N GLY A 214 -46.79 11.17 19.02
CA GLY A 214 -47.78 10.72 18.01
C GLY A 214 -47.15 10.04 16.82
N GLU A 215 -45.87 9.66 16.91
CA GLU A 215 -45.10 9.04 15.80
C GLU A 215 -45.25 7.52 15.87
N ARG A 216 -45.17 6.85 14.72
CA ARG A 216 -45.21 5.37 14.65
C ARG A 216 -44.01 4.82 15.43
N GLU A 217 -44.25 3.85 16.30
CA GLU A 217 -43.20 3.16 17.11
C GLU A 217 -42.38 2.27 16.18
N ILE A 218 -41.16 1.94 16.60
CA ILE A 218 -40.19 1.09 15.87
C ILE A 218 -40.42 -0.37 16.26
N ASP A 219 -40.50 -1.25 15.26
CA ASP A 219 -40.47 -2.72 15.39
C ASP A 219 -38.99 -3.14 15.39
N TRP A 220 -38.44 -3.39 16.58
CA TRP A 220 -37.00 -3.69 16.80
C TRP A 220 -36.66 -5.12 16.40
N GLU A 221 -37.64 -6.00 16.21
CA GLU A 221 -37.38 -7.45 15.99
C GLU A 221 -36.54 -7.63 14.71
N ILE A 222 -35.41 -8.33 14.82
CA ILE A 222 -34.58 -8.69 13.63
C ILE A 222 -34.97 -10.10 13.21
N PRO A 223 -35.44 -10.29 11.96
CA PRO A 223 -35.79 -11.61 11.45
C PRO A 223 -34.56 -12.46 11.18
N ASN A 224 -34.67 -13.78 11.37
CA ASN A 224 -33.66 -14.77 10.89
C ASN A 224 -33.64 -14.75 9.37
N LEU A 225 -32.52 -15.15 8.77
CA LEU A 225 -32.33 -15.24 7.30
C LEU A 225 -31.85 -16.64 6.95
N ASN B 3 20.63 -48.37 39.71
CA ASN B 3 22.11 -48.16 39.61
C ASN B 3 22.66 -49.04 38.48
N VAL B 4 22.65 -48.53 37.26
CA VAL B 4 23.16 -49.21 36.02
C VAL B 4 24.61 -48.74 35.76
N LEU B 5 25.27 -48.12 36.74
CA LEU B 5 26.63 -47.53 36.56
C LEU B 5 27.67 -48.65 36.47
N LYS B 6 28.37 -48.74 35.33
CA LYS B 6 29.28 -49.85 34.96
C LYS B 6 30.71 -49.56 35.44
N ASN B 7 31.01 -48.34 35.87
CA ASN B 7 32.39 -47.91 36.24
C ASN B 7 32.45 -47.66 37.74
N ASP B 8 33.51 -46.97 38.21
CA ASP B 8 33.84 -46.77 39.64
C ASP B 8 32.78 -45.91 40.34
N TRP B 9 31.94 -45.18 39.59
CA TRP B 9 30.78 -44.42 40.14
C TRP B 9 29.80 -45.36 40.84
N GLY B 10 29.56 -46.56 40.26
CA GLY B 10 28.63 -47.58 40.78
C GLY B 10 28.82 -47.83 42.28
N PRO B 11 29.96 -48.41 42.72
CA PRO B 11 30.26 -48.56 44.15
C PRO B 11 30.22 -47.25 44.96
N LEU B 12 30.79 -46.17 44.41
CA LEU B 12 30.91 -44.86 45.13
C LEU B 12 29.53 -44.27 45.46
N LEU B 13 28.52 -44.47 44.61
CA LEU B 13 27.17 -43.86 44.75
C LEU B 13 26.14 -44.87 45.27
N ALA B 14 26.50 -46.14 45.46
CA ALA B 14 25.59 -47.25 45.85
C ALA B 14 24.70 -46.83 47.04
N THR B 15 25.27 -46.23 48.09
CA THR B 15 24.51 -45.86 49.32
C THR B 15 23.52 -44.72 49.02
N GLU B 16 23.83 -43.83 48.07
CA GLU B 16 22.90 -42.74 47.64
C GLU B 16 21.60 -43.33 47.10
N PHE B 17 21.69 -44.38 46.29
CA PHE B 17 20.53 -45.05 45.62
C PHE B 17 19.57 -45.69 46.63
N GLU B 18 20.00 -45.95 47.87
CA GLU B 18 19.20 -46.68 48.89
C GLU B 18 18.52 -45.69 49.85
N LYS B 19 18.86 -44.39 49.78
CA LYS B 19 18.29 -43.35 50.68
C LYS B 19 16.83 -43.09 50.32
N GLU B 20 16.05 -42.64 51.29
CA GLU B 20 14.60 -42.40 51.15
C GLU B 20 14.32 -41.43 50.00
N TYR B 21 15.02 -40.28 49.97
CA TYR B 21 14.79 -39.20 48.96
C TYR B 21 14.86 -39.82 47.56
N TYR B 22 15.84 -40.71 47.32
CA TYR B 22 16.10 -41.29 45.98
C TYR B 22 14.98 -42.26 45.59
N ARG B 23 14.53 -43.07 46.56
CA ARG B 23 13.43 -44.05 46.32
C ARG B 23 12.16 -43.30 45.91
N LYS B 24 11.86 -42.17 46.57
CA LYS B 24 10.63 -41.35 46.29
C LYS B 24 10.78 -40.61 44.93
N LEU B 25 11.99 -40.12 44.63
CA LEU B 25 12.33 -39.57 43.29
C LEU B 25 12.06 -40.64 42.21
N ALA B 26 12.57 -41.86 42.40
CA ALA B 26 12.45 -42.99 41.45
C ALA B 26 10.98 -43.37 41.22
N ASP B 27 10.15 -43.36 42.28
CA ASP B 27 8.69 -43.61 42.20
C ASP B 27 8.05 -42.50 41.37
N PHE B 28 8.40 -41.25 41.69
CA PHE B 28 7.88 -40.05 40.99
C PHE B 28 8.21 -40.19 39.49
N LEU B 29 9.46 -40.54 39.16
CA LEU B 29 9.90 -40.58 37.73
C LEU B 29 9.25 -41.78 37.01
N LYS B 30 9.06 -42.90 37.71
CA LYS B 30 8.33 -44.08 37.15
C LYS B 30 6.93 -43.62 36.68
N GLU B 31 6.19 -42.91 37.53
CA GLU B 31 4.83 -42.36 37.22
C GLU B 31 4.97 -41.33 36.07
N GLU B 32 5.94 -40.43 36.14
CA GLU B 32 6.13 -39.32 35.15
C GLU B 32 6.39 -39.89 33.76
N TYR B 33 7.22 -40.94 33.66
CA TYR B 33 7.59 -41.55 32.35
C TYR B 33 6.38 -42.30 31.75
N SER B 34 5.46 -42.84 32.57
CA SER B 34 4.22 -43.54 32.12
C SER B 34 3.22 -42.53 31.56
N THR B 35 3.03 -41.42 32.27
CA THR B 35 1.95 -40.44 32.05
C THR B 35 2.33 -39.40 31.00
N HIS B 36 3.58 -38.92 31.03
CA HIS B 36 4.07 -37.79 30.20
C HIS B 36 5.29 -38.22 29.39
N VAL B 37 5.69 -37.39 28.41
CA VAL B 37 7.02 -37.49 27.73
C VAL B 37 8.05 -36.83 28.66
N VAL B 38 9.07 -37.59 29.06
CA VAL B 38 10.18 -37.10 29.93
C VAL B 38 11.49 -37.25 29.15
N TYR B 39 12.40 -36.29 29.27
CA TYR B 39 13.74 -36.34 28.64
C TYR B 39 14.80 -36.32 29.74
N PRO B 40 15.96 -36.98 29.52
CA PRO B 40 16.18 -37.81 28.34
C PRO B 40 15.50 -39.18 28.50
N LYS B 41 15.71 -40.09 27.54
CA LYS B 41 15.30 -41.52 27.66
C LYS B 41 15.84 -42.05 28.99
N VAL B 42 15.05 -42.86 29.69
CA VAL B 42 15.40 -43.40 31.04
C VAL B 42 16.81 -44.00 31.02
N GLU B 43 17.21 -44.68 29.94
CA GLU B 43 18.52 -45.39 29.86
C GLU B 43 19.67 -44.38 29.70
N ASP B 44 19.38 -43.10 29.44
CA ASP B 44 20.43 -42.08 29.18
C ASP B 44 20.66 -41.21 30.41
N ILE B 45 19.84 -41.33 31.46
CA ILE B 45 19.79 -40.35 32.59
C ILE B 45 21.18 -40.09 33.18
N PHE B 46 22.02 -41.13 33.25
CA PHE B 46 23.32 -41.13 33.99
C PHE B 46 24.50 -41.16 33.02
N ASN B 47 24.29 -40.86 31.72
CA ASN B 47 25.35 -41.00 30.68
C ASN B 47 26.59 -40.19 31.05
N ALA B 48 26.45 -39.03 31.70
CA ALA B 48 27.59 -38.15 32.05
C ALA B 48 28.55 -38.94 32.95
N LEU B 49 28.02 -39.66 33.94
CA LEU B 49 28.82 -40.51 34.88
C LEU B 49 29.36 -41.74 34.13
N GLN B 50 28.54 -42.36 33.28
CA GLN B 50 28.90 -43.56 32.46
C GLN B 50 30.11 -43.24 31.58
N TYR B 51 30.14 -42.09 30.89
CA TYR B 51 31.19 -41.71 29.91
C TYR B 51 32.45 -41.20 30.63
N THR B 52 32.30 -40.69 31.85
CA THR B 52 33.37 -39.94 32.58
C THR B 52 33.43 -40.43 34.03
N SER B 53 34.37 -41.35 34.30
CA SER B 53 34.54 -42.03 35.62
C SER B 53 35.05 -41.03 36.65
N TYR B 54 34.87 -41.35 37.94
CA TYR B 54 35.46 -40.61 39.08
C TYR B 54 36.96 -40.42 38.83
N GLU B 55 37.65 -41.52 38.51
CA GLU B 55 39.11 -41.56 38.26
C GLU B 55 39.49 -40.60 37.13
N ASN B 56 38.79 -40.66 36.00
CA ASN B 56 39.14 -39.92 34.75
C ASN B 56 38.63 -38.48 34.74
N THR B 57 37.82 -38.05 35.71
CA THR B 57 37.25 -36.68 35.75
C THR B 57 38.40 -35.67 35.89
N LYS B 58 38.50 -34.75 34.94
CA LYS B 58 39.46 -33.62 34.96
C LYS B 58 38.71 -32.30 35.19
N VAL B 59 37.58 -32.11 34.49
CA VAL B 59 36.76 -30.86 34.56
C VAL B 59 35.30 -31.25 34.69
N VAL B 60 34.58 -30.57 35.59
CA VAL B 60 33.09 -30.60 35.70
C VAL B 60 32.53 -29.30 35.08
N ILE B 61 31.62 -29.43 34.12
CA ILE B 61 30.81 -28.31 33.59
C ILE B 61 29.35 -28.54 34.00
N LEU B 62 28.89 -27.83 35.05
CA LEU B 62 27.49 -27.92 35.55
C LEU B 62 26.53 -27.23 34.57
N GLY B 63 25.40 -27.89 34.30
CA GLY B 63 24.21 -27.32 33.66
C GLY B 63 23.04 -27.29 34.62
N GLN B 64 21.86 -26.90 34.12
CA GLN B 64 20.58 -26.90 34.88
C GLN B 64 19.93 -28.26 34.75
N ASP B 65 18.97 -28.37 33.83
CA ASP B 65 18.18 -29.59 33.56
C ASP B 65 18.39 -29.92 32.08
N PRO B 66 17.97 -31.12 31.62
CA PRO B 66 18.16 -31.48 30.22
C PRO B 66 17.32 -30.57 29.32
N TYR B 67 17.77 -30.43 28.07
CA TYR B 67 16.95 -29.87 26.98
C TYR B 67 15.61 -30.60 26.99
N HIS B 68 14.53 -29.90 26.68
CA HIS B 68 13.14 -30.34 26.96
C HIS B 68 12.36 -30.51 25.65
N GLY B 69 13.07 -30.58 24.51
CA GLY B 69 12.50 -30.84 23.18
C GLY B 69 12.89 -32.20 22.62
N PRO B 70 12.18 -32.72 21.60
CA PRO B 70 12.46 -34.04 21.05
C PRO B 70 13.87 -34.15 20.43
N ASN B 71 14.54 -35.28 20.67
CA ASN B 71 15.84 -35.68 20.07
C ASN B 71 16.98 -34.74 20.51
N GLN B 72 16.78 -33.97 21.59
CA GLN B 72 17.80 -33.01 22.09
C GLN B 72 18.68 -33.69 23.14
N ALA B 73 18.17 -33.88 24.36
CA ALA B 73 18.96 -34.34 25.53
C ALA B 73 19.34 -35.81 25.35
N HIS B 74 20.52 -36.20 25.85
CA HIS B 74 21.01 -37.60 25.88
C HIS B 74 21.88 -37.83 27.12
N GLY B 75 21.60 -37.08 28.21
CA GLY B 75 22.20 -37.32 29.54
C GLY B 75 23.48 -36.54 29.78
N LEU B 76 23.85 -35.62 28.88
CA LEU B 76 25.01 -34.71 29.08
C LEU B 76 24.49 -33.27 29.18
N SER B 77 25.08 -32.48 30.08
CA SER B 77 24.91 -31.01 30.09
C SER B 77 25.40 -30.43 28.76
N PHE B 78 24.61 -29.54 28.16
CA PHE B 78 24.96 -28.66 27.01
C PHE B 78 24.89 -29.43 25.68
N SER B 79 25.23 -30.74 25.68
CA SER B 79 25.29 -31.56 24.44
C SER B 79 23.88 -31.78 23.91
N VAL B 80 23.73 -31.81 22.59
CA VAL B 80 22.50 -32.32 21.91
C VAL B 80 22.93 -33.42 20.94
N GLN B 81 22.03 -34.39 20.73
CA GLN B 81 22.21 -35.49 19.75
C GLN B 81 22.50 -34.89 18.38
N PRO B 82 23.20 -35.64 17.51
CA PRO B 82 23.44 -35.18 16.14
C PRO B 82 22.08 -35.06 15.43
N GLY B 83 21.96 -34.13 14.49
CA GLY B 83 20.75 -33.94 13.66
C GLY B 83 19.88 -32.76 14.07
N VAL B 84 20.04 -32.21 15.28
CA VAL B 84 19.22 -31.06 15.77
C VAL B 84 20.08 -29.81 15.81
N LYS B 85 19.43 -28.64 15.73
CA LYS B 85 20.10 -27.33 15.80
C LYS B 85 20.84 -27.21 17.13
N THR B 86 22.00 -26.55 17.10
CA THR B 86 22.80 -26.20 18.29
C THR B 86 22.06 -25.12 19.08
N PRO B 87 21.68 -25.38 20.35
CA PRO B 87 21.08 -24.32 21.18
C PRO B 87 21.99 -23.09 21.30
N PRO B 88 21.43 -21.87 21.36
CA PRO B 88 22.22 -20.64 21.44
C PRO B 88 23.32 -20.66 22.54
N SER B 89 23.04 -21.24 23.71
CA SER B 89 24.06 -21.36 24.78
C SER B 89 25.27 -22.13 24.24
N LEU B 90 25.04 -23.24 23.55
CA LEU B 90 26.14 -24.09 23.03
C LEU B 90 26.83 -23.36 21.87
N LEU B 91 26.08 -22.65 21.03
CA LEU B 91 26.65 -21.88 19.89
C LEU B 91 27.63 -20.84 20.45
N ASN B 92 27.27 -20.17 21.54
CA ASN B 92 28.14 -19.17 22.19
C ASN B 92 29.41 -19.86 22.70
N MET B 93 29.28 -21.07 23.24
CA MET B 93 30.43 -21.88 23.70
C MET B 93 31.32 -22.19 22.50
N TYR B 94 30.72 -22.54 21.35
CA TYR B 94 31.44 -22.82 20.09
C TYR B 94 32.14 -21.56 19.59
N LYS B 95 31.52 -20.39 19.73
CA LYS B 95 32.08 -19.10 19.27
C LYS B 95 33.29 -18.73 20.13
N GLU B 96 33.22 -18.95 21.45
CA GLU B 96 34.38 -18.72 22.35
C GLU B 96 35.50 -19.71 21.97
N LEU B 97 35.12 -20.93 21.57
CA LEU B 97 36.07 -22.01 21.16
C LEU B 97 36.76 -21.60 19.85
N ARG B 98 36.01 -21.11 18.86
CA ARG B 98 36.58 -20.59 17.58
C ARG B 98 37.60 -19.50 17.92
N ASP B 99 37.20 -18.58 18.79
CA ASP B 99 38.03 -17.43 19.23
C ASP B 99 39.35 -17.91 19.83
N GLU B 100 39.35 -19.03 20.56
CA GLU B 100 40.55 -19.53 21.30
C GLU B 100 41.51 -20.26 20.35
N TYR B 101 40.99 -21.14 19.48
CA TYR B 101 41.82 -22.13 18.73
C TYR B 101 41.61 -22.03 17.22
N GLY B 102 40.65 -21.24 16.76
CA GLY B 102 40.36 -21.05 15.32
C GLY B 102 39.46 -22.14 14.75
N TYR B 103 39.01 -23.12 15.55
CA TYR B 103 38.09 -24.21 15.10
C TYR B 103 36.81 -23.60 14.55
N GLU B 104 36.39 -24.00 13.35
CA GLU B 104 35.13 -23.50 12.75
C GLU B 104 33.97 -24.02 13.63
N ILE B 105 32.82 -23.35 13.56
CA ILE B 105 31.57 -23.79 14.24
C ILE B 105 31.22 -25.17 13.69
N PRO B 106 31.20 -26.23 14.52
CA PRO B 106 30.78 -27.56 14.07
C PRO B 106 29.34 -27.57 13.54
N ASN B 107 28.96 -28.61 12.80
CA ASN B 107 27.59 -28.77 12.22
C ASN B 107 26.71 -29.60 13.16
N ASN B 108 27.07 -29.69 14.44
CA ASN B 108 26.32 -30.48 15.45
C ASN B 108 26.71 -30.02 16.86
N GLY B 109 25.88 -30.36 17.86
CA GLY B 109 26.11 -30.01 19.27
C GLY B 109 26.48 -31.22 20.13
N TYR B 110 27.02 -32.27 19.52
CA TYR B 110 27.31 -33.56 20.20
C TYR B 110 28.71 -33.50 20.83
N LEU B 111 28.80 -33.64 22.16
CA LEU B 111 30.02 -33.34 22.96
C LEU B 111 30.60 -34.60 23.62
N VAL B 112 30.25 -35.79 23.12
CA VAL B 112 30.78 -37.07 23.67
C VAL B 112 32.32 -37.04 23.66
N LYS B 113 32.93 -36.40 22.68
CA LYS B 113 34.41 -36.29 22.61
C LYS B 113 34.96 -35.62 23.88
N TRP B 114 34.29 -34.59 24.41
CA TRP B 114 34.71 -33.92 25.67
C TRP B 114 34.63 -34.93 26.82
N ALA B 115 33.53 -35.67 26.93
CA ALA B 115 33.25 -36.60 28.04
C ALA B 115 34.29 -37.73 28.06
N GLU B 116 34.63 -38.26 26.89
CA GLU B 116 35.65 -39.33 26.69
C GLU B 116 37.03 -38.87 27.17
N GLN B 117 37.30 -37.56 27.27
CA GLN B 117 38.63 -37.03 27.67
C GLN B 117 38.60 -36.51 29.12
N GLY B 118 37.49 -36.74 29.83
CA GLY B 118 37.40 -36.46 31.27
C GLY B 118 36.65 -35.17 31.59
N VAL B 119 35.81 -34.67 30.69
CA VAL B 119 34.87 -33.53 30.96
C VAL B 119 33.53 -34.13 31.45
N LEU B 120 33.26 -34.05 32.74
CA LEU B 120 31.99 -34.51 33.34
C LEU B 120 30.93 -33.45 33.04
N LEU B 121 30.04 -33.74 32.09
CA LEU B 121 28.97 -32.82 31.66
C LEU B 121 27.72 -33.08 32.49
N LEU B 122 27.70 -32.55 33.72
CA LEU B 122 26.72 -32.87 34.78
C LEU B 122 25.67 -31.75 34.89
N ASN B 123 24.43 -32.04 34.52
CA ASN B 123 23.25 -31.20 34.89
C ASN B 123 23.02 -31.43 36.39
N THR B 124 22.55 -30.42 37.12
CA THR B 124 22.20 -30.54 38.56
C THR B 124 20.87 -31.28 38.69
N VAL B 125 19.99 -31.15 37.68
CA VAL B 125 18.69 -31.88 37.58
C VAL B 125 18.77 -32.75 36.33
N LEU B 126 18.47 -34.06 36.43
CA LEU B 126 18.81 -35.04 35.36
C LEU B 126 17.59 -35.46 34.53
N THR B 127 16.38 -35.00 34.86
CA THR B 127 15.18 -35.24 34.02
C THR B 127 14.36 -33.96 33.87
N VAL B 128 13.47 -33.94 32.88
CA VAL B 128 12.53 -32.81 32.62
C VAL B 128 11.32 -33.33 31.83
N ARG B 129 10.15 -32.78 32.11
CA ARG B 129 8.92 -32.99 31.30
C ARG B 129 9.06 -32.17 30.01
N GLN B 130 8.65 -32.74 28.88
CA GLN B 130 8.64 -32.10 27.54
C GLN B 130 8.08 -30.68 27.64
N SER B 131 8.82 -29.68 27.14
CA SER B 131 8.38 -28.27 26.99
C SER B 131 8.12 -27.59 28.33
N GLU B 132 8.59 -28.15 29.45
CA GLU B 132 8.47 -27.50 30.77
C GLU B 132 9.82 -27.45 31.48
N ALA B 133 10.61 -26.43 31.17
CA ALA B 133 11.91 -26.20 31.85
C ALA B 133 11.66 -26.15 33.37
N ASN B 134 12.54 -26.83 34.11
CA ASN B 134 12.59 -26.83 35.60
C ASN B 134 11.38 -27.59 36.18
N SER B 135 10.63 -28.34 35.38
CA SER B 135 9.50 -29.19 35.84
C SER B 135 9.98 -30.20 36.91
N HIS B 136 11.24 -30.63 36.92
CA HIS B 136 11.74 -31.63 37.91
C HIS B 136 12.71 -31.01 38.93
N LYS B 137 12.72 -29.67 39.05
CA LYS B 137 13.43 -28.95 40.15
C LYS B 137 12.74 -29.30 41.48
N GLY B 138 13.53 -29.50 42.55
CA GLY B 138 13.03 -29.75 43.92
C GLY B 138 12.32 -31.10 44.07
N LYS B 139 12.72 -32.13 43.32
CA LYS B 139 12.12 -33.50 43.39
C LYS B 139 13.12 -34.48 44.00
N GLY B 140 14.37 -34.05 44.25
CA GLY B 140 15.42 -34.87 44.90
C GLY B 140 16.71 -34.91 44.09
N TRP B 141 16.68 -34.55 42.80
CA TRP B 141 17.84 -34.69 41.89
C TRP B 141 19.08 -33.97 42.43
N GLU B 142 18.92 -32.81 43.08
CA GLU B 142 20.09 -32.03 43.51
C GLU B 142 20.71 -32.61 44.79
N HIS B 143 19.98 -33.42 45.58
CA HIS B 143 20.61 -34.24 46.65
C HIS B 143 21.59 -35.21 45.98
N PHE B 144 21.21 -35.79 44.84
CA PHE B 144 22.02 -36.80 44.11
C PHE B 144 23.24 -36.14 43.46
N THR B 145 23.05 -35.04 42.72
CA THR B 145 24.14 -34.33 42.01
C THR B 145 25.02 -33.57 43.01
N ASP B 146 24.47 -33.07 44.12
CA ASP B 146 25.29 -32.53 45.24
C ASP B 146 26.28 -33.62 45.70
N ARG B 147 25.84 -34.88 45.85
CA ARG B 147 26.68 -36.00 46.34
C ARG B 147 27.82 -36.23 45.32
N VAL B 148 27.53 -36.19 44.02
CA VAL B 148 28.56 -36.34 42.96
C VAL B 148 29.65 -35.28 43.17
N ILE B 149 29.24 -34.04 43.48
CA ILE B 149 30.17 -32.89 43.63
C ILE B 149 30.97 -33.09 44.93
N GLU B 150 30.29 -33.48 46.03
CA GLU B 150 30.92 -33.75 47.36
C GLU B 150 32.04 -34.79 47.21
N LEU B 151 31.78 -35.89 46.49
CA LEU B 151 32.73 -37.01 46.24
C LEU B 151 33.95 -36.46 45.50
N LEU B 152 33.74 -35.68 44.43
CA LEU B 152 34.85 -35.09 43.64
C LEU B 152 35.65 -34.13 44.53
N ASN B 153 34.97 -33.43 45.45
CA ASN B 153 35.62 -32.55 46.44
C ASN B 153 36.57 -33.37 47.34
N GLU B 154 36.14 -34.58 47.77
CA GLU B 154 36.94 -35.45 48.67
C GLU B 154 38.13 -36.06 47.90
N ARG B 155 38.12 -36.05 46.56
CA ARG B 155 39.20 -36.66 45.73
C ARG B 155 40.53 -35.92 45.99
N GLU B 156 41.63 -36.68 46.03
CA GLU B 156 43.01 -36.20 46.30
C GLU B 156 43.52 -35.48 45.06
N LYS B 157 43.42 -36.13 43.90
CA LYS B 157 43.85 -35.56 42.59
C LYS B 157 42.98 -34.34 42.31
N PRO B 158 43.56 -33.13 42.13
CA PRO B 158 42.76 -31.93 41.87
C PRO B 158 41.75 -32.05 40.72
N VAL B 159 40.57 -31.46 40.94
CA VAL B 159 39.40 -31.39 40.01
C VAL B 159 39.22 -29.93 39.58
N ILE B 160 39.01 -29.68 38.29
CA ILE B 160 38.65 -28.32 37.77
C ILE B 160 37.13 -28.22 37.67
N PHE B 161 36.52 -27.20 38.28
CA PHE B 161 35.06 -26.93 38.23
C PHE B 161 34.79 -25.68 37.39
N ILE B 162 34.06 -25.81 36.29
CA ILE B 162 33.55 -24.66 35.47
C ILE B 162 32.12 -24.36 35.91
N LEU B 163 31.90 -23.19 36.52
CA LEU B 163 30.61 -22.75 37.10
C LEU B 163 30.13 -21.52 36.33
N TRP B 164 29.24 -21.74 35.36
CA TRP B 164 28.63 -20.70 34.50
C TRP B 164 27.29 -20.27 35.10
N GLY B 165 27.17 -18.99 35.49
CA GLY B 165 25.96 -18.44 36.13
C GLY B 165 25.90 -18.70 37.63
N ARG B 166 25.05 -17.96 38.34
CA ARG B 166 24.96 -17.97 39.82
C ARG B 166 24.48 -19.32 40.33
N HIS B 167 23.56 -20.01 39.65
CA HIS B 167 22.99 -21.29 40.16
C HIS B 167 24.09 -22.36 40.19
N ALA B 168 24.90 -22.44 39.14
CA ALA B 168 26.10 -23.32 39.12
C ALA B 168 27.10 -22.87 40.20
N GLN B 169 27.32 -21.56 40.36
CA GLN B 169 28.33 -20.98 41.29
C GLN B 169 27.93 -21.24 42.76
N ALA B 170 26.63 -21.37 43.04
CA ALA B 170 26.11 -21.64 44.41
C ALA B 170 26.69 -22.96 44.94
N LYS B 171 27.14 -23.85 44.05
CA LYS B 171 27.72 -25.17 44.42
C LYS B 171 29.15 -25.02 44.97
N LYS B 172 29.75 -23.82 44.93
CA LYS B 172 31.06 -23.54 45.57
C LYS B 172 31.02 -23.96 47.05
N LYS B 173 29.86 -23.82 47.72
CA LYS B 173 29.68 -24.19 49.14
C LYS B 173 30.03 -25.66 49.38
N LEU B 174 30.07 -26.51 48.34
CA LEU B 174 30.37 -27.97 48.44
C LEU B 174 31.85 -28.23 48.14
N ILE B 175 32.52 -27.28 47.51
CA ILE B 175 33.94 -27.38 47.06
C ILE B 175 34.81 -26.70 48.13
N THR B 176 34.94 -27.34 49.29
CA THR B 176 35.63 -26.81 50.50
C THR B 176 37.14 -27.10 50.44
N ASN B 177 37.54 -28.13 49.68
CA ASN B 177 38.97 -28.53 49.50
C ASN B 177 39.66 -27.54 48.56
N PRO B 178 40.66 -26.77 49.05
CA PRO B 178 41.26 -25.68 48.28
C PRO B 178 42.30 -26.08 47.22
N ASN B 179 42.58 -27.38 47.06
CA ASN B 179 43.45 -27.94 45.99
C ASN B 179 42.72 -27.93 44.64
N HIS B 180 41.39 -27.86 44.66
CA HIS B 180 40.55 -27.87 43.43
C HIS B 180 40.58 -26.48 42.78
N HIS B 181 40.42 -26.45 41.46
CA HIS B 181 40.41 -25.21 40.63
C HIS B 181 38.96 -24.87 40.28
N ILE B 182 38.59 -23.60 40.47
CA ILE B 182 37.24 -23.08 40.17
C ILE B 182 37.38 -22.05 39.07
N ILE B 183 36.76 -22.28 37.91
CA ILE B 183 36.67 -21.29 36.80
C ILE B 183 35.21 -20.81 36.74
N GLU B 184 35.02 -19.49 36.85
CA GLU B 184 33.70 -18.84 37.02
C GLU B 184 33.52 -17.76 35.96
N SER B 185 32.30 -17.61 35.48
CA SER B 185 31.87 -16.46 34.65
C SER B 185 30.36 -16.49 34.57
N VAL B 186 29.80 -15.45 33.96
CA VAL B 186 28.36 -15.41 33.58
C VAL B 186 28.10 -16.56 32.62
N HIS B 187 26.82 -16.88 32.42
CA HIS B 187 26.34 -18.02 31.60
C HIS B 187 26.49 -17.69 30.11
N PRO B 188 26.82 -18.69 29.24
CA PRO B 188 26.91 -18.43 27.80
C PRO B 188 25.56 -18.14 27.10
N SER B 189 24.43 -18.15 27.79
CA SER B 189 23.13 -17.69 27.24
C SER B 189 23.31 -16.35 26.54
N PRO B 190 22.68 -16.13 25.36
CA PRO B 190 22.73 -14.83 24.68
C PRO B 190 22.26 -13.66 25.55
N LEU B 191 21.44 -13.92 26.57
CA LEU B 191 20.93 -12.86 27.48
C LEU B 191 21.98 -12.45 28.52
N SER B 192 23.09 -13.18 28.65
CA SER B 192 24.17 -12.89 29.65
C SER B 192 25.59 -12.91 29.05
N ALA B 193 25.80 -13.57 27.91
CA ALA B 193 27.16 -13.89 27.38
C ALA B 193 28.02 -12.63 27.20
N ARG B 194 27.41 -11.49 26.81
CA ARG B 194 28.14 -10.24 26.50
C ARG B 194 28.66 -9.58 27.78
N ARG B 195 28.20 -9.99 28.97
CA ARG B 195 28.65 -9.44 30.27
C ARG B 195 29.84 -10.24 30.84
N GLY B 196 30.61 -10.95 30.01
CA GLY B 196 31.89 -11.55 30.44
C GLY B 196 32.15 -12.97 29.98
N PHE B 197 31.24 -13.63 29.25
CA PHE B 197 31.49 -15.03 28.79
C PHE B 197 32.48 -15.00 27.63
N PHE B 198 32.25 -14.16 26.62
CA PHE B 198 33.20 -13.94 25.50
C PHE B 198 34.50 -13.37 26.05
N GLY B 199 35.63 -14.01 25.73
CA GLY B 199 36.99 -13.63 26.20
C GLY B 199 37.37 -14.25 27.53
N SER B 200 36.49 -15.04 28.14
CA SER B 200 36.72 -15.69 29.48
C SER B 200 37.67 -16.89 29.33
N LYS B 201 37.87 -17.38 28.10
CA LYS B 201 38.86 -18.42 27.74
C LYS B 201 38.79 -19.58 28.74
N PRO B 202 37.62 -20.25 28.92
CA PRO B 202 37.53 -21.35 29.86
C PRO B 202 38.38 -22.55 29.41
N TYR B 203 38.50 -22.76 28.10
CA TYR B 203 39.10 -23.99 27.52
C TYR B 203 40.61 -24.00 27.77
N SER B 204 41.30 -22.90 27.46
CA SER B 204 42.78 -22.76 27.60
C SER B 204 43.12 -22.63 29.10
N LYS B 205 42.24 -22.03 29.91
CA LYS B 205 42.43 -21.95 31.38
C LYS B 205 42.50 -23.36 31.96
N VAL B 206 41.63 -24.25 31.49
CA VAL B 206 41.57 -25.68 31.91
C VAL B 206 42.89 -26.34 31.51
N ASN B 207 43.29 -26.17 30.25
CA ASN B 207 44.45 -26.89 29.66
C ASN B 207 45.75 -26.36 30.27
N THR B 208 45.81 -25.09 30.61
CA THR B 208 46.93 -24.47 31.38
C THR B 208 47.05 -25.22 32.72
N ILE B 209 45.94 -25.47 33.41
CA ILE B 209 45.95 -26.16 34.74
C ILE B 209 46.38 -27.62 34.53
N LEU B 210 45.90 -28.30 33.50
CA LEU B 210 46.21 -29.72 33.22
C LEU B 210 47.71 -29.87 32.88
N ALA B 211 48.29 -28.93 32.16
CA ALA B 211 49.74 -28.89 31.85
C ALA B 211 50.56 -28.73 33.14
N ASN B 212 50.16 -27.83 34.05
CA ASN B 212 50.83 -27.56 35.35
C ASN B 212 50.69 -28.76 36.30
N MET B 213 49.79 -29.71 36.04
CA MET B 213 49.60 -30.91 36.89
C MET B 213 50.24 -32.13 36.23
N GLY B 214 50.84 -31.95 35.05
CA GLY B 214 51.49 -33.02 34.26
C GLY B 214 50.48 -33.91 33.56
N GLU B 215 49.21 -33.50 33.51
CA GLU B 215 48.08 -34.31 32.99
C GLU B 215 47.92 -34.01 31.49
N ARG B 216 47.43 -34.98 30.73
CA ARG B 216 47.17 -34.84 29.28
C ARG B 216 46.14 -33.71 29.11
N GLU B 217 46.42 -32.77 28.20
CA GLU B 217 45.51 -31.64 27.89
C GLU B 217 44.32 -32.20 27.11
N ILE B 218 43.21 -31.45 27.12
CA ILE B 218 41.94 -31.79 26.42
C ILE B 218 41.99 -31.22 25.00
N ASP B 219 41.66 -32.07 24.03
CA ASP B 219 41.42 -31.70 22.62
C ASP B 219 39.94 -31.32 22.52
N TRP B 220 39.66 -30.02 22.54
CA TRP B 220 38.29 -29.44 22.61
C TRP B 220 37.61 -29.50 21.24
N GLU B 221 38.35 -29.77 20.16
CA GLU B 221 37.80 -29.69 18.77
C GLU B 221 36.63 -30.69 18.63
N ILE B 222 35.47 -30.20 18.21
CA ILE B 222 34.29 -31.05 17.91
C ILE B 222 34.29 -31.28 16.39
N PRO B 223 34.35 -32.56 15.94
CA PRO B 223 34.34 -32.85 14.52
C PRO B 223 32.93 -32.66 13.93
N ASN B 224 32.86 -32.30 12.65
CA ASN B 224 31.61 -32.35 11.85
C ASN B 224 31.19 -33.81 11.71
N LEU B 225 29.89 -34.06 11.57
CA LEU B 225 29.30 -35.41 11.33
C LEU B 225 28.59 -35.38 9.97
N MET C 1 -32.17 14.01 -47.34
CA MET C 1 -31.63 15.21 -48.04
C MET C 1 -32.66 15.77 -49.02
N GLU C 2 -33.72 15.01 -49.33
CA GLU C 2 -34.85 15.52 -50.13
C GLU C 2 -35.66 16.49 -49.26
N ASN C 3 -36.42 17.38 -49.91
CA ASN C 3 -37.31 18.37 -49.27
C ASN C 3 -38.56 17.65 -48.75
N VAL C 4 -38.50 17.13 -47.50
CA VAL C 4 -39.62 16.42 -46.80
C VAL C 4 -40.44 17.43 -45.97
N LEU C 5 -40.25 18.73 -46.17
CA LEU C 5 -40.84 19.78 -45.29
C LEU C 5 -42.33 19.91 -45.60
N LYS C 6 -43.19 19.61 -44.63
CA LYS C 6 -44.67 19.55 -44.83
C LYS C 6 -45.29 20.87 -44.37
N ASN C 7 -44.49 21.83 -43.87
CA ASN C 7 -44.99 23.18 -43.46
C ASN C 7 -44.50 24.23 -44.47
N ASP C 8 -44.61 25.51 -44.10
CA ASP C 8 -44.38 26.67 -45.01
C ASP C 8 -42.90 26.75 -45.43
N TRP C 9 -42.00 26.08 -44.71
CA TRP C 9 -40.55 25.97 -45.08
C TRP C 9 -40.39 25.29 -46.44
N GLY C 10 -41.21 24.27 -46.73
CA GLY C 10 -41.23 23.52 -47.99
C GLY C 10 -41.16 24.43 -49.21
N PRO C 11 -42.23 25.20 -49.51
CA PRO C 11 -42.20 26.19 -50.61
C PRO C 11 -41.07 27.23 -50.49
N LEU C 12 -40.81 27.74 -49.29
CA LEU C 12 -39.82 28.83 -49.05
C LEU C 12 -38.40 28.39 -49.44
N LEU C 13 -38.06 27.12 -49.26
CA LEU C 13 -36.69 26.58 -49.45
C LEU C 13 -36.59 25.77 -50.75
N ALA C 14 -37.69 25.53 -51.46
CA ALA C 14 -37.75 24.67 -52.68
C ALA C 14 -36.59 24.98 -53.65
N THR C 15 -36.34 26.26 -53.94
CA THR C 15 -35.32 26.69 -54.93
C THR C 15 -33.91 26.38 -54.39
N GLU C 16 -33.70 26.42 -53.07
CA GLU C 16 -32.39 26.08 -52.45
C GLU C 16 -32.02 24.62 -52.75
N PHE C 17 -32.98 23.71 -52.66
CA PHE C 17 -32.80 22.25 -52.89
C PHE C 17 -32.35 21.93 -54.33
N GLU C 18 -32.58 22.83 -55.30
CA GLU C 18 -32.31 22.58 -56.74
C GLU C 18 -31.02 23.26 -57.17
N LYS C 19 -30.35 24.01 -56.30
CA LYS C 19 -29.07 24.68 -56.63
C LYS C 19 -27.97 23.63 -56.73
N GLU C 20 -26.92 23.92 -57.52
CA GLU C 20 -25.83 22.95 -57.81
C GLU C 20 -25.13 22.53 -56.49
N TYR C 21 -24.78 23.49 -55.63
CA TYR C 21 -24.06 23.21 -54.35
C TYR C 21 -24.85 22.14 -53.58
N TYR C 22 -26.18 22.23 -53.54
CA TYR C 22 -27.06 21.36 -52.73
C TYR C 22 -27.11 19.95 -53.34
N ARG C 23 -27.20 19.87 -54.67
CA ARG C 23 -27.20 18.58 -55.40
C ARG C 23 -25.90 17.81 -55.08
N LYS C 24 -24.76 18.50 -55.06
CA LYS C 24 -23.42 17.87 -54.80
C LYS C 24 -23.29 17.49 -53.32
N LEU C 25 -23.79 18.33 -52.42
CA LEU C 25 -23.93 18.02 -50.97
C LEU C 25 -24.74 16.71 -50.81
N ALA C 26 -25.92 16.63 -51.46
CA ALA C 26 -26.85 15.48 -51.38
C ALA C 26 -26.20 14.20 -51.89
N ASP C 27 -25.42 14.29 -52.98
CA ASP C 27 -24.64 13.15 -53.55
C ASP C 27 -23.61 12.71 -52.52
N PHE C 28 -22.88 13.66 -51.97
CA PHE C 28 -21.83 13.42 -50.95
C PHE C 28 -22.49 12.69 -49.76
N LEU C 29 -23.64 13.18 -49.29
CA LEU C 29 -24.27 12.61 -48.06
C LEU C 29 -24.87 11.22 -48.36
N LYS C 30 -25.37 11.01 -49.58
CA LYS C 30 -25.87 9.68 -50.01
C LYS C 30 -24.74 8.66 -49.88
N GLU C 31 -23.55 8.98 -50.40
CA GLU C 31 -22.33 8.13 -50.28
C GLU C 31 -21.94 7.97 -48.80
N GLU C 32 -21.91 9.06 -48.04
CA GLU C 32 -21.47 9.09 -46.62
C GLU C 32 -22.38 8.19 -45.77
N TYR C 33 -23.69 8.23 -45.99
CA TYR C 33 -24.67 7.42 -45.19
C TYR C 33 -24.54 5.93 -45.54
N SER C 34 -24.15 5.56 -46.76
CA SER C 34 -23.94 4.15 -47.21
C SER C 34 -22.68 3.58 -46.56
N THR C 35 -21.60 4.36 -46.56
CA THR C 35 -20.21 3.93 -46.25
C THR C 35 -19.93 4.04 -44.75
N HIS C 36 -20.41 5.10 -44.10
CA HIS C 36 -20.08 5.45 -42.69
C HIS C 36 -21.37 5.56 -41.88
N VAL C 37 -21.24 5.60 -40.55
CA VAL C 37 -22.34 6.00 -39.62
C VAL C 37 -22.39 7.53 -39.61
N VAL C 38 -23.52 8.12 -40.00
CA VAL C 38 -23.75 9.58 -40.05
C VAL C 38 -24.90 9.93 -39.12
N TYR C 39 -24.80 11.03 -38.38
CA TYR C 39 -25.86 11.51 -37.47
C TYR C 39 -26.32 12.89 -37.92
N PRO C 40 -27.62 13.24 -37.70
CA PRO C 40 -28.60 12.31 -37.18
C PRO C 40 -29.07 11.33 -38.28
N LYS C 41 -30.05 10.46 -37.96
CA LYS C 41 -30.74 9.62 -38.98
C LYS C 41 -31.23 10.53 -40.11
N VAL C 42 -31.12 10.07 -41.34
CA VAL C 42 -31.45 10.86 -42.56
C VAL C 42 -32.83 11.48 -42.42
N GLU C 43 -33.81 10.78 -41.83
CA GLU C 43 -35.21 11.27 -41.72
C GLU C 43 -35.33 12.39 -40.68
N ASP C 44 -34.30 12.63 -39.87
CA ASP C 44 -34.33 13.62 -38.76
C ASP C 44 -33.61 14.92 -39.15
N ILE C 45 -32.94 14.96 -40.29
CA ILE C 45 -31.97 16.05 -40.64
C ILE C 45 -32.62 17.44 -40.49
N PHE C 46 -33.88 17.56 -40.86
CA PHE C 46 -34.60 18.86 -40.97
C PHE C 46 -35.63 19.04 -39.85
N ASN C 47 -35.57 18.26 -38.78
CA ASN C 47 -36.60 18.27 -37.70
C ASN C 47 -36.77 19.68 -37.11
N ALA C 48 -35.72 20.49 -37.01
CA ALA C 48 -35.79 21.86 -36.43
C ALA C 48 -36.80 22.69 -37.25
N LEU C 49 -36.72 22.61 -38.58
CA LEU C 49 -37.63 23.31 -39.51
C LEU C 49 -39.02 22.66 -39.46
N GLN C 50 -39.09 21.33 -39.42
CA GLN C 50 -40.36 20.53 -39.34
C GLN C 50 -41.16 20.95 -38.10
N TYR C 51 -40.53 21.05 -36.93
CA TYR C 51 -41.19 21.33 -35.62
C TYR C 51 -41.52 22.82 -35.47
N THR C 52 -40.81 23.70 -36.17
CA THR C 52 -40.87 25.16 -35.98
C THR C 52 -40.92 25.86 -37.36
N SER C 53 -42.13 26.22 -37.78
CA SER C 53 -42.42 26.84 -39.10
C SER C 53 -41.81 28.25 -39.18
N TYR C 54 -41.64 28.77 -40.39
CA TYR C 54 -41.27 30.17 -40.67
C TYR C 54 -42.20 31.10 -39.88
N GLU C 55 -43.51 30.89 -40.03
CA GLU C 55 -44.59 31.68 -39.39
C GLU C 55 -44.42 31.67 -37.86
N ASN C 56 -44.24 30.50 -37.25
CA ASN C 56 -44.25 30.31 -35.78
C ASN C 56 -42.89 30.60 -35.13
N THR C 57 -41.82 30.83 -35.90
CA THR C 57 -40.47 31.08 -35.35
C THR C 57 -40.50 32.37 -34.53
N LYS C 58 -40.15 32.30 -33.24
CA LYS C 58 -40.02 33.46 -32.33
C LYS C 58 -38.54 33.70 -32.00
N VAL C 59 -37.80 32.62 -31.72
CA VAL C 59 -36.34 32.67 -31.39
C VAL C 59 -35.60 31.63 -32.22
N VAL C 60 -34.46 32.02 -32.78
CA VAL C 60 -33.45 31.11 -33.38
C VAL C 60 -32.28 30.96 -32.39
N ILE C 61 -31.95 29.72 -32.02
CA ILE C 61 -30.72 29.38 -31.26
C ILE C 61 -29.82 28.57 -32.19
N LEU C 62 -28.78 29.21 -32.75
CA LEU C 62 -27.77 28.56 -33.63
C LEU C 62 -26.85 27.64 -32.82
N GLY C 63 -26.60 26.45 -33.35
CA GLY C 63 -25.51 25.52 -32.93
C GLY C 63 -24.49 25.35 -34.04
N GLN C 64 -23.53 24.47 -33.84
CA GLN C 64 -22.49 24.07 -34.82
C GLN C 64 -23.05 22.93 -35.69
N ASP C 65 -22.70 21.69 -35.34
CA ASP C 65 -23.07 20.46 -36.07
C ASP C 65 -23.75 19.55 -35.07
N PRO C 66 -24.39 18.45 -35.50
CA PRO C 66 -25.07 17.56 -34.56
C PRO C 66 -24.06 16.86 -33.65
N TYR C 67 -24.53 16.44 -32.48
CA TYR C 67 -23.81 15.51 -31.60
C TYR C 67 -23.43 14.30 -32.45
N HIS C 68 -22.27 13.70 -32.18
CA HIS C 68 -21.58 12.74 -33.08
C HIS C 68 -21.49 11.36 -32.44
N GLY C 69 -22.27 11.11 -31.37
CA GLY C 69 -22.33 9.83 -30.66
C GLY C 69 -23.69 9.14 -30.86
N PRO C 70 -23.80 7.81 -30.60
CA PRO C 70 -25.06 7.08 -30.84
C PRO C 70 -26.21 7.59 -29.97
N ASN C 71 -27.40 7.71 -30.57
CA ASN C 71 -28.69 8.04 -29.90
C ASN C 71 -28.67 9.47 -29.33
N GLN C 72 -27.76 10.33 -29.79
CA GLN C 72 -27.67 11.72 -29.27
C GLN C 72 -28.53 12.65 -30.14
N ALA C 73 -28.06 13.00 -31.33
CA ALA C 73 -28.69 13.98 -32.24
C ALA C 73 -30.02 13.45 -32.77
N HIS C 74 -30.97 14.34 -33.00
CA HIS C 74 -32.30 14.05 -33.62
C HIS C 74 -32.76 15.29 -34.40
N GLY C 75 -31.83 16.10 -34.89
CA GLY C 75 -32.13 17.18 -35.85
C GLY C 75 -32.39 18.53 -35.19
N LEU C 76 -32.19 18.65 -33.88
CA LEU C 76 -32.27 19.96 -33.16
C LEU C 76 -30.89 20.33 -32.65
N SER C 77 -30.53 21.62 -32.71
CA SER C 77 -29.37 22.16 -31.98
C SER C 77 -29.57 21.95 -30.47
N PHE C 78 -28.52 21.48 -29.80
CA PHE C 78 -28.38 21.37 -28.31
C PHE C 78 -29.15 20.19 -27.74
N SER C 79 -30.30 19.82 -28.31
CA SER C 79 -31.18 18.73 -27.79
C SER C 79 -30.50 17.38 -27.97
N VAL C 80 -30.72 16.46 -27.02
CA VAL C 80 -30.40 15.01 -27.19
C VAL C 80 -31.68 14.23 -26.92
N GLN C 81 -31.82 13.08 -27.58
CA GLN C 81 -32.92 12.11 -27.38
C GLN C 81 -32.97 11.73 -25.90
N PRO C 82 -34.16 11.32 -25.39
CA PRO C 82 -34.26 10.79 -24.04
C PRO C 82 -33.43 9.50 -23.98
N GLY C 83 -32.86 9.18 -22.81
CA GLY C 83 -32.07 7.96 -22.59
C GLY C 83 -30.56 8.19 -22.54
N VAL C 84 -30.04 9.31 -23.05
CA VAL C 84 -28.58 9.61 -23.01
C VAL C 84 -28.29 10.73 -22.00
N LYS C 85 -27.06 10.78 -21.50
CA LYS C 85 -26.59 11.86 -20.61
C LYS C 85 -26.70 13.21 -21.31
N THR C 86 -27.04 14.25 -20.57
CA THR C 86 -27.06 15.66 -21.03
C THR C 86 -25.63 16.12 -21.28
N PRO C 87 -25.27 16.53 -22.51
CA PRO C 87 -23.97 17.16 -22.79
C PRO C 87 -23.70 18.35 -21.89
N PRO C 88 -22.44 18.57 -21.45
CA PRO C 88 -22.10 19.72 -20.59
C PRO C 88 -22.61 21.09 -21.08
N SER C 89 -22.60 21.34 -22.39
CA SER C 89 -23.14 22.60 -22.94
C SER C 89 -24.61 22.73 -22.56
N LEU C 90 -25.38 21.67 -22.71
CA LEU C 90 -26.83 21.72 -22.39
C LEU C 90 -27.03 21.80 -20.88
N LEU C 91 -26.20 21.10 -20.08
CA LEU C 91 -26.28 21.15 -18.60
C LEU C 91 -26.10 22.61 -18.16
N ASN C 92 -25.13 23.31 -18.75
CA ASN C 92 -24.88 24.73 -18.41
C ASN C 92 -26.08 25.59 -18.77
N MET C 93 -26.76 25.29 -19.89
CA MET C 93 -28.01 25.96 -20.30
C MET C 93 -29.08 25.70 -19.22
N TYR C 94 -29.16 24.47 -18.74
CA TYR C 94 -30.11 24.08 -17.67
C TYR C 94 -29.77 24.81 -16.36
N LYS C 95 -28.49 25.00 -16.06
CA LYS C 95 -28.03 25.69 -14.83
C LYS C 95 -28.39 27.16 -14.89
N GLU C 96 -28.23 27.80 -16.05
CA GLU C 96 -28.66 29.21 -16.23
C GLU C 96 -30.18 29.27 -16.10
N LEU C 97 -30.89 28.25 -16.56
CA LEU C 97 -32.37 28.16 -16.49
C LEU C 97 -32.82 28.01 -15.03
N ARG C 98 -32.17 27.15 -14.24
CA ARG C 98 -32.42 27.00 -12.78
C ARG C 98 -32.25 28.38 -12.12
N ASP C 99 -31.15 29.06 -12.44
CA ASP C 99 -30.80 30.39 -11.90
C ASP C 99 -31.92 31.40 -12.19
N GLU C 100 -32.57 31.33 -13.36
CA GLU C 100 -33.57 32.33 -13.80
C GLU C 100 -34.92 32.08 -13.13
N TYR C 101 -35.38 30.83 -13.08
CA TYR C 101 -36.80 30.48 -12.76
C TYR C 101 -36.89 29.48 -11.59
N GLY C 102 -35.76 28.95 -11.11
CA GLY C 102 -35.73 27.98 -10.00
C GLY C 102 -36.01 26.54 -10.43
N TYR C 103 -36.25 26.27 -11.72
CA TYR C 103 -36.52 24.90 -12.24
C TYR C 103 -35.32 24.01 -11.92
N GLU C 104 -35.57 22.82 -11.37
CA GLU C 104 -34.50 21.82 -11.12
C GLU C 104 -33.94 21.39 -12.48
N ILE C 105 -32.69 20.89 -12.47
CA ILE C 105 -32.04 20.30 -13.67
C ILE C 105 -32.90 19.11 -14.09
N PRO C 106 -33.48 19.12 -15.32
CA PRO C 106 -34.24 17.98 -15.83
C PRO C 106 -33.40 16.71 -15.90
N ASN C 107 -34.04 15.55 -15.99
CA ASN C 107 -33.36 14.23 -16.06
C ASN C 107 -33.18 13.82 -17.53
N ASN C 108 -33.23 14.76 -18.47
CA ASN C 108 -33.09 14.50 -19.92
C ASN C 108 -32.73 15.79 -20.65
N GLY C 109 -32.21 15.68 -21.88
CA GLY C 109 -31.79 16.83 -22.70
C GLY C 109 -32.69 17.05 -23.89
N TYR C 110 -33.92 16.58 -23.84
CA TYR C 110 -34.87 16.62 -24.97
C TYR C 110 -35.63 17.96 -24.97
N LEU C 111 -35.49 18.76 -26.02
CA LEU C 111 -35.94 20.17 -26.09
C LEU C 111 -37.06 20.37 -27.13
N VAL C 112 -37.74 19.29 -27.55
CA VAL C 112 -38.93 19.37 -28.44
C VAL C 112 -39.95 20.39 -27.86
N LYS C 113 -40.08 20.50 -26.54
CA LYS C 113 -41.02 21.47 -25.94
C LYS C 113 -40.69 22.90 -26.38
N TRP C 114 -39.41 23.25 -26.46
CA TRP C 114 -38.96 24.59 -26.91
C TRP C 114 -39.40 24.79 -28.37
N ALA C 115 -39.15 23.78 -29.22
CA ALA C 115 -39.39 23.86 -30.68
C ALA C 115 -40.89 24.03 -30.96
N GLU C 116 -41.73 23.30 -30.22
CA GLU C 116 -43.22 23.37 -30.32
C GLU C 116 -43.73 24.77 -29.98
N GLN C 117 -42.97 25.61 -29.25
CA GLN C 117 -43.41 26.98 -28.84
C GLN C 117 -42.74 28.05 -29.70
N GLY C 118 -42.01 27.65 -30.74
CA GLY C 118 -41.43 28.58 -31.73
C GLY C 118 -39.94 28.89 -31.50
N VAL C 119 -39.21 28.02 -30.80
CA VAL C 119 -37.71 28.07 -30.71
C VAL C 119 -37.12 27.22 -31.85
N LEU C 120 -36.63 27.85 -32.89
CA LEU C 120 -35.96 27.17 -34.03
C LEU C 120 -34.55 26.79 -33.58
N LEU C 121 -34.34 25.50 -33.32
CA LEU C 121 -33.05 24.98 -32.82
C LEU C 121 -32.21 24.53 -34.03
N LEU C 122 -31.54 25.50 -34.68
CA LEU C 122 -30.88 25.33 -35.98
C LEU C 122 -29.36 25.20 -35.83
N ASN C 123 -28.81 24.03 -36.11
CA ASN C 123 -27.35 23.85 -36.32
C ASN C 123 -27.03 24.50 -37.66
N THR C 124 -25.85 25.09 -37.83
CA THR C 124 -25.38 25.67 -39.12
C THR C 124 -24.98 24.53 -40.07
N VAL C 125 -24.51 23.42 -39.51
CA VAL C 125 -24.16 22.18 -40.26
C VAL C 125 -25.09 21.07 -39.74
N LEU C 126 -25.77 20.34 -40.64
CA LEU C 126 -26.93 19.49 -40.23
C LEU C 126 -26.59 17.99 -40.24
N THR C 127 -25.38 17.59 -40.63
CA THR C 127 -24.91 16.19 -40.51
C THR C 127 -23.49 16.12 -39.97
N VAL C 128 -23.08 14.95 -39.50
CA VAL C 128 -21.71 14.68 -38.97
C VAL C 128 -21.44 13.17 -39.06
N ARG C 129 -20.20 12.81 -39.36
CA ARG C 129 -19.69 11.42 -39.29
C ARG C 129 -19.48 11.10 -37.79
N GLN C 130 -19.84 9.88 -37.37
CA GLN C 130 -19.68 9.37 -35.98
C GLN C 130 -18.26 9.68 -35.47
N SER C 131 -18.15 10.28 -34.29
CA SER C 131 -16.90 10.52 -33.54
C SER C 131 -16.00 11.52 -34.28
N GLU C 132 -16.47 12.23 -35.30
CA GLU C 132 -15.64 13.24 -36.01
C GLU C 132 -16.36 14.58 -36.09
N ALA C 133 -16.27 15.37 -35.02
CA ALA C 133 -16.82 16.74 -35.00
C ALA C 133 -16.29 17.52 -36.20
N ASN C 134 -17.18 18.26 -36.88
CA ASN C 134 -16.87 19.18 -38.00
C ASN C 134 -16.46 18.39 -39.25
N SER C 135 -16.65 17.07 -39.28
CA SER C 135 -16.40 16.25 -40.50
C SER C 135 -17.20 16.76 -41.70
N HIS C 136 -18.37 17.41 -41.52
CA HIS C 136 -19.20 17.88 -42.67
C HIS C 136 -19.21 19.41 -42.77
N LYS C 137 -18.27 20.09 -42.12
CA LYS C 137 -18.02 21.55 -42.31
C LYS C 137 -17.49 21.78 -43.73
N GLY C 138 -17.93 22.85 -44.40
CA GLY C 138 -17.44 23.22 -45.75
C GLY C 138 -17.85 22.24 -46.85
N LYS C 139 -19.00 21.58 -46.70
CA LYS C 139 -19.55 20.64 -47.71
C LYS C 139 -20.78 21.24 -48.40
N GLY C 140 -21.25 22.40 -47.93
CA GLY C 140 -22.36 23.16 -48.52
C GLY C 140 -23.46 23.47 -47.52
N TRP C 141 -23.50 22.82 -46.34
CA TRP C 141 -24.60 22.97 -45.35
C TRP C 141 -24.79 24.43 -44.95
N GLU C 142 -23.72 25.22 -44.87
CA GLU C 142 -23.86 26.63 -44.39
C GLU C 142 -24.43 27.55 -45.49
N HIS C 143 -24.32 27.17 -46.77
CA HIS C 143 -25.09 27.86 -47.85
C HIS C 143 -26.58 27.65 -47.55
N PHE C 144 -26.97 26.43 -47.12
CA PHE C 144 -28.39 26.07 -46.87
C PHE C 144 -28.91 26.79 -45.61
N THR C 145 -28.18 26.73 -44.50
CA THR C 145 -28.60 27.34 -43.21
C THR C 145 -28.43 28.87 -43.28
N ASP C 146 -27.47 29.40 -44.03
CA ASP C 146 -27.42 30.86 -44.34
C ASP C 146 -28.77 31.29 -44.98
N ARG C 147 -29.31 30.50 -45.92
CA ARG C 147 -30.58 30.83 -46.61
C ARG C 147 -31.74 30.84 -45.60
N VAL C 148 -31.77 29.89 -44.66
CA VAL C 148 -32.80 29.86 -43.59
C VAL C 148 -32.75 31.21 -42.84
N ILE C 149 -31.55 31.68 -42.52
CA ILE C 149 -31.35 32.93 -41.73
C ILE C 149 -31.74 34.14 -42.60
N GLU C 150 -31.34 34.17 -43.87
CA GLU C 150 -31.69 35.25 -44.85
C GLU C 150 -33.21 35.43 -44.93
N LEU C 151 -33.95 34.31 -45.03
CA LEU C 151 -35.44 34.28 -45.12
C LEU C 151 -36.03 34.88 -43.84
N LEU C 152 -35.54 34.46 -42.67
CA LEU C 152 -36.04 34.98 -41.36
C LEU C 152 -35.72 36.47 -41.26
N ASN C 153 -34.59 36.90 -41.82
CA ASN C 153 -34.20 38.33 -41.89
C ASN C 153 -35.24 39.11 -42.71
N GLU C 154 -35.71 38.55 -43.83
CA GLU C 154 -36.69 39.22 -44.73
C GLU C 154 -38.08 39.28 -44.08
N ARG C 155 -38.35 38.46 -43.06
CA ARG C 155 -39.68 38.40 -42.38
C ARG C 155 -40.00 39.77 -41.73
N GLU C 156 -41.25 40.21 -41.81
CA GLU C 156 -41.71 41.53 -41.30
C GLU C 156 -41.86 41.42 -39.78
N LYS C 157 -42.53 40.36 -39.30
CA LYS C 157 -42.75 40.08 -37.87
C LYS C 157 -41.37 39.86 -37.24
N PRO C 158 -40.96 40.66 -36.22
CA PRO C 158 -39.62 40.53 -35.65
C PRO C 158 -39.27 39.12 -35.16
N VAL C 159 -38.00 38.74 -35.40
CA VAL C 159 -37.36 37.45 -35.03
C VAL C 159 -36.31 37.75 -33.94
N ILE C 160 -36.25 36.95 -32.88
CA ILE C 160 -35.17 37.02 -31.86
C ILE C 160 -34.08 36.00 -32.24
N PHE C 161 -32.83 36.44 -32.36
CA PHE C 161 -31.64 35.60 -32.65
C PHE C 161 -30.76 35.51 -31.41
N ILE C 162 -30.59 34.30 -30.86
CA ILE C 162 -29.62 34.00 -29.79
C ILE C 162 -28.36 33.44 -30.45
N LEU C 163 -27.25 34.20 -30.35
CA LEU C 163 -25.95 33.88 -30.99
C LEU C 163 -24.93 33.64 -29.88
N TRP C 164 -24.70 32.35 -29.55
CA TRP C 164 -23.73 31.88 -28.53
C TRP C 164 -22.40 31.55 -29.20
N GLY C 165 -21.33 32.28 -28.85
CA GLY C 165 -19.99 32.14 -29.43
C GLY C 165 -19.83 32.94 -30.71
N ARG C 166 -18.59 33.16 -31.11
CA ARG C 166 -18.14 33.97 -32.27
C ARG C 166 -18.67 33.34 -33.58
N HIS C 167 -18.71 32.01 -33.72
CA HIS C 167 -19.11 31.37 -35.01
C HIS C 167 -20.59 31.65 -35.28
N ALA C 168 -21.43 31.52 -34.26
CA ALA C 168 -22.87 31.90 -34.33
C ALA C 168 -22.99 33.42 -34.59
N GLN C 169 -22.18 34.24 -33.91
CA GLN C 169 -22.25 35.73 -33.99
C GLN C 169 -21.82 36.22 -35.38
N ALA C 170 -20.99 35.47 -36.10
CA ALA C 170 -20.53 35.81 -37.48
C ALA C 170 -21.74 35.92 -38.42
N LYS C 171 -22.87 35.30 -38.07
CA LYS C 171 -24.13 35.33 -38.87
C LYS C 171 -24.85 36.68 -38.73
N LYS C 172 -24.40 37.57 -37.85
CA LYS C 172 -24.96 38.95 -37.75
C LYS C 172 -24.92 39.65 -39.13
N LYS C 173 -23.90 39.36 -39.95
CA LYS C 173 -23.73 39.94 -41.31
C LYS C 173 -24.96 39.63 -42.18
N LEU C 174 -25.80 38.64 -41.83
CA LEU C 174 -27.01 38.24 -42.61
C LEU C 174 -28.25 38.93 -42.05
N ILE C 175 -28.17 39.40 -40.81
CA ILE C 175 -29.31 40.00 -40.04
C ILE C 175 -29.23 41.52 -40.19
N THR C 176 -29.53 42.04 -41.39
CA THR C 176 -29.38 43.46 -41.80
C THR C 176 -30.65 44.25 -41.44
N ASN C 177 -31.79 43.57 -41.29
CA ASN C 177 -33.10 44.19 -40.95
C ASN C 177 -33.12 44.56 -39.48
N PRO C 178 -33.20 45.86 -39.13
CA PRO C 178 -33.04 46.33 -37.75
C PRO C 178 -34.22 46.14 -36.80
N ASN C 179 -35.34 45.59 -37.29
CA ASN C 179 -36.53 45.23 -36.48
C ASN C 179 -36.25 43.99 -35.64
N HIS C 180 -35.28 43.16 -36.04
CA HIS C 180 -34.95 41.87 -35.38
C HIS C 180 -34.14 42.15 -34.11
N HIS C 181 -34.28 41.26 -33.12
CA HIS C 181 -33.56 41.32 -31.83
C HIS C 181 -32.40 40.33 -31.86
N ILE C 182 -31.23 40.78 -31.42
CA ILE C 182 -30.01 39.95 -31.30
C ILE C 182 -29.66 39.87 -29.82
N ILE C 183 -29.64 38.66 -29.26
CA ILE C 183 -29.07 38.36 -27.92
C ILE C 183 -27.75 37.60 -28.13
N GLU C 184 -26.67 38.12 -27.55
CA GLU C 184 -25.28 37.61 -27.74
C GLU C 184 -24.63 37.32 -26.40
N SER C 185 -23.81 36.27 -26.36
CA SER C 185 -22.89 35.99 -25.24
C SER C 185 -21.89 34.94 -25.71
N VAL C 186 -20.91 34.64 -24.87
CA VAL C 186 -20.01 33.47 -25.08
C VAL C 186 -20.87 32.19 -25.05
N HIS C 187 -20.30 31.09 -25.49
CA HIS C 187 -20.94 29.77 -25.64
C HIS C 187 -21.12 29.12 -24.26
N PRO C 188 -22.21 28.36 -24.04
CA PRO C 188 -22.40 27.64 -22.77
C PRO C 188 -21.43 26.47 -22.50
N SER C 189 -20.52 26.15 -23.42
CA SER C 189 -19.43 25.15 -23.16
C SER C 189 -18.77 25.43 -21.81
N PRO C 190 -18.44 24.38 -21.02
CA PRO C 190 -17.70 24.57 -19.77
C PRO C 190 -16.39 25.35 -19.94
N LEU C 191 -15.80 25.33 -21.13
CA LEU C 191 -14.51 26.01 -21.41
C LEU C 191 -14.72 27.51 -21.65
N SER C 192 -15.97 27.98 -21.76
CA SER C 192 -16.27 29.43 -21.99
C SER C 192 -17.38 29.97 -21.07
N ALA C 193 -18.25 29.13 -20.49
CA ALA C 193 -19.51 29.54 -19.84
C ALA C 193 -19.26 30.57 -18.72
N ARG C 194 -18.15 30.43 -17.98
CA ARG C 194 -17.83 31.28 -16.80
C ARG C 194 -17.41 32.68 -17.25
N ARG C 195 -17.12 32.91 -18.54
CA ARG C 195 -16.69 34.25 -19.03
C ARG C 195 -17.88 34.98 -19.66
N GLY C 196 -19.10 34.71 -19.20
CA GLY C 196 -20.27 35.57 -19.50
C GLY C 196 -21.57 34.84 -19.78
N PHE C 197 -21.59 33.52 -19.91
CA PHE C 197 -22.85 32.80 -20.22
C PHE C 197 -23.74 32.75 -18.96
N PHE C 198 -23.18 32.31 -17.82
CA PHE C 198 -23.89 32.34 -16.50
C PHE C 198 -24.19 33.80 -16.17
N GLY C 199 -25.47 34.11 -15.87
CA GLY C 199 -25.94 35.47 -15.57
C GLY C 199 -26.38 36.25 -16.81
N SER C 200 -26.24 35.70 -18.02
CA SER C 200 -26.60 36.38 -19.30
C SER C 200 -28.14 36.43 -19.49
N LYS C 201 -28.88 35.61 -18.75
CA LYS C 201 -30.37 35.60 -18.71
C LYS C 201 -30.95 35.64 -20.13
N PRO C 202 -30.61 34.69 -21.02
CA PRO C 202 -31.14 34.69 -22.38
C PRO C 202 -32.66 34.45 -22.40
N TYR C 203 -33.15 33.64 -21.46
CA TYR C 203 -34.55 33.14 -21.46
C TYR C 203 -35.52 34.29 -21.14
N SER C 204 -35.27 35.05 -20.08
CA SER C 204 -36.12 36.18 -19.63
C SER C 204 -35.95 37.37 -20.59
N LYS C 205 -34.76 37.53 -21.19
CA LYS C 205 -34.52 38.58 -22.22
C LYS C 205 -35.47 38.35 -23.41
N VAL C 206 -35.61 37.08 -23.82
CA VAL C 206 -36.51 36.64 -24.91
C VAL C 206 -37.95 36.99 -24.52
N ASN C 207 -38.35 36.58 -23.33
CA ASN C 207 -39.76 36.67 -22.85
C ASN C 207 -40.15 38.13 -22.62
N THR C 208 -39.20 38.96 -22.18
CA THR C 208 -39.38 40.44 -22.07
C THR C 208 -39.71 40.98 -23.46
N ILE C 209 -39.00 40.55 -24.51
CA ILE C 209 -39.22 41.03 -25.90
C ILE C 209 -40.59 40.54 -26.40
N LEU C 210 -40.95 39.30 -26.10
CA LEU C 210 -42.23 38.69 -26.58
C LEU C 210 -43.42 39.39 -25.90
N ALA C 211 -43.30 39.77 -24.63
CA ALA C 211 -44.32 40.55 -23.88
C ALA C 211 -44.50 41.93 -24.53
N ASN C 212 -43.40 42.63 -24.87
CA ASN C 212 -43.42 43.98 -25.49
C ASN C 212 -43.97 43.93 -26.92
N MET C 213 -44.08 42.75 -27.54
CA MET C 213 -44.61 42.60 -28.93
C MET C 213 -46.05 42.07 -28.88
N GLY C 214 -46.58 41.82 -27.67
CA GLY C 214 -47.92 41.26 -27.46
C GLY C 214 -47.99 39.77 -27.80
N GLU C 215 -46.84 39.11 -27.91
CA GLU C 215 -46.74 37.68 -28.30
C GLU C 215 -46.75 36.82 -27.04
N ARG C 216 -47.28 35.60 -27.13
CA ARG C 216 -47.29 34.62 -26.01
C ARG C 216 -45.84 34.35 -25.61
N GLU C 217 -45.55 34.43 -24.31
CA GLU C 217 -44.21 34.13 -23.74
C GLU C 217 -43.95 32.63 -23.86
N ILE C 218 -42.67 32.25 -23.82
CA ILE C 218 -42.19 30.85 -23.91
C ILE C 218 -42.11 30.27 -22.50
N ASP C 219 -42.69 29.07 -22.32
CA ASP C 219 -42.55 28.22 -21.12
C ASP C 219 -41.30 27.37 -21.32
N TRP C 220 -40.19 27.80 -20.71
CA TRP C 220 -38.84 27.20 -20.89
C TRP C 220 -38.71 25.90 -20.09
N GLU C 221 -39.62 25.61 -19.16
CA GLU C 221 -39.46 24.44 -18.25
C GLU C 221 -39.45 23.15 -19.08
N ILE C 222 -38.41 22.33 -18.91
CA ILE C 222 -38.32 20.98 -19.53
C ILE C 222 -38.80 19.97 -18.51
N PRO C 223 -39.85 19.18 -18.83
CA PRO C 223 -40.38 18.18 -17.92
C PRO C 223 -39.43 16.97 -17.81
N ASN C 224 -39.39 16.35 -16.63
CA ASN C 224 -38.74 15.05 -16.42
C ASN C 224 -39.53 13.99 -17.19
N LEU C 225 -38.88 12.86 -17.48
CA LEU C 225 -39.49 11.67 -18.10
C LEU C 225 -39.31 10.47 -17.17
N MET D 1 17.61 -9.00 1.30
CA MET D 1 18.43 -7.82 1.72
C MET D 1 19.49 -8.23 2.75
N GLU D 2 19.39 -9.44 3.32
CA GLU D 2 20.48 -10.01 4.15
C GLU D 2 21.66 -10.38 3.23
N ASN D 3 22.85 -10.47 3.82
CA ASN D 3 24.10 -10.84 3.12
C ASN D 3 24.08 -12.35 2.82
N VAL D 4 23.52 -12.73 1.66
CA VAL D 4 23.42 -14.13 1.14
C VAL D 4 24.63 -14.43 0.23
N LEU D 5 25.65 -13.56 0.21
CA LEU D 5 26.77 -13.66 -0.77
C LEU D 5 27.67 -14.85 -0.41
N LYS D 6 27.80 -15.79 -1.33
CA LYS D 6 28.48 -17.11 -1.12
C LYS D 6 29.96 -17.01 -1.48
N ASN D 7 30.40 -15.94 -2.13
CA ASN D 7 31.79 -15.80 -2.67
C ASN D 7 32.51 -14.69 -1.89
N ASP D 8 33.63 -14.21 -2.43
CA ASP D 8 34.57 -13.26 -1.76
C ASP D 8 33.91 -11.89 -1.54
N TRP D 9 32.80 -11.60 -2.24
CA TRP D 9 31.99 -10.37 -2.02
C TRP D 9 31.43 -10.33 -0.60
N GLY D 10 31.01 -11.50 -0.06
CA GLY D 10 30.46 -11.65 1.31
C GLY D 10 31.31 -10.93 2.36
N PRO D 11 32.55 -11.38 2.64
CA PRO D 11 33.47 -10.66 3.53
C PRO D 11 33.73 -9.20 3.15
N LEU D 12 33.94 -8.93 1.85
CA LEU D 12 34.32 -7.57 1.34
C LEU D 12 33.23 -6.54 1.63
N LEU D 13 31.95 -6.94 1.60
CA LEU D 13 30.79 -6.02 1.70
C LEU D 13 30.10 -6.13 3.08
N ALA D 14 30.56 -7.04 3.95
CA ALA D 14 29.93 -7.32 5.28
C ALA D 14 29.59 -6.03 6.02
N THR D 15 30.54 -5.09 6.11
CA THR D 15 30.40 -3.84 6.90
C THR D 15 29.33 -2.93 6.27
N GLU D 16 29.14 -2.99 4.94
CA GLU D 16 28.11 -2.20 4.22
C GLU D 16 26.72 -2.56 4.74
N PHE D 17 26.45 -3.86 4.94
CA PHE D 17 25.14 -4.40 5.38
C PHE D 17 24.76 -3.91 6.79
N GLU D 18 25.71 -3.45 7.60
CA GLU D 18 25.44 -3.03 9.01
C GLU D 18 25.32 -1.50 9.13
N LYS D 19 25.55 -0.74 8.05
CA LYS D 19 25.53 0.76 8.10
C LYS D 19 24.09 1.26 8.21
N GLU D 20 23.90 2.46 8.75
CA GLU D 20 22.56 3.07 8.96
C GLU D 20 21.82 3.20 7.63
N TYR D 21 22.46 3.74 6.58
CA TYR D 21 21.81 3.97 5.26
C TYR D 21 21.21 2.65 4.78
N TYR D 22 21.93 1.52 4.96
CA TYR D 22 21.51 0.20 4.43
C TYR D 22 20.32 -0.33 5.23
N ARG D 23 20.34 -0.16 6.55
CA ARG D 23 19.25 -0.60 7.44
C ARG D 23 17.96 0.13 7.04
N LYS D 24 18.02 1.43 6.73
CA LYS D 24 16.83 2.26 6.34
C LYS D 24 16.34 1.86 4.94
N LEU D 25 17.27 1.59 4.02
CA LEU D 25 16.96 1.03 2.69
C LEU D 25 16.20 -0.30 2.85
N ALA D 26 16.72 -1.20 3.68
CA ALA D 26 16.16 -2.56 3.93
C ALA D 26 14.75 -2.45 4.53
N ASP D 27 14.51 -1.50 5.45
CA ASP D 27 13.18 -1.24 6.06
C ASP D 27 12.24 -0.77 4.96
N PHE D 28 12.70 0.19 4.15
CA PHE D 28 11.92 0.74 3.02
C PHE D 28 11.53 -0.41 2.09
N LEU D 29 12.47 -1.27 1.73
CA LEU D 29 12.23 -2.35 0.75
C LEU D 29 11.33 -3.44 1.37
N LYS D 30 11.45 -3.71 2.67
CA LYS D 30 10.55 -4.65 3.40
C LYS D 30 9.10 -4.18 3.22
N GLU D 31 8.83 -2.89 3.46
CA GLU D 31 7.48 -2.27 3.28
C GLU D 31 7.07 -2.36 1.79
N GLU D 32 7.98 -1.99 0.88
CA GLU D 32 7.70 -1.92 -0.58
C GLU D 32 7.33 -3.30 -1.11
N TYR D 33 8.04 -4.36 -0.69
CA TYR D 33 7.80 -5.74 -1.20
C TYR D 33 6.48 -6.28 -0.65
N SER D 34 6.02 -5.85 0.54
CA SER D 34 4.72 -6.26 1.15
C SER D 34 3.55 -5.63 0.39
N THR D 35 3.68 -4.33 0.10
CA THR D 35 2.58 -3.45 -0.36
C THR D 35 2.45 -3.48 -1.88
N HIS D 36 3.58 -3.48 -2.60
CA HIS D 36 3.64 -3.34 -4.07
C HIS D 36 4.37 -4.53 -4.68
N VAL D 37 4.27 -4.69 -6.00
CA VAL D 37 5.14 -5.59 -6.79
C VAL D 37 6.48 -4.88 -7.02
N VAL D 38 7.58 -5.47 -6.53
CA VAL D 38 8.96 -4.93 -6.68
C VAL D 38 9.79 -5.96 -7.47
N TYR D 39 10.65 -5.49 -8.38
CA TYR D 39 11.54 -6.35 -9.18
C TYR D 39 12.99 -6.00 -8.86
N PRO D 40 13.93 -6.97 -8.93
CA PRO D 40 13.57 -8.37 -9.16
C PRO D 40 13.05 -9.03 -7.86
N LYS D 41 12.79 -10.34 -7.90
CA LYS D 41 12.46 -11.11 -6.67
C LYS D 41 13.57 -10.87 -5.63
N VAL D 42 13.20 -10.74 -4.36
CA VAL D 42 14.15 -10.40 -3.26
C VAL D 42 15.39 -11.31 -3.32
N GLU D 43 15.24 -12.59 -3.65
CA GLU D 43 16.35 -13.58 -3.66
C GLU D 43 17.29 -13.34 -4.85
N ASP D 44 16.91 -12.49 -5.82
CA ASP D 44 17.71 -12.28 -7.05
C ASP D 44 18.47 -10.95 -6.96
N ILE D 45 18.24 -10.12 -5.95
CA ILE D 45 18.72 -8.71 -5.89
C ILE D 45 20.23 -8.62 -6.16
N PHE D 46 21.02 -9.58 -5.67
CA PHE D 46 22.51 -9.54 -5.65
C PHE D 46 23.12 -10.52 -6.65
N ASN D 47 22.34 -11.04 -7.60
CA ASN D 47 22.79 -12.12 -8.51
C ASN D 47 24.06 -11.72 -9.29
N ALA D 48 24.23 -10.44 -9.64
CA ALA D 48 25.39 -9.96 -10.43
C ALA D 48 26.66 -10.24 -9.63
N LEU D 49 26.65 -9.97 -8.32
CA LEU D 49 27.78 -10.23 -7.41
C LEU D 49 27.93 -11.74 -7.20
N GLN D 50 26.82 -12.47 -7.01
CA GLN D 50 26.79 -13.96 -6.85
C GLN D 50 27.46 -14.66 -8.02
N TYR D 51 27.15 -14.29 -9.26
CA TYR D 51 27.64 -14.95 -10.50
C TYR D 51 29.08 -14.54 -10.82
N THR D 52 29.53 -13.38 -10.35
CA THR D 52 30.79 -12.73 -10.78
C THR D 52 31.52 -12.16 -9.55
N SER D 53 32.48 -12.91 -9.02
CA SER D 53 33.26 -12.61 -7.80
C SER D 53 34.14 -11.39 -8.02
N TYR D 54 34.59 -10.76 -6.94
CA TYR D 54 35.61 -9.69 -6.94
C TYR D 54 36.84 -10.16 -7.74
N GLU D 55 37.34 -11.35 -7.41
CA GLU D 55 38.53 -11.98 -8.03
C GLU D 55 38.33 -12.14 -9.54
N ASN D 56 37.18 -12.69 -9.96
CA ASN D 56 36.92 -13.09 -11.37
C ASN D 56 36.43 -11.93 -12.23
N THR D 57 36.13 -10.77 -11.66
CA THR D 57 35.62 -9.60 -12.42
C THR D 57 36.69 -9.15 -13.41
N LYS D 58 36.36 -9.15 -14.70
CA LYS D 58 37.24 -8.65 -15.79
C LYS D 58 36.66 -7.33 -16.33
N VAL D 59 35.32 -7.30 -16.55
CA VAL D 59 34.63 -6.10 -17.13
C VAL D 59 33.36 -5.85 -16.33
N VAL D 60 33.14 -4.57 -16.00
CA VAL D 60 31.88 -4.06 -15.38
C VAL D 60 31.09 -3.33 -16.47
N ILE D 61 29.83 -3.74 -16.65
CA ILE D 61 28.83 -3.01 -17.50
C ILE D 61 27.75 -2.45 -16.57
N LEU D 62 27.81 -1.14 -16.28
CA LEU D 62 26.82 -0.44 -15.42
C LEU D 62 25.49 -0.26 -16.17
N GLY D 63 24.38 -0.54 -15.49
CA GLY D 63 23.02 -0.15 -15.89
C GLY D 63 22.42 0.85 -14.92
N GLN D 64 21.15 1.20 -15.10
CA GLN D 64 20.38 2.09 -14.19
C GLN D 64 19.77 1.22 -13.10
N ASP D 65 18.48 0.88 -13.26
CA ASP D 65 17.69 0.09 -12.30
C ASP D 65 17.19 -1.12 -13.07
N PRO D 66 16.62 -2.13 -12.38
CA PRO D 66 16.16 -3.33 -13.07
C PRO D 66 15.00 -2.98 -14.02
N TYR D 67 14.82 -3.82 -15.05
CA TYR D 67 13.59 -3.85 -15.86
C TYR D 67 12.42 -3.97 -14.87
N HIS D 68 11.30 -3.31 -15.21
CA HIS D 68 10.21 -2.99 -14.28
C HIS D 68 8.92 -3.70 -14.71
N GLY D 69 9.03 -4.70 -15.60
CA GLY D 69 7.90 -5.52 -16.08
C GLY D 69 8.00 -6.98 -15.59
N PRO D 70 6.90 -7.75 -15.63
CA PRO D 70 6.90 -9.13 -15.13
C PRO D 70 7.86 -10.04 -15.90
N ASN D 71 8.57 -10.90 -15.16
CA ASN D 71 9.46 -11.99 -15.66
C ASN D 71 10.66 -11.41 -16.42
N GLN D 72 10.98 -10.13 -16.24
CA GLN D 72 12.10 -9.48 -16.96
C GLN D 72 13.39 -9.59 -16.12
N ALA D 73 13.50 -8.78 -15.07
CA ALA D 73 14.72 -8.63 -14.25
C ALA D 73 14.98 -9.92 -13.45
N HIS D 74 16.25 -10.25 -13.25
CA HIS D 74 16.73 -11.38 -12.42
C HIS D 74 18.08 -11.02 -11.79
N GLY D 75 18.33 -9.72 -11.55
CA GLY D 75 19.47 -9.22 -10.77
C GLY D 75 20.71 -8.95 -11.61
N LEU D 76 20.61 -8.96 -12.94
CA LEU D 76 21.73 -8.56 -13.84
C LEU D 76 21.31 -7.31 -14.62
N SER D 77 22.24 -6.36 -14.80
CA SER D 77 22.06 -5.25 -15.76
C SER D 77 21.90 -5.83 -17.18
N PHE D 78 20.91 -5.33 -17.92
CA PHE D 78 20.66 -5.54 -19.38
C PHE D 78 19.99 -6.89 -19.63
N SER D 79 20.29 -7.92 -18.85
CA SER D 79 19.77 -9.30 -19.05
C SER D 79 18.28 -9.35 -18.76
N VAL D 80 17.54 -10.17 -19.51
CA VAL D 80 16.16 -10.58 -19.15
C VAL D 80 16.11 -12.11 -19.12
N GLN D 81 15.23 -12.67 -18.29
CA GLN D 81 14.95 -14.12 -18.22
C GLN D 81 14.57 -14.64 -19.60
N PRO D 82 14.82 -15.94 -19.88
CA PRO D 82 14.35 -16.54 -21.14
C PRO D 82 12.81 -16.49 -21.13
N GLY D 83 12.20 -16.38 -22.32
CA GLY D 83 10.73 -16.37 -22.48
C GLY D 83 10.12 -15.00 -22.73
N VAL D 84 10.83 -13.90 -22.45
CA VAL D 84 10.31 -12.51 -22.69
C VAL D 84 11.06 -11.89 -23.87
N LYS D 85 10.43 -10.89 -24.50
CA LYS D 85 11.03 -10.16 -25.64
C LYS D 85 12.31 -9.45 -25.16
N THR D 86 13.31 -9.39 -26.02
CA THR D 86 14.57 -8.65 -25.77
C THR D 86 14.28 -7.15 -25.78
N PRO D 87 14.53 -6.41 -24.68
CA PRO D 87 14.40 -4.95 -24.69
C PRO D 87 15.24 -4.29 -25.78
N PRO D 88 14.74 -3.19 -26.40
CA PRO D 88 15.47 -2.54 -27.49
C PRO D 88 16.94 -2.20 -27.18
N SER D 89 17.25 -1.79 -25.96
CA SER D 89 18.65 -1.53 -25.52
C SER D 89 19.49 -2.78 -25.73
N LEU D 90 18.98 -3.94 -25.30
CA LEU D 90 19.74 -5.21 -25.42
C LEU D 90 19.81 -5.64 -26.89
N LEU D 91 18.73 -5.44 -27.66
CA LEU D 91 18.69 -5.78 -29.09
C LEU D 91 19.81 -5.02 -29.81
N ASN D 92 19.98 -3.74 -29.49
CA ASN D 92 21.02 -2.91 -30.11
C ASN D 92 22.40 -3.43 -29.71
N MET D 93 22.56 -3.90 -28.48
CA MET D 93 23.81 -4.54 -28.00
C MET D 93 24.07 -5.81 -28.84
N TYR D 94 23.02 -6.59 -29.09
CA TYR D 94 23.09 -7.81 -29.93
C TYR D 94 23.46 -7.45 -31.38
N LYS D 95 22.94 -6.33 -31.89
CA LYS D 95 23.19 -5.87 -33.29
C LYS D 95 24.67 -5.46 -33.41
N GLU D 96 25.21 -4.76 -32.43
CA GLU D 96 26.64 -4.37 -32.42
C GLU D 96 27.49 -5.66 -32.32
N LEU D 97 27.00 -6.66 -31.59
CA LEU D 97 27.69 -7.97 -31.43
C LEU D 97 27.69 -8.73 -32.77
N ARG D 98 26.54 -8.79 -33.47
CA ARG D 98 26.45 -9.39 -34.84
C ARG D 98 27.48 -8.70 -35.75
N ASP D 99 27.51 -7.36 -35.71
CA ASP D 99 28.43 -6.53 -36.53
C ASP D 99 29.89 -6.91 -36.27
N GLU D 100 30.26 -7.24 -35.03
CA GLU D 100 31.66 -7.50 -34.64
C GLU D 100 32.10 -8.92 -35.05
N TYR D 101 31.26 -9.94 -34.81
CA TYR D 101 31.66 -11.36 -34.86
C TYR D 101 30.77 -12.17 -35.82
N GLY D 102 29.68 -11.59 -36.32
CA GLY D 102 28.76 -12.28 -37.24
C GLY D 102 27.72 -13.14 -36.53
N TYR D 103 27.71 -13.21 -35.20
CA TYR D 103 26.73 -13.98 -34.41
C TYR D 103 25.31 -13.49 -34.73
N GLU D 104 24.40 -14.43 -35.01
CA GLU D 104 22.96 -14.13 -35.22
C GLU D 104 22.40 -13.48 -33.95
N ILE D 105 21.34 -12.68 -34.08
CA ILE D 105 20.54 -12.17 -32.93
C ILE D 105 19.99 -13.39 -32.21
N PRO D 106 20.36 -13.62 -30.93
CA PRO D 106 19.80 -14.72 -30.15
C PRO D 106 18.28 -14.62 -30.01
N ASN D 107 17.63 -15.72 -29.63
CA ASN D 107 16.17 -15.80 -29.40
C ASN D 107 15.85 -15.53 -27.92
N ASN D 108 16.75 -14.89 -27.19
CA ASN D 108 16.59 -14.61 -25.74
C ASN D 108 17.55 -13.49 -25.32
N GLY D 109 17.28 -12.86 -24.18
CA GLY D 109 18.11 -11.76 -23.63
C GLY D 109 18.85 -12.18 -22.39
N TYR D 110 19.08 -13.49 -22.19
CA TYR D 110 19.67 -14.05 -20.96
C TYR D 110 21.20 -14.03 -21.07
N LEU D 111 21.88 -13.30 -20.16
CA LEU D 111 23.33 -12.97 -20.27
C LEU D 111 24.15 -13.63 -19.15
N VAL D 112 23.61 -14.65 -18.49
CA VAL D 112 24.35 -15.43 -17.44
C VAL D 112 25.69 -15.93 -18.01
N LYS D 113 25.77 -16.28 -19.29
CA LYS D 113 27.05 -16.76 -19.89
C LYS D 113 28.12 -15.65 -19.78
N TRP D 114 27.75 -14.38 -19.97
CA TRP D 114 28.70 -13.25 -19.79
C TRP D 114 29.20 -13.21 -18.34
N ALA D 115 28.28 -13.31 -17.38
CA ALA D 115 28.56 -13.17 -15.94
C ALA D 115 29.52 -14.28 -15.48
N GLU D 116 29.28 -15.50 -15.94
CA GLU D 116 30.11 -16.70 -15.66
C GLU D 116 31.55 -16.51 -16.16
N GLN D 117 31.82 -15.61 -17.11
CA GLN D 117 33.18 -15.39 -17.69
C GLN D 117 33.79 -14.10 -17.14
N GLY D 118 33.17 -13.49 -16.15
CA GLY D 118 33.73 -12.34 -15.42
C GLY D 118 33.19 -10.99 -15.87
N VAL D 119 32.01 -10.94 -16.50
CA VAL D 119 31.28 -9.67 -16.81
C VAL D 119 30.34 -9.35 -15.64
N LEU D 120 30.72 -8.40 -14.81
CA LEU D 120 29.88 -7.96 -13.66
C LEU D 120 28.78 -7.05 -14.22
N LEU D 121 27.56 -7.56 -14.29
CA LEU D 121 26.41 -6.83 -14.86
C LEU D 121 25.67 -6.10 -13.75
N LEU D 122 26.20 -4.93 -13.36
CA LEU D 122 25.83 -4.19 -12.13
C LEU D 122 24.94 -3.00 -12.49
N ASN D 123 23.66 -3.05 -12.10
CA ASN D 123 22.79 -1.85 -12.05
C ASN D 123 23.28 -0.99 -10.89
N THR D 124 23.18 0.32 -10.97
CA THR D 124 23.55 1.25 -9.86
C THR D 124 22.44 1.25 -8.81
N VAL D 125 21.20 0.98 -9.24
CA VAL D 125 20.02 0.80 -8.34
C VAL D 125 19.51 -0.63 -8.55
N LEU D 126 19.30 -1.41 -7.48
CA LEU D 126 19.11 -2.88 -7.59
C LEU D 126 17.65 -3.31 -7.40
N THR D 127 16.72 -2.39 -7.12
CA THR D 127 15.25 -2.69 -7.08
C THR D 127 14.46 -1.60 -7.81
N VAL D 128 13.21 -1.91 -8.15
CA VAL D 128 12.26 -0.96 -8.81
C VAL D 128 10.82 -1.42 -8.54
N ARG D 129 9.90 -0.47 -8.38
CA ARG D 129 8.44 -0.74 -8.33
C ARG D 129 7.98 -1.03 -9.77
N GLN D 130 7.11 -2.02 -9.95
CA GLN D 130 6.49 -2.40 -11.25
C GLN D 130 6.03 -1.14 -12.01
N SER D 131 6.47 -0.99 -13.26
CA SER D 131 6.08 0.05 -14.23
C SER D 131 6.39 1.47 -13.74
N GLU D 132 7.32 1.63 -12.80
CA GLU D 132 7.80 2.98 -12.38
C GLU D 132 9.33 3.02 -12.40
N ALA D 133 9.90 3.31 -13.56
CA ALA D 133 11.36 3.52 -13.71
C ALA D 133 11.83 4.57 -12.71
N ASN D 134 12.95 4.28 -12.02
CA ASN D 134 13.63 5.20 -11.08
C ASN D 134 12.79 5.43 -9.82
N SER D 135 11.77 4.61 -9.56
CA SER D 135 10.99 4.63 -8.30
C SER D 135 11.92 4.44 -7.09
N HIS D 136 13.06 3.74 -7.22
CA HIS D 136 13.97 3.46 -6.07
C HIS D 136 15.30 4.23 -6.21
N LYS D 137 15.34 5.26 -7.05
CA LYS D 137 16.48 6.23 -7.14
C LYS D 137 16.54 7.00 -5.80
N GLY D 138 17.73 7.27 -5.26
CA GLY D 138 17.95 8.09 -4.05
C GLY D 138 17.39 7.44 -2.77
N LYS D 139 17.41 6.12 -2.66
CA LYS D 139 16.89 5.39 -1.47
C LYS D 139 18.05 4.76 -0.68
N GLY D 140 19.28 4.81 -1.20
CA GLY D 140 20.49 4.26 -0.55
C GLY D 140 21.26 3.29 -1.45
N TRP D 141 20.65 2.76 -2.52
CA TRP D 141 21.26 1.72 -3.37
C TRP D 141 22.60 2.20 -3.95
N GLU D 142 22.74 3.49 -4.28
CA GLU D 142 23.96 3.98 -4.96
C GLU D 142 25.11 4.14 -3.94
N HIS D 143 24.83 4.27 -2.64
CA HIS D 143 25.88 4.16 -1.60
C HIS D 143 26.48 2.74 -1.69
N PHE D 144 25.62 1.73 -1.87
CA PHE D 144 26.02 0.31 -1.91
C PHE D 144 26.79 0.01 -3.20
N THR D 145 26.27 0.39 -4.37
CA THR D 145 26.89 0.10 -5.69
C THR D 145 28.12 1.00 -5.89
N ASP D 146 28.14 2.23 -5.36
CA ASP D 146 29.38 3.04 -5.31
C ASP D 146 30.49 2.24 -4.59
N ARG D 147 30.17 1.56 -3.48
CA ARG D 147 31.16 0.79 -2.68
C ARG D 147 31.72 -0.36 -3.52
N VAL D 148 30.86 -1.04 -4.28
CA VAL D 148 31.28 -2.15 -5.19
C VAL D 148 32.32 -1.59 -6.17
N ILE D 149 32.09 -0.40 -6.71
CA ILE D 149 32.97 0.24 -7.73
C ILE D 149 34.28 0.66 -7.04
N GLU D 150 34.19 1.28 -5.84
CA GLU D 150 35.36 1.72 -5.03
C GLU D 150 36.31 0.54 -4.77
N LEU D 151 35.75 -0.60 -4.38
CA LEU D 151 36.50 -1.86 -4.09
C LEU D 151 37.23 -2.31 -5.37
N LEU D 152 36.53 -2.34 -6.50
CA LEU D 152 37.13 -2.76 -7.81
C LEU D 152 38.23 -1.77 -8.19
N ASN D 153 38.05 -0.49 -7.86
CA ASN D 153 39.08 0.56 -8.07
C ASN D 153 40.34 0.23 -7.27
N GLU D 154 40.20 -0.22 -6.02
CA GLU D 154 41.35 -0.54 -5.11
C GLU D 154 42.05 -1.82 -5.57
N ARG D 155 41.42 -2.65 -6.42
CA ARG D 155 42.00 -3.93 -6.90
C ARG D 155 43.28 -3.65 -7.71
N GLU D 156 44.31 -4.48 -7.55
CA GLU D 156 45.63 -4.30 -8.21
C GLU D 156 45.52 -4.80 -9.65
N LYS D 157 44.93 -5.98 -9.85
CA LYS D 157 44.69 -6.55 -11.21
C LYS D 157 43.74 -5.59 -11.94
N PRO D 158 44.14 -5.02 -13.11
CA PRO D 158 43.29 -4.10 -13.85
C PRO D 158 41.86 -4.62 -14.11
N VAL D 159 40.91 -3.69 -13.98
CA VAL D 159 39.44 -3.87 -14.21
C VAL D 159 39.09 -3.04 -15.45
N ILE D 160 38.31 -3.61 -16.37
CA ILE D 160 37.73 -2.88 -17.53
C ILE D 160 36.32 -2.39 -17.15
N PHE D 161 36.06 -1.09 -17.27
CA PHE D 161 34.74 -0.47 -17.01
C PHE D 161 34.11 -0.03 -18.34
N ILE D 162 32.96 -0.60 -18.72
CA ILE D 162 32.12 -0.13 -19.86
C ILE D 162 31.04 0.81 -19.31
N LEU D 163 31.12 2.10 -19.66
CA LEU D 163 30.25 3.19 -19.17
C LEU D 163 29.44 3.73 -20.35
N TRP D 164 28.20 3.26 -20.49
CA TRP D 164 27.23 3.64 -21.55
C TRP D 164 26.32 4.76 -21.04
N GLY D 165 26.38 5.95 -21.65
CA GLY D 165 25.63 7.15 -21.26
C GLY D 165 26.30 7.91 -20.13
N ARG D 166 25.89 9.16 -19.93
CA ARG D 166 26.47 10.14 -18.98
C ARG D 166 26.31 9.64 -17.54
N HIS D 167 25.19 8.99 -17.18
CA HIS D 167 24.91 8.61 -15.76
C HIS D 167 25.92 7.54 -15.34
N ALA D 168 26.17 6.55 -16.19
CA ALA D 168 27.22 5.53 -15.98
C ALA D 168 28.60 6.19 -15.98
N GLN D 169 28.86 7.13 -16.89
CA GLN D 169 30.18 7.81 -17.04
C GLN D 169 30.49 8.70 -15.83
N ALA D 170 29.48 9.20 -15.13
CA ALA D 170 29.64 10.03 -13.92
C ALA D 170 30.39 9.26 -12.84
N LYS D 171 30.38 7.91 -12.90
CA LYS D 171 31.09 7.04 -11.92
C LYS D 171 32.60 7.02 -12.17
N LYS D 172 33.10 7.65 -13.25
CA LYS D 172 34.57 7.82 -13.46
C LYS D 172 35.21 8.48 -12.24
N LYS D 173 34.50 9.37 -11.53
CA LYS D 173 34.97 10.08 -10.31
C LYS D 173 35.41 9.04 -9.24
N LEU D 174 34.96 7.79 -9.31
CA LEU D 174 35.29 6.73 -8.31
C LEU D 174 36.48 5.90 -8.79
N ILE D 175 36.77 5.95 -10.10
CA ILE D 175 37.80 5.13 -10.79
C ILE D 175 39.06 5.99 -10.91
N THR D 176 39.73 6.25 -9.78
CA THR D 176 40.89 7.16 -9.64
C THR D 176 42.20 6.43 -9.96
N ASN D 177 42.23 5.10 -9.84
CA ASN D 177 43.41 4.25 -10.14
C ASN D 177 43.61 4.15 -11.65
N PRO D 178 44.72 4.68 -12.20
CA PRO D 178 44.92 4.78 -13.65
C PRO D 178 45.33 3.50 -14.40
N ASN D 179 45.51 2.38 -13.67
CA ASN D 179 45.78 1.04 -14.26
C ASN D 179 44.51 0.46 -14.88
N HIS D 180 43.33 0.93 -14.46
CA HIS D 180 42.02 0.42 -14.94
C HIS D 180 41.73 0.97 -16.34
N HIS D 181 40.98 0.21 -17.14
CA HIS D 181 40.56 0.58 -18.51
C HIS D 181 39.12 1.06 -18.49
N ILE D 182 38.86 2.18 -19.14
CA ILE D 182 37.51 2.79 -19.27
C ILE D 182 37.14 2.75 -20.75
N ILE D 183 36.06 2.06 -21.09
CA ILE D 183 35.43 2.07 -22.43
C ILE D 183 34.13 2.86 -22.32
N GLU D 184 33.96 3.89 -23.14
CA GLU D 184 32.86 4.90 -23.05
C GLU D 184 32.19 5.03 -24.42
N SER D 185 30.88 5.25 -24.41
CA SER D 185 30.09 5.70 -25.57
C SER D 185 28.72 6.13 -25.07
N VAL D 186 27.90 6.68 -25.96
CA VAL D 186 26.46 6.91 -25.71
C VAL D 186 25.78 5.56 -25.44
N HIS D 187 24.57 5.60 -24.91
CA HIS D 187 23.78 4.42 -24.46
C HIS D 187 23.23 3.66 -25.67
N PRO D 188 23.13 2.31 -25.61
CA PRO D 188 22.52 1.54 -26.69
C PRO D 188 21.00 1.72 -26.92
N SER D 189 20.31 2.53 -26.10
CA SER D 189 18.89 2.89 -26.35
C SER D 189 18.71 3.30 -27.81
N PRO D 190 17.60 2.91 -28.48
CA PRO D 190 17.30 3.36 -29.84
C PRO D 190 17.30 4.88 -30.00
N LEU D 191 17.05 5.62 -28.92
CA LEU D 191 16.98 7.10 -28.96
C LEU D 191 18.38 7.71 -28.96
N SER D 192 19.44 6.93 -28.72
CA SER D 192 20.84 7.45 -28.64
C SER D 192 21.84 6.59 -29.44
N ALA D 193 21.52 5.33 -29.77
CA ALA D 193 22.49 4.34 -30.31
C ALA D 193 23.18 4.84 -31.59
N ARG D 194 22.47 5.58 -32.46
CA ARG D 194 23.01 6.08 -33.75
C ARG D 194 24.01 7.21 -33.54
N ARG D 195 24.13 7.79 -32.34
CA ARG D 195 25.07 8.91 -32.04
C ARG D 195 26.41 8.36 -31.51
N GLY D 196 26.75 7.09 -31.77
CA GLY D 196 28.09 6.56 -31.47
C GLY D 196 28.13 5.16 -30.90
N PHE D 197 26.99 4.52 -30.56
CA PHE D 197 27.02 3.16 -29.96
C PHE D 197 27.35 2.14 -31.06
N PHE D 198 26.64 2.17 -32.19
CA PHE D 198 26.95 1.31 -33.38
C PHE D 198 28.33 1.69 -33.88
N GLY D 199 29.22 0.70 -34.04
CA GLY D 199 30.62 0.88 -34.48
C GLY D 199 31.58 1.15 -33.33
N SER D 200 31.11 1.21 -32.08
CA SER D 200 31.94 1.50 -30.87
C SER D 200 32.77 0.26 -30.48
N LYS D 201 32.39 -0.93 -30.98
CA LYS D 201 33.13 -2.20 -30.80
C LYS D 201 33.58 -2.38 -29.34
N PRO D 202 32.64 -2.37 -28.37
CA PRO D 202 33.03 -2.52 -26.96
C PRO D 202 33.58 -3.94 -26.70
N TYR D 203 33.08 -4.94 -27.41
CA TYR D 203 33.36 -6.37 -27.13
C TYR D 203 34.83 -6.68 -27.49
N SER D 204 35.26 -6.31 -28.70
CA SER D 204 36.64 -6.57 -29.20
C SER D 204 37.64 -5.67 -28.49
N LYS D 205 37.23 -4.46 -28.08
CA LYS D 205 38.08 -3.55 -27.28
C LYS D 205 38.43 -4.20 -25.95
N VAL D 206 37.44 -4.86 -25.32
CA VAL D 206 37.61 -5.61 -24.04
C VAL D 206 38.62 -6.73 -24.29
N ASN D 207 38.38 -7.53 -25.33
CA ASN D 207 39.15 -8.78 -25.60
C ASN D 207 40.58 -8.43 -26.03
N THR D 208 40.77 -7.31 -26.72
CA THR D 208 42.11 -6.76 -27.06
C THR D 208 42.86 -6.49 -25.75
N ILE D 209 42.21 -5.88 -24.76
CA ILE D 209 42.85 -5.54 -23.45
C ILE D 209 43.17 -6.84 -22.70
N LEU D 210 42.24 -7.81 -22.70
CA LEU D 210 42.42 -9.10 -21.96
C LEU D 210 43.58 -9.91 -22.58
N ALA D 211 43.75 -9.87 -23.90
CA ALA D 211 44.88 -10.51 -24.62
C ALA D 211 46.20 -9.86 -24.21
N ASN D 212 46.26 -8.52 -24.16
CA ASN D 212 47.47 -7.73 -23.77
C ASN D 212 47.82 -7.94 -22.29
N MET D 213 46.93 -8.48 -21.48
CA MET D 213 47.18 -8.74 -20.03
C MET D 213 47.47 -10.23 -19.80
N GLY D 214 47.42 -11.03 -20.87
CA GLY D 214 47.65 -12.50 -20.82
C GLY D 214 46.45 -13.24 -20.27
N GLU D 215 45.30 -12.57 -20.15
CA GLU D 215 44.07 -13.12 -19.53
C GLU D 215 43.21 -13.77 -20.61
N ARG D 216 42.43 -14.78 -20.24
CA ARG D 216 41.54 -15.49 -21.18
C ARG D 216 40.53 -14.47 -21.73
N GLU D 217 40.35 -14.46 -23.06
CA GLU D 217 39.35 -13.60 -23.75
C GLU D 217 37.95 -14.10 -23.41
N ILE D 218 36.95 -13.22 -23.53
CA ILE D 218 35.50 -13.50 -23.29
C ILE D 218 34.87 -14.01 -24.58
N ASP D 219 34.13 -15.11 -24.46
CA ASP D 219 33.25 -15.65 -25.52
C ASP D 219 31.88 -14.96 -25.36
N TRP D 220 31.64 -13.93 -26.17
CA TRP D 220 30.47 -13.04 -26.10
C TRP D 220 29.23 -13.71 -26.69
N GLU D 221 29.38 -14.82 -27.43
CA GLU D 221 28.24 -15.44 -28.15
C GLU D 221 27.18 -15.87 -27.15
N ILE D 222 25.94 -15.42 -27.34
CA ILE D 222 24.78 -15.89 -26.55
C ILE D 222 24.09 -16.98 -27.35
N PRO D 223 23.99 -18.21 -26.81
CA PRO D 223 23.35 -19.31 -27.53
C PRO D 223 21.82 -19.13 -27.53
N ASN D 224 21.17 -19.63 -28.58
CA ASN D 224 19.69 -19.80 -28.59
C ASN D 224 19.32 -20.84 -27.54
N LEU D 225 18.08 -20.80 -27.06
CA LEU D 225 17.52 -21.78 -26.10
C LEU D 225 16.27 -22.42 -26.71
N MET E 1 9.66 -11.01 7.02
CA MET E 1 9.44 -11.79 5.75
C MET E 1 10.74 -12.51 5.38
N GLU E 2 10.64 -13.45 4.45
CA GLU E 2 11.81 -14.16 3.90
C GLU E 2 12.66 -13.15 3.11
N GLY E 3 13.98 -13.15 3.40
CA GLY E 3 15.00 -12.26 2.82
C GLY E 3 15.28 -11.04 3.69
N PHE E 4 14.49 -10.82 4.74
CA PHE E 4 14.61 -9.62 5.62
C PHE E 4 14.92 -10.06 7.06
N LYS E 5 15.70 -9.25 7.78
CA LYS E 5 15.99 -9.48 9.22
C LYS E 5 14.69 -9.29 10.02
N ASP E 6 14.44 -10.20 10.96
CA ASP E 6 13.32 -10.05 11.92
C ASP E 6 13.52 -8.78 12.72
N SER E 7 12.42 -8.16 13.12
CA SER E 7 12.40 -7.02 14.08
C SER E 7 11.30 -7.16 15.15
N TYR E 8 11.55 -6.55 16.31
CA TYR E 8 10.75 -6.72 17.56
C TYR E 8 10.27 -5.38 18.11
N THR E 9 9.05 -5.37 18.63
CA THR E 9 8.58 -4.38 19.61
C THR E 9 9.11 -4.82 20.98
N LEU E 10 9.67 -3.89 21.74
CA LEU E 10 10.19 -4.14 23.10
C LEU E 10 9.46 -3.22 24.08
N ILE E 11 8.78 -3.80 25.07
CA ILE E 11 8.16 -3.06 26.20
C ILE E 11 8.75 -3.58 27.49
N TYR E 12 9.28 -2.72 28.34
CA TYR E 12 9.82 -3.16 29.66
C TYR E 12 9.58 -2.09 30.71
N VAL E 13 9.51 -2.54 31.96
CA VAL E 13 9.28 -1.72 33.17
C VAL E 13 10.33 -2.14 34.19
N THR E 14 11.09 -1.19 34.73
CA THR E 14 12.14 -1.44 35.73
C THR E 14 11.84 -0.60 36.98
N ARG E 15 12.48 -0.96 38.08
CA ARG E 15 12.39 -0.26 39.38
C ARG E 15 13.81 -0.22 39.98
N ASP E 16 14.30 0.96 40.37
CA ASP E 16 15.65 1.12 40.99
C ASP E 16 15.54 0.87 42.50
N GLU E 17 16.64 1.02 43.23
CA GLU E 17 16.72 0.69 44.68
C GLU E 17 15.89 1.68 45.50
N GLU E 18 15.72 2.93 45.01
CA GLU E 18 14.86 3.96 45.68
C GLU E 18 13.35 3.65 45.46
N GLY E 19 13.00 2.74 44.53
CA GLY E 19 11.59 2.41 44.22
C GLY E 19 11.04 3.24 43.06
N LYS E 20 11.87 4.07 42.41
CA LYS E 20 11.49 4.85 41.21
C LYS E 20 11.38 3.90 40.01
N MET E 21 10.40 4.14 39.14
CA MET E 21 9.97 3.20 38.08
C MET E 21 10.07 3.83 36.69
N PHE E 22 10.43 3.02 35.69
CA PHE E 22 10.70 3.44 34.30
C PHE E 22 9.89 2.53 33.37
N ASP E 23 9.16 3.12 32.42
CA ASP E 23 8.47 2.38 31.35
C ASP E 23 9.07 2.82 30.02
N ILE E 24 9.52 1.86 29.22
CA ILE E 24 10.10 2.11 27.87
C ILE E 24 9.36 1.23 26.86
N LYS E 25 9.02 1.80 25.71
CA LYS E 25 8.49 1.09 24.53
C LYS E 25 9.35 1.42 23.32
N LEU E 26 9.97 0.43 22.70
CA LEU E 26 10.79 0.57 21.48
C LEU E 26 10.15 -0.26 20.38
N GLU E 27 10.30 0.14 19.11
CA GLU E 27 9.84 -0.63 17.93
C GLU E 27 11.02 -0.87 16.99
N ASN E 28 10.90 -1.81 16.05
CA ASN E 28 11.89 -2.05 14.98
C ASN E 28 13.26 -2.38 15.58
N GLN E 29 13.30 -3.13 16.69
CA GLN E 29 14.57 -3.58 17.32
C GLN E 29 14.94 -4.95 16.74
N THR E 30 16.20 -5.15 16.36
CA THR E 30 16.72 -6.50 16.04
C THR E 30 16.75 -7.33 17.33
N LYS E 31 16.75 -8.64 17.19
CA LYS E 31 16.95 -9.61 18.30
C LYS E 31 18.17 -9.16 19.10
N GLU E 32 19.29 -8.90 18.40
CA GLU E 32 20.59 -8.55 19.04
C GLU E 32 20.44 -7.26 19.84
N GLU E 33 19.73 -6.26 19.31
CA GLU E 33 19.54 -4.96 20.02
C GLU E 33 18.77 -5.20 21.32
N CYS E 34 17.75 -6.07 21.30
CA CYS E 34 16.96 -6.41 22.50
C CYS E 34 17.87 -7.08 23.55
N GLU E 35 18.79 -7.94 23.08
CA GLU E 35 19.70 -8.69 23.96
C GLU E 35 20.70 -7.71 24.59
N ILE E 36 21.22 -6.77 23.81
CA ILE E 36 22.13 -5.71 24.31
C ILE E 36 21.40 -4.88 25.36
N ILE E 37 20.16 -4.46 25.09
CA ILE E 37 19.38 -3.63 26.05
C ILE E 37 19.18 -4.41 27.35
N TYR E 38 18.81 -5.69 27.26
CA TYR E 38 18.58 -6.57 28.44
C TYR E 38 19.84 -6.60 29.32
N GLY E 39 21.00 -6.68 28.68
CA GLY E 39 22.30 -6.77 29.36
C GLY E 39 22.72 -5.48 30.03
N MET E 40 22.09 -4.35 29.67
CA MET E 40 22.41 -3.02 30.24
C MET E 40 21.60 -2.74 31.50
N ILE E 41 20.56 -3.54 31.77
CA ILE E 41 19.62 -3.28 32.90
C ILE E 41 20.19 -3.84 34.19
N THR E 42 20.42 -2.96 35.18
CA THR E 42 20.90 -3.31 36.54
C THR E 42 19.74 -3.17 37.53
N ASP E 43 18.74 -2.34 37.21
CA ASP E 43 17.52 -2.15 38.02
C ASP E 43 16.74 -3.47 38.02
N GLU E 44 15.77 -3.58 38.91
CA GLU E 44 14.83 -4.73 38.97
C GLU E 44 13.93 -4.69 37.74
N ILE E 45 13.81 -5.80 37.03
CA ILE E 45 12.86 -5.98 35.89
C ILE E 45 11.50 -6.41 36.45
N LEU E 46 10.47 -5.59 36.25
CA LEU E 46 9.05 -5.90 36.56
C LEU E 46 8.40 -6.56 35.34
N ILE E 47 8.62 -5.99 34.15
CA ILE E 47 8.15 -6.56 32.85
C ILE E 47 9.25 -6.47 31.81
N TRP E 48 9.42 -7.55 31.05
CA TRP E 48 10.24 -7.62 29.81
C TRP E 48 9.38 -8.34 28.78
N ASN E 49 8.97 -7.62 27.74
CA ASN E 49 8.09 -8.14 26.68
C ASN E 49 8.67 -7.83 25.30
N MET E 50 9.25 -8.83 24.63
CA MET E 50 9.70 -8.81 23.22
C MET E 50 8.60 -9.44 22.36
N ILE E 51 8.16 -8.75 21.32
CA ILE E 51 7.09 -9.25 20.40
C ILE E 51 7.57 -9.09 18.95
N LEU E 52 7.64 -10.18 18.22
CA LEU E 52 8.01 -10.17 16.78
C LEU E 52 6.98 -9.34 16.01
N GLU E 53 7.47 -8.41 15.18
CA GLU E 53 6.65 -7.55 14.28
C GLU E 53 6.38 -8.33 12.98
N GLY E 54 5.13 -8.48 12.61
CA GLY E 54 4.70 -9.28 11.44
C GLY E 54 4.94 -10.76 11.68
N MET E 55 4.36 -11.32 12.75
CA MET E 55 4.41 -12.76 13.06
C MET E 55 3.81 -13.58 11.91
N PHE E 56 2.78 -13.05 11.24
CA PHE E 56 2.04 -13.76 10.18
C PHE E 56 1.92 -12.85 8.96
N MET F 1 -10.60 6.25 -10.76
CA MET F 1 -10.93 5.11 -9.89
C MET F 1 -12.42 5.12 -9.55
N GLU F 2 -13.07 3.96 -9.62
CA GLU F 2 -14.52 3.74 -9.45
C GLU F 2 -14.95 4.23 -8.05
N GLY F 3 -15.90 5.17 -7.95
CA GLY F 3 -16.45 5.74 -6.71
C GLY F 3 -15.79 7.04 -6.30
N PHE F 4 -14.72 7.46 -6.98
CA PHE F 4 -13.93 8.67 -6.65
C PHE F 4 -13.96 9.67 -7.81
N LYS F 5 -13.89 10.96 -7.49
CA LYS F 5 -13.77 12.06 -8.48
C LYS F 5 -12.47 11.92 -9.28
N ASP F 6 -12.58 12.06 -10.59
CA ASP F 6 -11.43 12.08 -11.52
C ASP F 6 -10.51 13.24 -11.12
N SER F 7 -9.21 13.06 -11.33
CA SER F 7 -8.21 14.15 -11.28
C SER F 7 -7.21 14.09 -12.47
N TYR F 8 -6.69 15.25 -12.87
CA TYR F 8 -5.91 15.46 -14.11
C TYR F 8 -4.56 16.11 -13.80
N THR F 9 -3.54 15.68 -14.53
CA THR F 9 -2.31 16.46 -14.78
C THR F 9 -2.62 17.46 -15.89
N LEU F 10 -2.26 18.72 -15.69
CA LEU F 10 -2.48 19.82 -16.65
C LEU F 10 -1.13 20.42 -17.03
N ILE F 11 -0.79 20.37 -18.31
CA ILE F 11 0.41 21.03 -18.88
C ILE F 11 -0.08 22.01 -19.95
N TYR F 12 0.29 23.28 -19.85
CA TYR F 12 -0.08 24.26 -20.89
C TYR F 12 1.05 25.27 -21.10
N VAL F 13 1.05 25.83 -22.30
CA VAL F 13 2.04 26.83 -22.78
C VAL F 13 1.25 27.96 -23.42
N THR F 14 1.48 29.19 -22.98
CA THR F 14 0.82 30.41 -23.53
C THR F 14 1.89 31.36 -24.05
N ARG F 15 1.45 32.31 -24.88
CA ARG F 15 2.28 33.41 -25.43
C ARG F 15 1.45 34.70 -25.36
N ASP F 16 2.01 35.77 -24.79
CA ASP F 16 1.34 37.10 -24.70
C ASP F 16 1.60 37.86 -26.00
N GLU F 17 1.12 39.10 -26.08
CA GLU F 17 1.15 39.92 -27.33
C GLU F 17 2.59 40.34 -27.64
N GLU F 18 3.45 40.46 -26.63
CA GLU F 18 4.90 40.78 -26.80
C GLU F 18 5.67 39.54 -27.31
N GLY F 19 5.09 38.34 -27.27
CA GLY F 19 5.76 37.10 -27.70
C GLY F 19 6.45 36.37 -26.55
N LYS F 20 6.27 36.84 -25.32
CA LYS F 20 6.82 36.18 -24.10
C LYS F 20 5.98 34.93 -23.79
N MET F 21 6.63 33.87 -23.31
CA MET F 21 6.03 32.51 -23.25
C MET F 21 6.06 31.97 -21.82
N PHE F 22 5.02 31.22 -21.44
CA PHE F 22 4.80 30.68 -20.08
C PHE F 22 4.52 29.18 -20.18
N ASP F 23 5.18 28.38 -19.36
CA ASP F 23 4.94 26.92 -19.22
C ASP F 23 4.48 26.67 -17.80
N ILE F 24 3.36 25.98 -17.63
CA ILE F 24 2.82 25.57 -16.32
C ILE F 24 2.54 24.07 -16.36
N LYS F 25 2.89 23.37 -15.28
CA LYS F 25 2.45 22.00 -15.00
C LYS F 25 1.74 21.98 -13.63
N LEU F 26 0.48 21.55 -13.61
CA LEU F 26 -0.28 21.25 -12.39
C LEU F 26 -0.60 19.76 -12.32
N GLU F 27 -0.77 19.20 -11.14
CA GLU F 27 -1.24 17.81 -10.89
C GLU F 27 -2.48 17.87 -9.99
N ASN F 28 -3.23 16.76 -9.92
CA ASN F 28 -4.36 16.59 -8.99
C ASN F 28 -5.41 17.66 -9.22
N GLN F 29 -5.66 18.09 -10.45
CA GLN F 29 -6.71 19.08 -10.79
C GLN F 29 -7.99 18.31 -11.14
N THR F 30 -9.13 18.73 -10.59
CA THR F 30 -10.45 18.22 -11.03
C THR F 30 -10.70 18.73 -12.45
N LYS F 31 -11.59 18.07 -13.17
CA LYS F 31 -12.09 18.52 -14.49
C LYS F 31 -12.49 19.99 -14.37
N GLU F 32 -13.30 20.33 -13.37
CA GLU F 32 -13.84 21.70 -13.16
C GLU F 32 -12.68 22.70 -12.95
N GLU F 33 -11.66 22.33 -12.19
CA GLU F 33 -10.52 23.24 -11.93
C GLU F 33 -9.78 23.55 -13.25
N CYS F 34 -9.61 22.53 -14.11
CA CYS F 34 -8.98 22.68 -15.45
C CYS F 34 -9.81 23.65 -16.28
N GLU F 35 -11.15 23.54 -16.20
CA GLU F 35 -12.08 24.38 -16.98
C GLU F 35 -12.00 25.82 -16.48
N ILE F 36 -11.94 26.03 -15.17
CA ILE F 36 -11.77 27.39 -14.56
C ILE F 36 -10.46 28.00 -15.04
N ILE F 37 -9.36 27.23 -14.99
CA ILE F 37 -8.03 27.75 -15.42
C ILE F 37 -8.09 28.15 -16.90
N TYR F 38 -8.66 27.29 -17.75
CA TYR F 38 -8.80 27.52 -19.21
C TYR F 38 -9.51 28.85 -19.46
N GLY F 39 -10.58 29.10 -18.68
CA GLY F 39 -11.46 30.25 -18.86
C GLY F 39 -10.78 31.55 -18.48
N MET F 40 -9.70 31.49 -17.68
CA MET F 40 -9.02 32.75 -17.26
C MET F 40 -7.88 33.10 -18.20
N ILE F 41 -7.55 32.27 -19.18
CA ILE F 41 -6.41 32.53 -20.12
C ILE F 41 -6.88 33.46 -21.26
N THR F 42 -6.27 34.63 -21.39
CA THR F 42 -6.50 35.59 -22.50
C THR F 42 -5.33 35.56 -23.47
N ASP F 43 -4.13 35.15 -23.02
CA ASP F 43 -2.95 34.96 -23.89
C ASP F 43 -3.25 33.86 -24.92
N GLU F 44 -2.43 33.78 -25.95
CA GLU F 44 -2.53 32.75 -27.02
C GLU F 44 -2.15 31.41 -26.43
N ILE F 45 -2.98 30.39 -26.63
CA ILE F 45 -2.70 29.01 -26.15
C ILE F 45 -1.92 28.26 -27.25
N LEU F 46 -0.69 27.85 -26.93
CA LEU F 46 0.15 27.03 -27.83
C LEU F 46 -0.12 25.55 -27.54
N ILE F 47 -0.11 25.16 -26.26
CA ILE F 47 -0.43 23.79 -25.81
C ILE F 47 -1.40 23.85 -24.63
N TRP F 48 -2.40 22.99 -24.67
CA TRP F 48 -3.31 22.68 -23.54
C TRP F 48 -3.45 21.16 -23.52
N ASN F 49 -2.90 20.54 -22.47
CA ASN F 49 -2.83 19.08 -22.35
C ASN F 49 -3.33 18.65 -20.96
N MET F 50 -4.55 18.12 -20.90
CA MET F 50 -5.16 17.48 -19.71
C MET F 50 -4.99 15.97 -19.84
N ILE F 51 -4.42 15.32 -18.83
CA ILE F 51 -4.21 13.84 -18.82
C ILE F 51 -4.78 13.30 -17.51
N LEU F 52 -5.75 12.39 -17.62
CA LEU F 52 -6.38 11.72 -16.47
C LEU F 52 -5.30 10.94 -15.70
N GLU F 53 -5.24 11.14 -14.38
CA GLU F 53 -4.36 10.41 -13.43
C GLU F 53 -5.00 9.07 -13.07
N GLY F 54 -4.31 7.95 -13.30
CA GLY F 54 -4.89 6.60 -13.12
C GLY F 54 -5.97 6.31 -14.13
N MET F 55 -5.65 6.37 -15.41
CA MET F 55 -6.53 5.97 -16.54
C MET F 55 -6.99 4.52 -16.39
N PHE F 56 -6.13 3.65 -15.84
CA PHE F 56 -6.39 2.19 -15.80
C PHE F 56 -6.23 1.66 -14.39
N PHE G 4 0.79 -5.10 -34.57
CA PHE G 4 0.99 -3.67 -34.15
C PHE G 4 0.83 -2.77 -35.38
N LYS G 5 0.15 -1.63 -35.26
CA LYS G 5 -0.11 -0.73 -36.43
C LYS G 5 1.21 -0.08 -36.87
N ASP G 6 2.09 0.26 -35.92
CA ASP G 6 3.40 0.91 -36.16
C ASP G 6 3.22 2.11 -37.10
N SER G 7 2.29 2.99 -36.75
CA SER G 7 2.03 4.28 -37.44
C SER G 7 1.73 5.33 -36.38
N TYR G 8 2.56 6.38 -36.29
CA TYR G 8 2.50 7.42 -35.22
C TYR G 8 2.35 8.81 -35.83
N THR G 9 1.55 9.65 -35.17
CA THR G 9 1.63 11.12 -35.27
C THR G 9 2.78 11.56 -34.36
N LEU G 10 3.65 12.42 -34.87
CA LEU G 10 4.81 12.98 -34.14
C LEU G 10 4.68 14.49 -34.12
N ILE G 11 4.62 15.07 -32.93
CA ILE G 11 4.62 16.53 -32.69
C ILE G 11 5.81 16.83 -31.80
N TYR G 12 6.70 17.73 -32.25
CA TYR G 12 7.81 18.17 -31.40
C TYR G 12 8.06 19.67 -31.57
N VAL G 13 8.66 20.24 -30.52
CA VAL G 13 9.06 21.66 -30.43
C VAL G 13 10.52 21.69 -29.99
N THR G 14 11.38 22.39 -30.72
CA THR G 14 12.82 22.54 -30.40
C THR G 14 13.14 24.02 -30.26
N ARG G 15 14.28 24.30 -29.64
CA ARG G 15 14.82 25.66 -29.44
C ARG G 15 16.34 25.58 -29.70
N ASP G 16 16.86 26.42 -30.60
CA ASP G 16 18.31 26.48 -30.91
C ASP G 16 19.02 27.39 -29.91
N GLU G 17 20.33 27.58 -30.06
CA GLU G 17 21.19 28.33 -29.11
C GLU G 17 20.83 29.82 -29.13
N GLU G 18 20.32 30.33 -30.27
CA GLU G 18 19.87 31.75 -30.43
C GLU G 18 18.52 31.96 -29.74
N GLY G 19 17.80 30.89 -29.35
CA GLY G 19 16.48 30.96 -28.69
C GLY G 19 15.32 30.89 -29.67
N LYS G 20 15.61 30.67 -30.96
CA LYS G 20 14.59 30.50 -32.03
C LYS G 20 13.93 29.12 -31.87
N MET G 21 12.62 29.04 -32.13
CA MET G 21 11.80 27.86 -31.81
C MET G 21 11.13 27.32 -33.07
N PHE G 22 10.99 25.99 -33.15
CA PHE G 22 10.47 25.23 -34.30
C PHE G 22 9.38 24.28 -33.81
N ASP G 23 8.25 24.25 -34.52
CA ASP G 23 7.15 23.29 -34.29
C ASP G 23 7.05 22.43 -35.54
N ILE G 24 7.10 21.12 -35.36
CA ILE G 24 6.95 20.12 -36.46
C ILE G 24 5.83 19.15 -36.09
N LYS G 25 4.95 18.87 -37.05
CA LYS G 25 3.93 17.82 -36.95
C LYS G 25 4.09 16.87 -38.15
N LEU G 26 4.37 15.60 -37.89
CA LEU G 26 4.42 14.52 -38.90
C LEU G 26 3.35 13.49 -38.59
N GLU G 27 2.84 12.83 -39.62
CA GLU G 27 1.84 11.74 -39.52
C GLU G 27 2.43 10.49 -40.20
N ASN G 28 1.86 9.33 -39.90
CA ASN G 28 2.17 8.04 -40.57
C ASN G 28 3.66 7.71 -40.43
N GLN G 29 4.28 8.01 -39.29
CA GLN G 29 5.69 7.67 -39.01
C GLN G 29 5.74 6.30 -38.31
N THR G 30 6.64 5.42 -38.75
CA THR G 30 6.96 4.18 -38.01
C THR G 30 7.66 4.58 -36.71
N LYS G 31 7.64 3.70 -35.73
CA LYS G 31 8.43 3.82 -34.48
C LYS G 31 9.88 4.13 -34.87
N GLU G 32 10.46 3.35 -35.78
CA GLU G 32 11.88 3.49 -36.19
C GLU G 32 12.12 4.89 -36.79
N GLU G 33 11.19 5.40 -37.62
CA GLU G 33 11.35 6.73 -38.24
C GLU G 33 11.36 7.80 -37.15
N CYS G 34 10.52 7.66 -36.12
CA CYS G 34 10.47 8.60 -34.96
C CYS G 34 11.81 8.58 -34.24
N GLU G 35 12.40 7.38 -34.09
CA GLU G 35 13.70 7.20 -33.39
C GLU G 35 14.81 7.87 -34.22
N ILE G 36 14.81 7.69 -35.53
CA ILE G 36 15.78 8.34 -36.46
C ILE G 36 15.64 9.86 -36.35
N ILE G 37 14.42 10.39 -36.37
CA ILE G 37 14.20 11.86 -36.29
C ILE G 37 14.72 12.37 -34.96
N TYR G 38 14.41 11.68 -33.85
CA TYR G 38 14.88 12.04 -32.49
C TYR G 38 16.40 12.18 -32.47
N GLY G 39 17.08 11.23 -33.13
CA GLY G 39 18.55 11.15 -33.15
C GLY G 39 19.18 12.25 -33.98
N MET G 40 18.41 12.93 -34.84
CA MET G 40 18.92 14.02 -35.71
C MET G 40 18.87 15.36 -34.99
N ILE G 41 18.13 15.46 -33.89
CA ILE G 41 17.89 16.75 -33.19
C ILE G 41 19.05 17.04 -32.25
N THR G 42 19.77 18.15 -32.46
CA THR G 42 20.87 18.62 -31.57
C THR G 42 20.39 19.81 -30.74
N ASP G 43 19.38 20.54 -31.23
CA ASP G 43 18.71 21.66 -30.51
C ASP G 43 18.05 21.11 -29.25
N GLU G 44 17.67 22.00 -28.36
CA GLU G 44 16.96 21.67 -27.10
C GLU G 44 15.55 21.17 -27.45
N ILE G 45 15.16 20.01 -26.93
CA ILE G 45 13.79 19.46 -27.10
C ILE G 45 12.92 20.01 -25.96
N LEU G 46 11.90 20.79 -26.31
CA LEU G 46 10.89 21.31 -25.36
C LEU G 46 9.72 20.32 -25.27
N ILE G 47 9.25 19.83 -26.41
CA ILE G 47 8.20 18.78 -26.48
C ILE G 47 8.59 17.73 -27.51
N TRP G 48 8.38 16.48 -27.12
CA TRP G 48 8.44 15.30 -28.01
C TRP G 48 7.20 14.44 -27.69
N ASN G 49 6.27 14.36 -28.64
CA ASN G 49 4.98 13.68 -28.47
C ASN G 49 4.73 12.72 -29.64
N MET G 50 4.88 11.41 -29.39
CA MET G 50 4.51 10.31 -30.31
C MET G 50 3.15 9.77 -29.88
N ILE G 51 2.19 9.69 -30.81
CA ILE G 51 0.83 9.16 -30.54
C ILE G 51 0.49 8.12 -31.61
N LEU G 52 0.19 6.89 -31.20
CA LEU G 52 -0.23 5.79 -32.10
C LEU G 52 -1.51 6.21 -32.80
N GLU G 53 -1.54 6.06 -34.14
CA GLU G 53 -2.72 6.30 -35.01
C GLU G 53 -3.59 5.03 -35.00
N GLY G 54 -4.87 5.14 -34.61
CA GLY G 54 -5.76 3.97 -34.44
C GLY G 54 -5.33 3.11 -33.27
N MET G 55 -5.27 3.68 -32.08
CA MET G 55 -5.03 2.98 -30.79
C MET G 55 -6.07 1.88 -30.56
N PHE G 56 -7.33 2.10 -30.93
CA PHE G 56 -8.47 1.25 -30.51
C PHE G 56 -9.27 0.77 -31.74
N PHE H 4 -5.97 10.88 34.33
CA PHE H 4 -5.32 9.73 33.61
C PHE H 4 -4.88 10.19 32.21
N LYS H 5 -3.75 9.70 31.72
CA LYS H 5 -3.26 10.02 30.35
C LYS H 5 -4.19 9.38 29.31
N ASP H 6 -4.77 8.20 29.59
CA ASP H 6 -5.80 7.52 28.76
C ASP H 6 -5.28 7.41 27.33
N SER H 7 -4.05 6.90 27.18
CA SER H 7 -3.43 6.56 25.88
C SER H 7 -2.72 5.21 26.04
N TYR H 8 -3.14 4.20 25.29
CA TYR H 8 -2.67 2.79 25.44
C TYR H 8 -2.12 2.28 24.12
N THR H 9 -1.05 1.48 24.23
CA THR H 9 -0.64 0.49 23.21
C THR H 9 -1.55 -0.72 23.36
N LEU H 10 -2.11 -1.21 22.25
CA LEU H 10 -2.99 -2.39 22.23
C LEU H 10 -2.37 -3.42 21.29
N ILE H 11 -1.99 -4.56 21.85
CA ILE H 11 -1.31 -5.67 21.12
C ILE H 11 -2.18 -6.90 21.33
N TYR H 12 -2.65 -7.47 20.23
CA TYR H 12 -3.57 -8.64 20.30
C TYR H 12 -3.28 -9.59 19.15
N VAL H 13 -3.60 -10.86 19.40
CA VAL H 13 -3.45 -11.98 18.45
C VAL H 13 -4.79 -12.71 18.41
N THR H 14 -5.34 -12.88 17.21
CA THR H 14 -6.62 -13.58 16.98
C THR H 14 -6.39 -14.74 16.03
N ARG H 15 -7.36 -15.66 15.99
CA ARG H 15 -7.38 -16.84 15.11
C ARG H 15 -8.81 -17.00 14.59
N ASP H 16 -9.02 -17.08 13.27
CA ASP H 16 -10.35 -17.24 12.64
C ASP H 16 -10.68 -18.74 12.59
N GLU H 17 -11.83 -19.07 12.00
CA GLU H 17 -12.37 -20.46 11.97
C GLU H 17 -11.48 -21.36 11.09
N GLU H 18 -10.82 -20.80 10.08
CA GLU H 18 -9.87 -21.56 9.19
C GLU H 18 -8.54 -21.82 9.92
N GLY H 19 -8.27 -21.16 11.05
CA GLY H 19 -7.00 -21.30 11.80
C GLY H 19 -5.95 -20.28 11.39
N LYS H 20 -6.30 -19.31 10.52
CA LYS H 20 -5.43 -18.18 10.12
C LYS H 20 -5.33 -17.20 11.31
N MET H 21 -4.14 -16.62 11.49
CA MET H 21 -3.78 -15.85 12.70
C MET H 21 -3.38 -14.42 12.33
N PHE H 22 -3.75 -13.49 13.18
CA PHE H 22 -3.55 -12.03 13.00
C PHE H 22 -2.83 -11.48 14.23
N ASP H 23 -1.76 -10.73 13.96
CA ASP H 23 -0.97 -10.01 14.98
C ASP H 23 -1.19 -8.52 14.72
N ILE H 24 -1.75 -7.82 15.68
CA ILE H 24 -2.14 -6.39 15.53
C ILE H 24 -1.48 -5.61 16.67
N LYS H 25 -0.85 -4.48 16.32
CA LYS H 25 -0.32 -3.49 17.29
C LYS H 25 -0.94 -2.15 16.94
N LEU H 26 -1.69 -1.58 17.87
CA LEU H 26 -2.23 -0.20 17.77
C LEU H 26 -1.59 0.64 18.87
N GLU H 27 -1.38 1.92 18.61
CA GLU H 27 -0.83 2.89 19.58
C GLU H 27 -1.83 4.03 19.77
N ASN H 28 -1.68 4.79 20.86
CA ASN H 28 -2.44 6.03 21.12
C ASN H 28 -3.95 5.73 21.14
N GLN H 29 -4.36 4.59 21.67
CA GLN H 29 -5.80 4.23 21.83
C GLN H 29 -6.27 4.68 23.22
N THR H 30 -7.43 5.30 23.31
CA THR H 30 -8.11 5.51 24.63
C THR H 30 -8.55 4.16 25.17
N LYS H 31 -8.75 4.09 26.49
CA LYS H 31 -9.32 2.90 27.17
C LYS H 31 -10.63 2.53 26.42
N GLU H 32 -11.50 3.50 26.18
CA GLU H 32 -12.83 3.27 25.55
C GLU H 32 -12.65 2.73 24.12
N GLU H 33 -11.68 3.23 23.36
CA GLU H 33 -11.41 2.72 21.98
C GLU H 33 -11.03 1.25 22.06
N CYS H 34 -10.21 0.84 23.03
CA CYS H 34 -9.80 -0.56 23.25
C CYS H 34 -11.05 -1.41 23.54
N GLU H 35 -11.97 -0.88 24.33
CA GLU H 35 -13.22 -1.58 24.72
C GLU H 35 -14.12 -1.77 23.49
N ILE H 36 -14.24 -0.73 22.66
CA ILE H 36 -15.02 -0.79 21.39
C ILE H 36 -14.37 -1.81 20.46
N ILE H 37 -13.04 -1.81 20.31
CA ILE H 37 -12.31 -2.79 19.42
C ILE H 37 -12.61 -4.20 19.93
N TYR H 38 -12.50 -4.45 21.24
CA TYR H 38 -12.74 -5.78 21.85
C TYR H 38 -14.15 -6.27 21.47
N GLY H 39 -15.13 -5.36 21.50
CA GLY H 39 -16.53 -5.65 21.16
C GLY H 39 -16.76 -5.96 19.68
N MET H 40 -15.82 -5.63 18.81
CA MET H 40 -15.92 -5.87 17.35
C MET H 40 -15.40 -7.26 16.98
N ILE H 41 -14.64 -7.91 17.87
CA ILE H 41 -13.85 -9.12 17.51
C ILE H 41 -14.73 -10.37 17.62
N THR H 42 -14.90 -11.12 16.53
CA THR H 42 -15.63 -12.42 16.52
C THR H 42 -14.66 -13.59 16.47
N ASP H 43 -13.44 -13.39 15.97
CA ASP H 43 -12.37 -14.40 15.94
C ASP H 43 -11.98 -14.76 17.38
N GLU H 44 -11.30 -15.88 17.56
CA GLU H 44 -10.78 -16.37 18.85
C GLU H 44 -9.65 -15.44 19.29
N ILE H 45 -9.70 -14.92 20.51
CA ILE H 45 -8.62 -14.07 21.08
C ILE H 45 -7.62 -14.97 21.80
N LEU H 46 -6.38 -14.99 21.31
CA LEU H 46 -5.24 -15.73 21.90
C LEU H 46 -4.52 -14.80 22.89
N ILE H 47 -4.28 -13.56 22.50
CA ILE H 47 -3.66 -12.52 23.37
C ILE H 47 -4.42 -11.21 23.23
N TRP H 48 -4.64 -10.55 24.36
CA TRP H 48 -5.16 -9.18 24.46
C TRP H 48 -4.36 -8.42 25.51
N ASN H 49 -3.58 -7.44 25.09
CA ASN H 49 -2.58 -6.75 25.95
C ASN H 49 -2.74 -5.23 25.76
N MET H 50 -3.27 -4.54 26.77
CA MET H 50 -3.34 -3.06 26.88
C MET H 50 -2.19 -2.59 27.78
N ILE H 51 -1.39 -1.64 27.30
CA ILE H 51 -0.25 -1.06 28.09
C ILE H 51 -0.36 0.46 28.03
N LEU H 52 -0.46 1.11 29.19
CA LEU H 52 -0.48 2.59 29.31
C LEU H 52 0.84 3.14 28.74
N GLU H 53 0.75 4.12 27.84
CA GLU H 53 1.89 4.87 27.26
C GLU H 53 2.29 5.98 28.24
N GLY H 54 3.56 6.03 28.65
CA GLY H 54 4.06 7.01 29.64
C GLY H 54 3.48 6.75 31.03
N MET H 55 3.66 5.53 31.56
CA MET H 55 3.17 5.14 32.91
C MET H 55 3.77 6.04 33.98
N PHE H 56 5.06 6.37 33.86
CA PHE H 56 5.88 7.00 34.95
C PHE H 56 6.58 8.24 34.39
N PHE I 4 15.88 -8.20 45.81
CA PHE I 4 14.87 -8.45 44.72
C PHE I 4 14.18 -9.80 44.97
N LYS I 5 12.89 -9.90 44.66
CA LYS I 5 12.09 -11.14 44.86
C LYS I 5 12.62 -12.25 43.93
N ASP I 6 13.02 -11.91 42.71
CA ASP I 6 13.67 -12.81 41.72
C ASP I 6 12.83 -14.07 41.55
N SER I 7 11.52 -13.89 41.32
CA SER I 7 10.57 -14.97 40.95
C SER I 7 9.66 -14.42 39.85
N TYR I 8 9.70 -15.02 38.67
CA TYR I 8 9.04 -14.52 37.43
C TYR I 8 8.10 -15.58 36.85
N THR I 9 6.98 -15.12 36.32
CA THR I 9 6.20 -15.83 35.28
C THR I 9 6.91 -15.62 33.95
N LEU I 10 7.13 -16.70 33.21
CA LEU I 10 7.75 -16.67 31.86
C LEU I 10 6.75 -17.24 30.86
N ILE I 11 6.33 -16.40 29.92
CA ILE I 11 5.33 -16.74 28.88
C ILE I 11 6.02 -16.50 27.54
N TYR I 12 6.09 -17.52 26.70
CA TYR I 12 6.76 -17.42 25.39
C TYR I 12 6.04 -18.27 24.36
N VAL I 13 6.19 -17.84 23.11
CA VAL I 13 5.59 -18.46 21.91
C VAL I 13 6.71 -18.67 20.91
N THR I 14 6.90 -19.90 20.44
CA THR I 14 7.93 -20.27 19.45
C THR I 14 7.26 -20.91 18.23
N ARG I 15 8.01 -20.96 17.14
CA ARG I 15 7.60 -21.57 15.86
C ARG I 15 8.80 -22.34 15.31
N ASP I 16 8.62 -23.63 15.00
CA ASP I 16 9.71 -24.50 14.45
C ASP I 16 9.75 -24.32 12.92
N GLU I 17 10.64 -25.07 12.25
CA GLU I 17 10.88 -24.96 10.78
C GLU I 17 9.65 -25.42 9.99
N GLU I 18 8.86 -26.35 10.54
CA GLU I 18 7.60 -26.87 9.90
C GLU I 18 6.48 -25.84 10.05
N GLY I 19 6.62 -24.80 10.90
CA GLY I 19 5.59 -23.78 11.14
C GLY I 19 4.67 -24.14 12.30
N LYS I 20 4.96 -25.22 13.03
CA LYS I 20 4.23 -25.63 14.26
C LYS I 20 4.60 -24.66 15.39
N MET I 21 3.62 -24.34 16.23
CA MET I 21 3.73 -23.26 17.24
C MET I 21 3.51 -23.82 18.64
N PHE I 22 4.24 -23.27 19.61
CA PHE I 22 4.26 -23.70 21.02
C PHE I 22 4.01 -22.48 21.91
N ASP I 23 3.05 -22.65 22.83
CA ASP I 23 2.68 -21.65 23.85
C ASP I 23 3.09 -22.24 25.20
N ILE I 24 4.02 -21.60 25.91
CA ILE I 24 4.60 -22.13 27.17
C ILE I 24 4.42 -21.07 28.26
N LYS I 25 3.93 -21.47 29.42
CA LYS I 25 3.83 -20.61 30.63
C LYS I 25 4.52 -21.34 31.77
N LEU I 26 5.59 -20.74 32.29
CA LEU I 26 6.31 -21.25 33.49
C LEU I 26 6.16 -20.21 34.60
N GLU I 27 6.09 -20.66 35.85
CA GLU I 27 5.94 -19.80 37.04
C GLU I 27 7.12 -20.05 37.98
N ASN I 28 7.36 -19.11 38.90
CA ASN I 28 8.38 -19.24 39.98
C ASN I 28 9.77 -19.45 39.36
N GLN I 29 10.08 -18.81 38.24
CA GLN I 29 11.42 -18.88 37.59
C GLN I 29 12.28 -17.72 38.11
N THR I 30 13.53 -17.98 38.46
CA THR I 30 14.52 -16.90 38.69
C THR I 30 14.80 -16.22 37.36
N LYS I 31 15.30 -14.97 37.42
CA LYS I 31 15.80 -14.24 36.24
C LYS I 31 16.79 -15.16 35.50
N GLU I 32 17.74 -15.74 36.23
CA GLU I 32 18.82 -16.57 35.63
C GLU I 32 18.22 -17.81 34.95
N GLU I 33 17.19 -18.43 35.54
CA GLU I 33 16.53 -19.61 34.92
C GLU I 33 15.89 -19.19 33.60
N CYS I 34 15.29 -18.02 33.51
CA CYS I 34 14.69 -17.46 32.26
C CYS I 34 15.79 -17.31 31.21
N GLU I 35 16.96 -16.83 31.63
CA GLU I 35 18.13 -16.60 30.73
C GLU I 35 18.66 -17.96 30.21
N ILE I 36 18.75 -18.95 31.08
CA ILE I 36 19.15 -20.34 30.72
C ILE I 36 18.13 -20.93 29.73
N ILE I 37 16.84 -20.77 29.98
CA ILE I 37 15.77 -21.29 29.08
C ILE I 37 15.91 -20.62 27.71
N TYR I 38 16.10 -19.29 27.66
CA TYR I 38 16.27 -18.53 26.40
C TYR I 38 17.42 -19.13 25.59
N GLY I 39 18.51 -19.50 26.27
CA GLY I 39 19.71 -20.09 25.66
C GLY I 39 19.49 -21.50 25.12
N MET I 40 18.43 -22.17 25.52
CA MET I 40 18.08 -23.57 25.09
C MET I 40 17.24 -23.53 23.79
N ILE I 41 16.66 -22.39 23.44
CA ILE I 41 15.60 -22.33 22.37
C ILE I 41 16.26 -22.19 21.01
N THR I 42 16.01 -23.12 20.09
CA THR I 42 16.51 -23.05 18.68
C THR I 42 15.41 -22.60 17.71
N ASP I 43 14.15 -22.81 18.08
CA ASP I 43 12.98 -22.39 17.26
C ASP I 43 12.94 -20.86 17.21
N GLU I 44 12.14 -20.32 16.30
CA GLU I 44 11.92 -18.86 16.15
C GLU I 44 11.11 -18.38 17.38
N ILE I 45 11.57 -17.33 18.04
CA ILE I 45 10.84 -16.70 19.17
C ILE I 45 9.90 -15.62 18.62
N LEU I 46 8.59 -15.81 18.80
CA LEU I 46 7.53 -14.86 18.42
C LEU I 46 7.26 -13.92 19.62
N ILE I 47 7.14 -14.49 20.82
CA ILE I 47 6.91 -13.72 22.07
C ILE I 47 7.83 -14.26 23.16
N TRP I 48 8.43 -13.35 23.92
CA TRP I 48 9.20 -13.64 25.14
C TRP I 48 8.82 -12.63 26.21
N ASN I 49 8.14 -13.05 27.27
CA ASN I 49 7.49 -12.15 28.27
C ASN I 49 7.83 -12.64 29.67
N MET I 50 8.68 -11.90 30.39
CA MET I 50 9.01 -12.10 31.85
C MET I 50 8.18 -11.12 32.67
N ILE I 51 7.45 -11.61 33.67
CA ILE I 51 6.63 -10.77 34.60
C ILE I 51 6.98 -11.13 36.04
N LEU I 52 7.47 -10.16 36.81
CA LEU I 52 7.79 -10.34 38.25
C LEU I 52 6.50 -10.72 38.99
N GLU I 53 6.57 -11.79 39.79
CA GLU I 53 5.46 -12.26 40.66
C GLU I 53 5.50 -11.45 41.97
N GLY I 54 4.39 -10.82 42.35
CA GLY I 54 4.31 -9.99 43.56
C GLY I 54 5.15 -8.73 43.44
N MET I 55 4.89 -7.91 42.42
CA MET I 55 5.63 -6.66 42.12
C MET I 55 5.52 -5.68 43.29
N PHE I 56 4.34 -5.59 43.88
CA PHE I 56 3.97 -4.56 44.88
C PHE I 56 3.39 -5.30 46.10
N ASP J 6 17.18 20.94 -17.93
CA ASP J 6 17.77 19.60 -18.23
C ASP J 6 17.03 18.50 -17.47
N SER J 7 15.70 18.54 -17.44
CA SER J 7 14.78 17.87 -16.50
C SER J 7 13.42 17.78 -17.19
N TYR J 8 12.85 16.58 -17.36
CA TYR J 8 11.64 16.32 -18.18
C TYR J 8 10.56 15.63 -17.35
N THR J 9 9.31 15.99 -17.62
CA THR J 9 8.13 15.15 -17.35
C THR J 9 8.05 14.12 -18.47
N LEU J 10 7.85 12.85 -18.10
CA LEU J 10 7.66 11.75 -19.07
C LEU J 10 6.30 11.12 -18.81
N ILE J 11 5.43 11.18 -19.82
CA ILE J 11 4.06 10.61 -19.76
C ILE J 11 3.94 9.63 -20.91
N TYR J 12 3.63 8.38 -20.60
CA TYR J 12 3.53 7.34 -21.66
C TYR J 12 2.43 6.34 -21.31
N VAL J 13 1.89 5.74 -22.36
CA VAL J 13 0.83 4.71 -22.30
C VAL J 13 1.33 3.51 -23.10
N THR J 14 1.34 2.32 -22.49
CA THR J 14 1.74 1.05 -23.16
C THR J 14 0.58 0.07 -23.09
N ARG J 15 0.67 -0.97 -23.92
CA ARG J 15 -0.29 -2.09 -23.97
C ARG J 15 0.51 -3.38 -24.15
N ASP J 16 0.30 -4.37 -23.26
CA ASP J 16 1.01 -5.67 -23.31
C ASP J 16 0.27 -6.61 -24.27
N GLU J 17 0.75 -7.86 -24.37
CA GLU J 17 0.24 -8.88 -25.33
C GLU J 17 -1.20 -9.29 -24.96
N GLU J 18 -1.55 -9.24 -23.68
CA GLU J 18 -2.92 -9.58 -23.18
C GLU J 18 -3.90 -8.43 -23.46
N GLY J 19 -3.42 -7.24 -23.85
CA GLY J 19 -4.25 -6.04 -24.12
C GLY J 19 -4.45 -5.17 -22.87
N LYS J 20 -3.76 -5.47 -21.77
CA LYS J 20 -3.76 -4.66 -20.53
C LYS J 20 -2.92 -3.40 -20.79
N MET J 21 -3.34 -2.28 -20.21
CA MET J 21 -2.81 -0.93 -20.52
C MET J 21 -2.25 -0.28 -19.25
N PHE J 22 -1.15 0.46 -19.43
CA PHE J 22 -0.40 1.14 -18.35
C PHE J 22 -0.28 2.63 -18.69
N ASP J 23 -0.63 3.45 -17.73
CA ASP J 23 -0.52 4.92 -17.78
C ASP J 23 0.55 5.33 -16.76
N ILE J 24 1.66 5.90 -17.22
CA ILE J 24 2.83 6.19 -16.37
C ILE J 24 3.17 7.68 -16.51
N LYS J 25 3.36 8.35 -15.38
CA LYS J 25 3.81 9.77 -15.34
C LYS J 25 5.01 9.83 -14.42
N LEU J 26 6.17 10.22 -14.96
CA LEU J 26 7.41 10.43 -14.19
C LEU J 26 7.76 11.92 -14.32
N GLU J 27 8.37 12.49 -13.28
CA GLU J 27 8.83 13.90 -13.27
C GLU J 27 10.33 13.93 -12.96
N ASN J 28 10.98 15.04 -13.25
CA ASN J 28 12.41 15.28 -12.90
C ASN J 28 13.30 14.19 -13.52
N GLN J 29 13.00 13.75 -14.73
CA GLN J 29 13.84 12.76 -15.47
C GLN J 29 14.84 13.54 -16.35
N THR J 30 16.10 13.17 -16.36
CA THR J 30 17.07 13.68 -17.37
C THR J 30 16.65 13.15 -18.75
N LYS J 31 17.10 13.82 -19.80
CA LYS J 31 16.94 13.35 -21.20
C LYS J 31 17.39 11.89 -21.28
N GLU J 32 18.58 11.61 -20.74
CA GLU J 32 19.21 10.28 -20.83
C GLU J 32 18.34 9.25 -20.08
N GLU J 33 17.76 9.59 -18.94
CA GLU J 33 16.89 8.66 -18.18
C GLU J 33 15.68 8.30 -19.03
N CYS J 34 15.09 9.26 -19.73
CA CYS J 34 13.93 9.02 -20.64
C CYS J 34 14.34 8.05 -21.74
N GLU J 35 15.56 8.23 -22.27
CA GLU J 35 16.10 7.39 -23.37
C GLU J 35 16.32 5.96 -22.87
N ILE J 36 16.87 5.81 -21.67
CA ILE J 36 17.07 4.49 -21.01
C ILE J 36 15.72 3.81 -20.80
N ILE J 37 14.73 4.54 -20.29
CA ILE J 37 13.36 3.97 -20.05
C ILE J 37 12.78 3.49 -21.38
N TYR J 38 12.87 4.29 -22.44
CA TYR J 38 12.36 3.94 -23.79
C TYR J 38 12.98 2.60 -24.24
N GLY J 39 14.28 2.43 -23.99
CA GLY J 39 15.03 1.23 -24.39
C GLY J 39 14.67 -0.02 -23.58
N MET J 40 13.95 0.13 -22.46
CA MET J 40 13.51 -1.00 -21.62
C MET J 40 12.15 -1.53 -22.08
N ILE J 41 11.41 -0.80 -22.90
CA ILE J 41 9.97 -1.07 -23.18
C ILE J 41 9.86 -2.09 -24.32
N THR J 42 9.23 -3.25 -24.07
CA THR J 42 8.90 -4.27 -25.11
C THR J 42 7.40 -4.22 -25.45
N ASP J 43 6.56 -3.73 -24.54
CA ASP J 43 5.10 -3.55 -24.78
C ASP J 43 4.89 -2.56 -25.92
N GLU J 44 3.69 -2.53 -26.49
CA GLU J 44 3.30 -1.58 -27.55
C GLU J 44 3.20 -0.17 -26.94
N ILE J 45 3.85 0.81 -27.54
CA ILE J 45 3.81 2.23 -27.11
C ILE J 45 2.64 2.90 -27.85
N LEU J 46 1.64 3.36 -27.09
CA LEU J 46 0.46 4.09 -27.61
C LEU J 46 0.76 5.59 -27.54
N ILE J 47 1.35 6.06 -26.46
CA ILE J 47 1.78 7.48 -26.27
C ILE J 47 3.16 7.51 -25.64
N TRP J 48 4.04 8.37 -26.14
CA TRP J 48 5.33 8.73 -25.52
C TRP J 48 5.48 10.25 -25.58
N ASN J 49 5.44 10.91 -24.43
CA ASN J 49 5.40 12.40 -24.34
C ASN J 49 6.46 12.88 -23.33
N MET J 50 7.53 13.47 -23.84
CA MET J 50 8.61 14.16 -23.06
C MET J 50 8.33 15.66 -23.07
N ILE J 51 8.27 16.29 -21.90
CA ILE J 51 8.03 17.76 -21.77
C ILE J 51 9.09 18.34 -20.85
N LEU J 52 9.87 19.30 -21.35
CA LEU J 52 10.89 20.03 -20.56
C LEU J 52 10.18 20.77 -19.42
N GLU J 53 10.68 20.60 -18.19
CA GLU J 53 10.20 21.31 -16.97
C GLU J 53 10.90 22.67 -16.88
N GLY J 54 10.13 23.74 -16.78
CA GLY J 54 10.67 25.12 -16.76
C GLY J 54 11.24 25.51 -18.11
N MET J 55 10.44 25.40 -19.17
CA MET J 55 10.85 25.75 -20.56
C MET J 55 11.29 27.21 -20.64
N PHE J 56 10.59 28.09 -19.92
CA PHE J 56 10.64 29.55 -20.12
C PHE J 56 10.89 30.22 -18.77
N ASP K 6 -12.80 -22.66 27.13
CA ASP K 6 -11.50 -21.99 26.98
C ASP K 6 -11.21 -21.13 28.21
N SER K 7 -9.93 -21.10 28.60
CA SER K 7 -9.47 -20.42 29.83
C SER K 7 -8.19 -19.57 29.60
N TYR K 8 -8.05 -18.51 30.40
CA TYR K 8 -7.04 -17.44 30.25
C TYR K 8 -6.22 -17.27 31.53
N THR K 9 -4.93 -17.00 31.36
CA THR K 9 -4.07 -16.34 32.37
C THR K 9 -4.37 -14.84 32.28
N LEU K 10 -4.60 -14.20 33.42
CA LEU K 10 -4.90 -12.76 33.50
C LEU K 10 -3.84 -12.09 34.39
N ILE K 11 -3.10 -11.14 33.84
CA ILE K 11 -2.09 -10.34 34.57
C ILE K 11 -2.46 -8.88 34.38
N TYR K 12 -2.66 -8.13 35.46
CA TYR K 12 -2.99 -6.69 35.36
C TYR K 12 -2.36 -5.91 36.51
N VAL K 13 -2.10 -4.64 36.22
CA VAL K 13 -1.43 -3.67 37.12
C VAL K 13 -2.28 -2.40 37.10
N THR K 14 -2.68 -1.91 38.27
CA THR K 14 -3.50 -0.71 38.43
C THR K 14 -2.76 0.28 39.33
N ARG K 15 -3.20 1.53 39.29
CA ARG K 15 -2.70 2.63 40.14
C ARG K 15 -3.91 3.44 40.61
N ASP K 16 -4.05 3.66 41.92
CA ASP K 16 -5.17 4.45 42.52
C ASP K 16 -4.79 5.94 42.48
N GLU K 17 -5.65 6.81 43.01
CA GLU K 17 -5.47 8.28 42.91
C GLU K 17 -4.31 8.74 43.80
N GLU K 18 -3.98 7.99 44.87
CA GLU K 18 -2.81 8.27 45.74
C GLU K 18 -1.49 7.86 45.06
N GLY K 19 -1.53 7.10 43.96
CA GLY K 19 -0.34 6.62 43.24
C GLY K 19 0.13 5.25 43.71
N LYS K 20 -0.62 4.60 44.60
CA LYS K 20 -0.34 3.22 45.09
C LYS K 20 -0.69 2.23 43.96
N MET K 21 0.11 1.17 43.83
CA MET K 21 0.06 0.24 42.67
C MET K 21 -0.24 -1.19 43.11
N PHE K 22 -1.00 -1.90 42.29
CA PHE K 22 -1.47 -3.29 42.55
C PHE K 22 -1.11 -4.18 41.36
N ASP K 23 -0.55 -5.34 41.62
CA ASP K 23 -0.31 -6.40 40.61
C ASP K 23 -1.15 -7.61 41.02
N ILE K 24 -1.94 -8.11 40.08
CA ILE K 24 -2.73 -9.36 40.25
C ILE K 24 -2.37 -10.31 39.09
N LYS K 25 -2.16 -11.59 39.41
CA LYS K 25 -2.01 -12.66 38.41
C LYS K 25 -3.01 -13.77 38.73
N LEU K 26 -3.93 -14.07 37.80
CA LEU K 26 -4.92 -15.15 37.91
C LEU K 26 -4.66 -16.15 36.78
N GLU K 27 -5.01 -17.42 37.01
CA GLU K 27 -5.00 -18.48 35.97
C GLU K 27 -6.40 -19.08 35.86
N ASN K 28 -6.65 -19.82 34.79
CA ASN K 28 -7.89 -20.63 34.60
C ASN K 28 -9.12 -19.72 34.66
N GLN K 29 -9.04 -18.51 34.12
CA GLN K 29 -10.20 -17.58 34.05
C GLN K 29 -10.92 -17.78 32.72
N THR K 30 -12.25 -17.90 32.74
CA THR K 30 -13.06 -17.88 31.49
C THR K 30 -12.96 -16.47 30.91
N LYS K 31 -13.23 -16.35 29.61
CA LYS K 31 -13.37 -15.05 28.91
C LYS K 31 -14.31 -14.16 29.74
N GLU K 32 -15.48 -14.69 30.11
CA GLU K 32 -16.52 -13.91 30.84
C GLU K 32 -15.98 -13.42 32.19
N GLU K 33 -15.23 -14.26 32.92
CA GLU K 33 -14.67 -13.88 34.24
C GLU K 33 -13.72 -12.69 34.05
N CYS K 34 -12.88 -12.72 32.99
CA CYS K 34 -11.92 -11.63 32.69
C CYS K 34 -12.72 -10.35 32.41
N GLU K 35 -13.84 -10.46 31.69
CA GLU K 35 -14.69 -9.30 31.32
C GLU K 35 -15.34 -8.71 32.57
N ILE K 36 -15.83 -9.56 33.48
CA ILE K 36 -16.42 -9.12 34.78
C ILE K 36 -15.34 -8.38 35.58
N ILE K 37 -14.13 -8.95 35.68
CA ILE K 37 -13.03 -8.33 36.46
C ILE K 37 -12.69 -6.95 35.87
N TYR K 38 -12.57 -6.87 34.54
CA TYR K 38 -12.27 -5.61 33.81
C TYR K 38 -13.28 -4.53 34.18
N GLY K 39 -14.55 -4.93 34.23
CA GLY K 39 -15.68 -4.00 34.49
C GLY K 39 -15.72 -3.52 35.92
N MET K 40 -14.99 -4.16 36.84
CA MET K 40 -14.95 -3.77 38.27
C MET K 40 -13.87 -2.72 38.51
N ILE K 41 -12.94 -2.51 37.58
CA ILE K 41 -11.73 -1.68 37.83
C ILE K 41 -12.06 -0.20 37.58
N THR K 42 -11.90 0.63 38.60
CA THR K 42 -12.09 2.08 38.59
C THR K 42 -10.71 2.75 38.65
N ASP K 43 -9.69 2.10 39.23
CA ASP K 43 -8.30 2.62 39.27
C ASP K 43 -7.76 2.71 37.83
N GLU K 44 -6.66 3.42 37.64
CA GLU K 44 -5.98 3.58 36.34
C GLU K 44 -5.36 2.22 35.96
N ILE K 45 -5.61 1.75 34.75
CA ILE K 45 -5.02 0.50 34.22
C ILE K 45 -3.67 0.82 33.57
N LEU K 46 -2.59 0.26 34.10
CA LEU K 46 -1.23 0.35 33.51
C LEU K 46 -1.03 -0.83 32.56
N ILE K 47 -1.38 -2.04 33.01
CA ILE K 47 -1.33 -3.27 32.16
C ILE K 47 -2.61 -4.08 32.36
N TRP K 48 -3.15 -4.55 31.25
CA TRP K 48 -4.22 -5.58 31.19
C TRP K 48 -3.79 -6.61 30.14
N ASN K 49 -3.47 -7.82 30.60
CA ASN K 49 -2.90 -8.88 29.75
C ASN K 49 -3.68 -10.18 29.96
N MET K 50 -4.52 -10.54 28.99
CA MET K 50 -5.22 -11.84 28.87
C MET K 50 -4.43 -12.71 27.91
N ILE K 51 -4.07 -13.93 28.32
CA ILE K 51 -3.35 -14.91 27.45
C ILE K 51 -4.10 -16.25 27.51
N LEU K 52 -4.55 -16.73 26.37
CA LEU K 52 -5.24 -18.05 26.24
C LEU K 52 -4.27 -19.15 26.69
N GLU K 53 -4.74 -20.03 27.58
CA GLU K 53 -4.02 -21.24 28.07
C GLU K 53 -4.23 -22.37 27.07
N GLY K 54 -3.15 -22.95 26.56
CA GLY K 54 -3.20 -24.01 25.53
C GLY K 54 -3.68 -23.45 24.19
N MET K 55 -3.00 -22.41 23.68
CA MET K 55 -3.27 -21.79 22.36
C MET K 55 -3.18 -22.82 21.25
N PHE K 56 -2.24 -23.77 21.36
CA PHE K 56 -1.77 -24.64 20.27
C PHE K 56 -1.86 -26.10 20.71
N ASP L 6 -5.33 30.91 -34.89
CA ASP L 6 -6.56 30.27 -34.34
C ASP L 6 -6.85 29.01 -35.15
N SER L 7 -5.88 28.11 -35.23
CA SER L 7 -6.00 26.79 -35.90
C SER L 7 -5.26 25.76 -35.05
N TYR L 8 -5.98 24.75 -34.54
CA TYR L 8 -5.45 23.76 -33.57
C TYR L 8 -5.63 22.34 -34.10
N THR L 9 -4.64 21.50 -33.82
CA THR L 9 -4.78 20.02 -33.78
C THR L 9 -5.43 19.69 -32.44
N LEU L 10 -6.47 18.86 -32.46
CA LEU L 10 -7.18 18.42 -31.25
C LEU L 10 -7.10 16.91 -31.18
N ILE L 11 -6.44 16.40 -30.15
CA ILE L 11 -6.22 14.94 -29.93
C ILE L 11 -6.81 14.62 -28.57
N TYR L 12 -7.77 13.70 -28.54
CA TYR L 12 -8.44 13.33 -27.29
C TYR L 12 -8.76 11.84 -27.28
N VAL L 13 -8.86 11.31 -26.07
CA VAL L 13 -9.17 9.89 -25.78
C VAL L 13 -10.33 9.88 -24.78
N THR L 14 -11.40 9.17 -25.11
CA THR L 14 -12.58 9.04 -24.24
C THR L 14 -12.83 7.56 -23.96
N ARG L 15 -13.64 7.30 -22.93
CA ARG L 15 -14.09 5.95 -22.54
C ARG L 15 -15.57 6.05 -22.17
N ASP L 16 -16.41 5.21 -22.77
CA ASP L 16 -17.88 5.18 -22.51
C ASP L 16 -18.15 4.31 -21.28
N GLU L 17 -19.43 4.13 -20.93
CA GLU L 17 -19.86 3.42 -19.68
C GLU L 17 -19.54 1.93 -19.80
N GLU L 18 -19.52 1.38 -21.02
CA GLU L 18 -19.16 -0.05 -21.29
C GLU L 18 -17.65 -0.27 -21.19
N GLY L 19 -16.83 0.79 -21.16
CA GLY L 19 -15.35 0.69 -21.10
C GLY L 19 -14.71 0.71 -22.49
N LYS L 20 -15.48 0.92 -23.56
CA LYS L 20 -14.97 1.07 -24.94
C LYS L 20 -14.30 2.44 -25.07
N MET L 21 -13.21 2.52 -25.83
CA MET L 21 -12.31 3.67 -25.88
C MET L 21 -12.21 4.20 -27.31
N PHE L 22 -12.11 5.52 -27.42
CA PHE L 22 -12.06 6.27 -28.70
C PHE L 22 -10.82 7.16 -28.68
N ASP L 23 -10.04 7.05 -29.76
CA ASP L 23 -8.87 7.89 -30.05
C ASP L 23 -9.25 8.78 -31.23
N ILE L 24 -9.27 10.09 -31.05
CA ILE L 24 -9.81 11.04 -32.06
C ILE L 24 -8.73 12.09 -32.31
N LYS L 25 -8.41 12.35 -33.57
CA LYS L 25 -7.46 13.40 -33.99
C LYS L 25 -8.15 14.27 -35.01
N LEU L 26 -8.34 15.54 -34.69
CA LEU L 26 -8.92 16.56 -35.60
C LEU L 26 -7.83 17.59 -35.88
N GLU L 27 -7.84 18.18 -37.06
CA GLU L 27 -6.87 19.24 -37.48
C GLU L 27 -7.68 20.48 -37.90
N ASN L 28 -7.02 21.63 -37.95
CA ASN L 28 -7.58 22.90 -38.47
C ASN L 28 -8.85 23.28 -37.69
N GLN L 29 -8.89 23.04 -36.38
CA GLN L 29 -10.02 23.45 -35.50
C GLN L 29 -9.72 24.84 -34.93
N THR L 30 -10.69 25.75 -34.93
CA THR L 30 -10.58 27.02 -34.17
C THR L 30 -10.61 26.67 -32.68
N LYS L 31 -10.11 27.58 -31.85
CA LYS L 31 -10.20 27.48 -30.38
C LYS L 31 -11.67 27.22 -30.02
N GLU L 32 -12.58 28.02 -30.57
CA GLU L 32 -14.03 27.96 -30.25
C GLU L 32 -14.59 26.59 -30.66
N GLU L 33 -14.19 26.04 -31.81
CA GLU L 33 -14.67 24.70 -32.24
C GLU L 33 -14.24 23.64 -31.21
N CYS L 34 -13.02 23.72 -30.69
CA CYS L 34 -12.50 22.79 -29.64
C CYS L 34 -13.37 22.92 -28.39
N GLU L 35 -13.76 24.15 -28.03
CA GLU L 35 -14.59 24.43 -26.84
C GLU L 35 -15.99 23.84 -27.03
N ILE L 36 -16.57 24.00 -28.21
CA ILE L 36 -17.89 23.41 -28.59
C ILE L 36 -17.80 21.88 -28.52
N ILE L 37 -16.73 21.28 -29.06
CA ILE L 37 -16.55 19.80 -29.05
C ILE L 37 -16.47 19.33 -27.60
N TYR L 38 -15.70 20.00 -26.75
CA TYR L 38 -15.53 19.64 -25.32
C TYR L 38 -16.92 19.60 -24.65
N GLY L 39 -17.77 20.58 -24.97
CA GLY L 39 -19.12 20.71 -24.41
C GLY L 39 -20.09 19.63 -24.90
N MET L 40 -19.75 18.88 -25.95
CA MET L 40 -20.58 17.81 -26.53
C MET L 40 -20.29 16.47 -25.82
N ILE L 41 -19.16 16.35 -25.11
CA ILE L 41 -18.63 15.04 -24.68
C ILE L 41 -19.26 14.66 -23.34
N THR L 42 -19.96 13.51 -23.29
CA THR L 42 -20.54 12.94 -22.04
C THR L 42 -19.70 11.76 -21.55
N ASP L 43 -18.95 11.10 -22.42
CA ASP L 43 -18.01 10.00 -22.05
C ASP L 43 -16.91 10.55 -21.12
N GLU L 44 -16.19 9.66 -20.45
CA GLU L 44 -15.05 10.00 -19.58
C GLU L 44 -13.90 10.50 -20.48
N ILE L 45 -13.32 11.65 -20.17
CA ILE L 45 -12.15 12.20 -20.90
C ILE L 45 -10.87 11.69 -20.21
N LEU L 46 -10.08 10.90 -20.93
CA LEU L 46 -8.76 10.38 -20.48
C LEU L 46 -7.67 11.36 -20.90
N ILE L 47 -7.72 11.86 -22.12
CA ILE L 47 -6.78 12.87 -22.67
C ILE L 47 -7.56 13.93 -23.43
N TRP L 48 -7.20 15.19 -23.25
CA TRP L 48 -7.64 16.34 -24.05
C TRP L 48 -6.41 17.20 -24.36
N ASN L 49 -6.00 17.27 -25.62
CA ASN L 49 -4.72 17.90 -26.04
C ASN L 49 -4.99 18.80 -27.25
N MET L 50 -4.95 20.12 -27.05
CA MET L 50 -4.98 21.18 -28.09
C MET L 50 -3.56 21.62 -28.39
N ILE L 51 -3.16 21.60 -29.66
CA ILE L 51 -1.81 22.07 -30.10
C ILE L 51 -2.00 23.06 -31.24
N LEU L 52 -1.52 24.29 -31.05
CA LEU L 52 -1.55 25.35 -32.10
C LEU L 52 -0.74 24.86 -33.30
N GLU L 53 -1.33 24.95 -34.50
CA GLU L 53 -0.69 24.66 -35.81
C GLU L 53 0.10 25.90 -36.25
N GLY L 54 1.39 25.75 -36.54
CA GLY L 54 2.26 26.87 -36.93
C GLY L 54 2.51 27.80 -35.75
N MET L 55 3.01 27.26 -34.62
CA MET L 55 3.34 28.04 -33.40
C MET L 55 4.34 29.15 -33.71
N PHE L 56 5.31 28.87 -34.57
CA PHE L 56 6.57 29.64 -34.68
C PHE L 56 6.82 30.11 -36.11
C1 GOL M . -19.27 -0.79 16.30
O1 GOL M . -19.16 0.06 17.43
C2 GOL M . -18.93 -0.07 15.01
O2 GOL M . -19.98 -0.05 14.05
C3 GOL M . -18.58 1.36 15.29
O3 GOL M . -17.30 1.42 15.90
H11 GOL M . -20.20 -1.13 16.24
H12 GOL M . -18.66 -1.56 16.40
HO1 GOL M . -19.36 -0.40 18.11
H2 GOL M . -18.14 -0.50 14.61
HO2 GOL M . -20.17 0.77 13.87
H31 GOL M . -19.26 1.75 15.89
H32 GOL M . -18.57 1.87 14.46
HO3 GOL M . -17.35 1.05 16.66
C1 GOL N . -39.22 18.86 10.10
O1 GOL N . -38.56 19.57 11.15
C2 GOL N . -38.26 18.02 9.27
O2 GOL N . -38.88 16.78 8.97
C3 GOL N . -37.81 18.70 7.99
O3 GOL N . -37.54 17.76 6.95
H11 GOL N . -39.69 19.50 9.51
H12 GOL N . -39.90 18.27 10.50
HO1 GOL N . -39.09 20.06 11.56
H2 GOL N . -37.47 17.84 9.82
HO2 GOL N . -38.89 16.68 8.14
H31 GOL N . -36.99 19.22 8.17
H32 GOL N . -38.51 19.32 7.68
HO3 GOL N . -38.21 17.24 6.87
I IOD O . -11.56 14.73 12.05
C1 GOL P . -26.57 -7.79 33.88
O1 GOL P . -26.02 -9.10 33.87
C2 GOL P . -25.98 -6.94 34.99
O2 GOL P . -24.57 -6.87 34.82
C3 GOL P . -26.58 -5.54 35.08
O3 GOL P . -25.97 -4.61 34.19
H11 GOL P . -27.55 -7.84 34.00
H12 GOL P . -26.38 -7.34 33.02
HO1 GOL P . -26.27 -9.54 33.19
H2 GOL P . -26.16 -7.39 35.85
HO2 GOL P . -24.37 -5.97 35.20
H31 GOL P . -26.48 -5.21 36.01
H32 GOL P . -27.54 -5.60 34.88
HO3 GOL P . -25.43 -5.02 33.69
C1 GOL Q . 22.31 -28.26 29.57
O1 GOL Q . 21.55 -29.42 29.30
C2 GOL Q . 21.44 -27.03 29.77
O2 GOL Q . 21.00 -26.98 31.12
C3 GOL Q . 22.16 -25.74 29.42
O3 GOL Q . 22.48 -24.99 30.59
H11 GOL Q . 22.92 -28.08 28.82
H12 GOL Q . 22.86 -28.40 30.38
HO1 GOL Q . 22.10 -30.08 29.22
H2 GOL Q . 20.65 -27.11 29.18
HO2 GOL Q . 21.23 -26.24 31.43
H31 GOL Q . 21.58 -25.19 28.84
H32 GOL Q . 23.00 -25.95 28.93
HO3 GOL Q . 23.05 -25.44 31.04
I IOD R . 16.28 -31.37 45.27
C1 GOL S . -25.31 20.56 -30.89
O1 GOL S . -26.30 21.32 -31.59
C2 GOL S . -24.07 21.40 -30.71
O2 GOL S . -23.58 21.84 -31.98
C3 GOL S . -24.28 22.61 -29.84
O3 GOL S . -23.05 23.10 -29.34
H11 GOL S . -25.10 19.74 -31.39
H12 GOL S . -25.67 20.30 -30.00
HO1 GOL S . -26.98 20.84 -31.69
H2 GOL S . -23.39 20.83 -30.28
HO2 GOL S . -23.52 22.68 -31.96
H31 GOL S . -24.88 22.38 -29.09
H32 GOL S . -24.72 23.32 -30.39
HO3 GOL S . -22.60 23.40 -29.99
C1 GOL T . -44.15 37.53 -41.94
O1 GOL T . -44.06 38.78 -41.25
C2 GOL T . -45.08 36.52 -41.30
O2 GOL T . -44.87 36.29 -39.92
C3 GOL T . -44.97 35.15 -41.91
O3 GOL T . -45.43 34.22 -40.94
H11 GOL T . -43.25 37.14 -41.99
H12 GOL T . -44.44 37.70 -42.86
HO1 GOL T . -43.52 39.27 -41.69
H2 GOL T . -46.01 36.84 -41.43
HO2 GOL T . -44.75 35.46 -39.79
H31 GOL T . -44.04 34.96 -42.14
H32 GOL T . -45.53 35.10 -42.72
HO3 GOL T . -45.49 34.61 -40.19
I IOD U . -20.39 25.62 -46.58
C1 GOL V . 19.33 -2.53 -17.08
O1 GOL V . 18.24 -3.23 -16.48
C2 GOL V . 18.85 -1.27 -17.72
O2 GOL V . 18.95 -0.21 -16.77
C3 GOL V . 19.61 -0.93 -18.98
O3 GOL V . 19.77 0.47 -19.17
H11 GOL V . 19.74 -3.11 -17.76
H12 GOL V . 20.01 -2.33 -16.39
HO1 GOL V . 18.52 -3.93 -16.14
H2 GOL V . 17.90 -1.38 -17.97
HO2 GOL V . 19.46 0.40 -17.11
H31 GOL V . 19.14 -1.31 -19.76
H32 GOL V . 20.51 -1.34 -18.93
HO3 GOL V . 20.21 0.79 -18.42
C1 GOL W . 42.23 -9.82 -4.59
O1 GOL W . 41.42 -10.59 -3.69
C2 GOL W . 41.78 -10.02 -6.02
O2 GOL W . 41.51 -11.37 -6.32
C3 GOL W . 42.78 -9.63 -7.06
O3 GOL W . 42.44 -10.31 -8.25
H11 GOL W . 43.16 -10.11 -4.50
H12 GOL W . 42.16 -8.87 -4.35
HO1 GOL W . 41.71 -10.41 -3.02
H2 GOL W . 40.96 -9.49 -6.18
HO2 GOL W . 42.03 -11.60 -7.10
H31 GOL W . 43.69 -9.89 -6.77
H32 GOL W . 42.75 -8.65 -7.21
HO3 GOL W . 41.70 -10.01 -8.53
I IOD X . 21.45 6.82 -3.02
#